data_4ZN1
# 
_entry.id   4ZN1 
# 
_audit_conform.dict_name       mmcif_pdbx.dic 
_audit_conform.dict_version    5.380 
_audit_conform.dict_location   http://mmcif.pdb.org/dictionaries/ascii/mmcif_pdbx.dic 
# 
loop_
_database_2.database_id 
_database_2.database_code 
_database_2.pdbx_database_accession 
_database_2.pdbx_DOI 
PDB   4ZN1         pdb_00004zn1 10.2210/pdb4zn1/pdb 
WWPDB D_1000209231 ?            ?                   
# 
_pdbx_database_related.content_type   unspecified 
_pdbx_database_related.db_id          4ZN3 
_pdbx_database_related.db_name        PDB 
_pdbx_database_related.details        . 
# 
_pdbx_database_status.status_code                     REL 
_pdbx_database_status.status_code_sf                  REL 
_pdbx_database_status.status_code_mr                  ? 
_pdbx_database_status.entry_id                        4ZN1 
_pdbx_database_status.recvd_initial_deposition_date   2015-05-04 
_pdbx_database_status.SG_entry                        N 
_pdbx_database_status.deposit_site                    RCSB 
_pdbx_database_status.process_site                    PDBJ 
_pdbx_database_status.status_code_cs                  ? 
_pdbx_database_status.methods_development_category    ? 
_pdbx_database_status.pdb_format_compatible           Y 
_pdbx_database_status.status_code_nmr_data            ? 
# 
loop_
_audit_author.name 
_audit_author.pdbx_ordinal 
'Guo, G.R.'  1 
'Zhou, H.H.' 2 
'Gao, Y.X.'  3 
'Zhu, Z.L.'  4 
'Niu, L.W.'  5 
'Teng, M.K.' 6 
# 
_citation.abstract                  ? 
_citation.abstract_id_CAS           ? 
_citation.book_id_ISBN              ? 
_citation.book_publisher            ? 
_citation.book_publisher_city       ? 
_citation.book_title                ? 
_citation.coordinate_linkage        ? 
_citation.country                   US 
_citation.database_id_Medline       ? 
_citation.details                   ? 
_citation.id                        primary 
_citation.journal_abbrev            J.Struct.Biol. 
_citation.journal_id_ASTM           JSBIEM 
_citation.journal_id_CSD            0803 
_citation.journal_id_ISSN           1095-8657 
_citation.journal_full              ? 
_citation.journal_issue             ? 
_citation.journal_volume            192 
_citation.language                  ? 
_citation.page_first                418 
_citation.page_last                 425 
_citation.title                     
'Structural and biochemical insights into the DNA-binding mode of MjSpt4p:Spt5 complex at the exit tunnel of RNAPII' 
_citation.year                      2015 
_citation.database_id_CSD           ? 
_citation.pdbx_database_id_DOI      10.1016/j.jsb.2015.09.023 
_citation.pdbx_database_id_PubMed   26433031 
_citation.unpublished_flag          ? 
# 
loop_
_citation_author.citation_id 
_citation_author.name 
_citation_author.ordinal 
_citation_author.identifier_ORCID 
primary 'Guo, G.R.'  1 ? 
primary 'Gao, Y.X.'  2 ? 
primary 'Zhu, Z.L.'  3 ? 
primary 'Zhao, D.'   4 ? 
primary 'Liu, Z.'    5 ? 
primary 'Zhou, H.H.' 6 ? 
primary 'Niu, L.W.'  7 ? 
primary 'Teng, M.K.' 8 ? 
# 
_cell.angle_alpha                  90.00 
_cell.angle_alpha_esd              ? 
_cell.angle_beta                   90.00 
_cell.angle_beta_esd               ? 
_cell.angle_gamma                  90.00 
_cell.angle_gamma_esd              ? 
_cell.entry_id                     4ZN1 
_cell.details                      ? 
_cell.formula_units_Z              ? 
_cell.length_a                     84.820 
_cell.length_a_esd                 ? 
_cell.length_b                     84.820 
_cell.length_b_esd                 ? 
_cell.length_c                     34.310 
_cell.length_c_esd                 ? 
_cell.volume                       ? 
_cell.volume_esd                   ? 
_cell.Z_PDB                        4 
_cell.reciprocal_angle_alpha       ? 
_cell.reciprocal_angle_beta        ? 
_cell.reciprocal_angle_gamma       ? 
_cell.reciprocal_angle_alpha_esd   ? 
_cell.reciprocal_angle_beta_esd    ? 
_cell.reciprocal_angle_gamma_esd   ? 
_cell.reciprocal_length_a          ? 
_cell.reciprocal_length_b          ? 
_cell.reciprocal_length_c          ? 
_cell.reciprocal_length_a_esd      ? 
_cell.reciprocal_length_b_esd      ? 
_cell.reciprocal_length_c_esd      ? 
_cell.pdbx_unique_axis             ? 
# 
_symmetry.entry_id                         4ZN1 
_symmetry.cell_setting                     ? 
_symmetry.Int_Tables_number                75 
_symmetry.space_group_name_Hall            ? 
_symmetry.space_group_name_H-M             'P 4' 
_symmetry.pdbx_full_space_group_name_H-M   ? 
# 
loop_
_entity.id 
_entity.type 
_entity.src_method 
_entity.pdbx_description 
_entity.formula_weight 
_entity.pdbx_number_of_molecules 
_entity.pdbx_ec 
_entity.pdbx_mutation 
_entity.pdbx_fragment 
_entity.details 
1 polymer     man 'Transcription elongation factor Spt5' 16158.936 1  ? ? ? ? 
2 polymer     man 'Transcription elongation factor Spt4' 8075.311  1  ? ? ? ? 
3 non-polymer syn 'ZINC ION'                             65.409    1  ? ? ? ? 
4 water       nat water                                  18.015    16 ? ? ? ? 
# 
loop_
_entity_poly.entity_id 
_entity_poly.type 
_entity_poly.nstd_linkage 
_entity_poly.nstd_monomer 
_entity_poly.pdbx_seq_one_letter_code 
_entity_poly.pdbx_seq_one_letter_code_can 
_entity_poly.pdbx_strand_id 
_entity_poly.pdbx_target_identifier 
1 'polypeptide(L)' no no 
;MIFAVRTMVGQEKNIAGLMASRAEKEQLDVYSILASESLKGYVLVEAETKGDVEELIKGMPRVRGIVPGTIAIEEIEPLL
TPKKIIENIEKGDVVEIIAGPFKGERAKVIRVDKHKEEVTLELENAAVPIPITLPVEGVKIVSKHKD
;
;MIFAVRTMVGQEKNIAGLMASRAEKEQLDVYSILASESLKGYVLVEAETKGDVEELIKGMPRVRGIVPGTIAIEEIEPLL
TPKKIIENIEKGDVVEIIAGPFKGERAKVIRVDKHKEEVTLELENAAVPIPITLPVEGVKIVSKHKD
;
A ? 
2 'polypeptide(L)' no no MGSSHHHHHHSQDPRACLKCKYLTNDEICPICHSPTSENWIGLLIVINPEKSEIAKKAGIDIKGKYALSVKE 
MGSSHHHHHHSQDPRACLKCKYLTNDEICPICHSPTSENWIGLLIVINPEKSEIAKKAGIDIKGKYALSVKE B ? 
# 
loop_
_entity_poly_seq.entity_id 
_entity_poly_seq.num 
_entity_poly_seq.mon_id 
_entity_poly_seq.hetero 
1 1   MET n 
1 2   ILE n 
1 3   PHE n 
1 4   ALA n 
1 5   VAL n 
1 6   ARG n 
1 7   THR n 
1 8   MET n 
1 9   VAL n 
1 10  GLY n 
1 11  GLN n 
1 12  GLU n 
1 13  LYS n 
1 14  ASN n 
1 15  ILE n 
1 16  ALA n 
1 17  GLY n 
1 18  LEU n 
1 19  MET n 
1 20  ALA n 
1 21  SER n 
1 22  ARG n 
1 23  ALA n 
1 24  GLU n 
1 25  LYS n 
1 26  GLU n 
1 27  GLN n 
1 28  LEU n 
1 29  ASP n 
1 30  VAL n 
1 31  TYR n 
1 32  SER n 
1 33  ILE n 
1 34  LEU n 
1 35  ALA n 
1 36  SER n 
1 37  GLU n 
1 38  SER n 
1 39  LEU n 
1 40  LYS n 
1 41  GLY n 
1 42  TYR n 
1 43  VAL n 
1 44  LEU n 
1 45  VAL n 
1 46  GLU n 
1 47  ALA n 
1 48  GLU n 
1 49  THR n 
1 50  LYS n 
1 51  GLY n 
1 52  ASP n 
1 53  VAL n 
1 54  GLU n 
1 55  GLU n 
1 56  LEU n 
1 57  ILE n 
1 58  LYS n 
1 59  GLY n 
1 60  MET n 
1 61  PRO n 
1 62  ARG n 
1 63  VAL n 
1 64  ARG n 
1 65  GLY n 
1 66  ILE n 
1 67  VAL n 
1 68  PRO n 
1 69  GLY n 
1 70  THR n 
1 71  ILE n 
1 72  ALA n 
1 73  ILE n 
1 74  GLU n 
1 75  GLU n 
1 76  ILE n 
1 77  GLU n 
1 78  PRO n 
1 79  LEU n 
1 80  LEU n 
1 81  THR n 
1 82  PRO n 
1 83  LYS n 
1 84  LYS n 
1 85  ILE n 
1 86  ILE n 
1 87  GLU n 
1 88  ASN n 
1 89  ILE n 
1 90  GLU n 
1 91  LYS n 
1 92  GLY n 
1 93  ASP n 
1 94  VAL n 
1 95  VAL n 
1 96  GLU n 
1 97  ILE n 
1 98  ILE n 
1 99  ALA n 
1 100 GLY n 
1 101 PRO n 
1 102 PHE n 
1 103 LYS n 
1 104 GLY n 
1 105 GLU n 
1 106 ARG n 
1 107 ALA n 
1 108 LYS n 
1 109 VAL n 
1 110 ILE n 
1 111 ARG n 
1 112 VAL n 
1 113 ASP n 
1 114 LYS n 
1 115 HIS n 
1 116 LYS n 
1 117 GLU n 
1 118 GLU n 
1 119 VAL n 
1 120 THR n 
1 121 LEU n 
1 122 GLU n 
1 123 LEU n 
1 124 GLU n 
1 125 ASN n 
1 126 ALA n 
1 127 ALA n 
1 128 VAL n 
1 129 PRO n 
1 130 ILE n 
1 131 PRO n 
1 132 ILE n 
1 133 THR n 
1 134 LEU n 
1 135 PRO n 
1 136 VAL n 
1 137 GLU n 
1 138 GLY n 
1 139 VAL n 
1 140 LYS n 
1 141 ILE n 
1 142 VAL n 
1 143 SER n 
1 144 LYS n 
1 145 HIS n 
1 146 LYS n 
1 147 ASP n 
2 1   MET n 
2 2   GLY n 
2 3   SER n 
2 4   SER n 
2 5   HIS n 
2 6   HIS n 
2 7   HIS n 
2 8   HIS n 
2 9   HIS n 
2 10  HIS n 
2 11  SER n 
2 12  GLN n 
2 13  ASP n 
2 14  PRO n 
2 15  ARG n 
2 16  ALA n 
2 17  CYS n 
2 18  LEU n 
2 19  LYS n 
2 20  CYS n 
2 21  LYS n 
2 22  TYR n 
2 23  LEU n 
2 24  THR n 
2 25  ASN n 
2 26  ASP n 
2 27  GLU n 
2 28  ILE n 
2 29  CYS n 
2 30  PRO n 
2 31  ILE n 
2 32  CYS n 
2 33  HIS n 
2 34  SER n 
2 35  PRO n 
2 36  THR n 
2 37  SER n 
2 38  GLU n 
2 39  ASN n 
2 40  TRP n 
2 41  ILE n 
2 42  GLY n 
2 43  LEU n 
2 44  LEU n 
2 45  ILE n 
2 46  VAL n 
2 47  ILE n 
2 48  ASN n 
2 49  PRO n 
2 50  GLU n 
2 51  LYS n 
2 52  SER n 
2 53  GLU n 
2 54  ILE n 
2 55  ALA n 
2 56  LYS n 
2 57  LYS n 
2 58  ALA n 
2 59  GLY n 
2 60  ILE n 
2 61  ASP n 
2 62  ILE n 
2 63  LYS n 
2 64  GLY n 
2 65  LYS n 
2 66  TYR n 
2 67  ALA n 
2 68  LEU n 
2 69  SER n 
2 70  VAL n 
2 71  LYS n 
2 72  GLU n 
# 
loop_
_entity_src_gen.entity_id 
_entity_src_gen.pdbx_src_id 
_entity_src_gen.pdbx_alt_source_flag 
_entity_src_gen.pdbx_seq_type 
_entity_src_gen.pdbx_beg_seq_num 
_entity_src_gen.pdbx_end_seq_num 
_entity_src_gen.gene_src_common_name 
_entity_src_gen.gene_src_genus 
_entity_src_gen.pdbx_gene_src_gene 
_entity_src_gen.gene_src_species 
_entity_src_gen.gene_src_strain 
_entity_src_gen.gene_src_tissue 
_entity_src_gen.gene_src_tissue_fraction 
_entity_src_gen.gene_src_details 
_entity_src_gen.pdbx_gene_src_fragment 
_entity_src_gen.pdbx_gene_src_scientific_name 
_entity_src_gen.pdbx_gene_src_ncbi_taxonomy_id 
_entity_src_gen.pdbx_gene_src_variant 
_entity_src_gen.pdbx_gene_src_cell_line 
_entity_src_gen.pdbx_gene_src_atcc 
_entity_src_gen.pdbx_gene_src_organ 
_entity_src_gen.pdbx_gene_src_organelle 
_entity_src_gen.pdbx_gene_src_cell 
_entity_src_gen.pdbx_gene_src_cellular_location 
_entity_src_gen.host_org_common_name 
_entity_src_gen.pdbx_host_org_scientific_name 
_entity_src_gen.pdbx_host_org_ncbi_taxonomy_id 
_entity_src_gen.host_org_genus 
_entity_src_gen.pdbx_host_org_gene 
_entity_src_gen.pdbx_host_org_organ 
_entity_src_gen.host_org_species 
_entity_src_gen.pdbx_host_org_tissue 
_entity_src_gen.pdbx_host_org_tissue_fraction 
_entity_src_gen.pdbx_host_org_strain 
_entity_src_gen.pdbx_host_org_variant 
_entity_src_gen.pdbx_host_org_cell_line 
_entity_src_gen.pdbx_host_org_atcc 
_entity_src_gen.pdbx_host_org_culture_collection 
_entity_src_gen.pdbx_host_org_cell 
_entity_src_gen.pdbx_host_org_organelle 
_entity_src_gen.pdbx_host_org_cellular_location 
_entity_src_gen.pdbx_host_org_vector_type 
_entity_src_gen.pdbx_host_org_vector 
_entity_src_gen.host_org_details 
_entity_src_gen.expression_system_id 
_entity_src_gen.plasmid_name 
_entity_src_gen.plasmid_details 
_entity_src_gen.pdbx_description 
1 1 sample 'Biological sequence' 1 147 ? ? spt5 ? 'DSM 2661' ? ? ? ? 'Methanocaldococcus jannaschii DSM 2661' 243232 ? ? ? ? ? ? ? 
? 'Escherichia coli BL21(DE3)' 469008 ? ? ? ? ? ? 'BL21(DE3)' ? ? ? ? ? ? ? plasmid ? ? ? pRSFDuet ? ? 
2 1 sample 'Biological sequence' 1 72  ? ? spt4 ? 'DSM 2661' ? ? ? ? 'Methanocaldococcus jannaschii DSM 2661' 243232 ? ? ? ? ? ? ? 
? 'Escherichia coli BL21(DE3)' 469008 ? ? ? ? ? ? 'BL21(DE3)' ? ? ? ? ? ? ? plasmid ? ? ? pRSFDuet ? ? 
# 
loop_
_struct_ref.id 
_struct_ref.db_name 
_struct_ref.db_code 
_struct_ref.pdbx_db_accession 
_struct_ref.pdbx_db_isoform 
_struct_ref.entity_id 
_struct_ref.pdbx_seq_one_letter_code 
_struct_ref.pdbx_align_begin 
1 UNP SPT5_METJA Q57818 ? 1 
;MIFAVRTMVGQEKNIAGLMASRAEKEQLDVYSILASESLKGYVLVEAETKGDVEELIKGMPRVRGIVPGTIAIEEIEPLL
TPKKIIENIEKGDVVEIIAGPFKGERAKVIRVDKHKEEVTLELENAAVPIPITLPVEGVKIVSKHKD
;
1 
2 UNP SPT4_METJA Q57839 ? 2 RACLKCKYLTNDEICPICHSPTSENWIGLLIVINPEKSEIAKKAGIDIKGKYALSVKE 2 
# 
loop_
_struct_ref_seq.align_id 
_struct_ref_seq.ref_id 
_struct_ref_seq.pdbx_PDB_id_code 
_struct_ref_seq.pdbx_strand_id 
_struct_ref_seq.seq_align_beg 
_struct_ref_seq.pdbx_seq_align_beg_ins_code 
_struct_ref_seq.seq_align_end 
_struct_ref_seq.pdbx_seq_align_end_ins_code 
_struct_ref_seq.pdbx_db_accession 
_struct_ref_seq.db_align_beg 
_struct_ref_seq.pdbx_db_align_beg_ins_code 
_struct_ref_seq.db_align_end 
_struct_ref_seq.pdbx_db_align_end_ins_code 
_struct_ref_seq.pdbx_auth_seq_align_beg 
_struct_ref_seq.pdbx_auth_seq_align_end 
1 1 4ZN1 A 1  ? 147 ? Q57818 1 ? 147 ? 1 147 
2 2 4ZN1 B 15 ? 72  ? Q57839 2 ? 59  ? 2 59  
# 
loop_
_struct_ref_seq_dif.align_id 
_struct_ref_seq_dif.pdbx_pdb_id_code 
_struct_ref_seq_dif.mon_id 
_struct_ref_seq_dif.pdbx_pdb_strand_id 
_struct_ref_seq_dif.seq_num 
_struct_ref_seq_dif.pdbx_pdb_ins_code 
_struct_ref_seq_dif.pdbx_seq_db_name 
_struct_ref_seq_dif.pdbx_seq_db_accession_code 
_struct_ref_seq_dif.db_mon_id 
_struct_ref_seq_dif.pdbx_seq_db_seq_num 
_struct_ref_seq_dif.details 
_struct_ref_seq_dif.pdbx_auth_seq_num 
_struct_ref_seq_dif.pdbx_ordinal 
2 4ZN1 MET B 1  ? UNP Q57839 ? ? 'expression tag' -12 1  
2 4ZN1 GLY B 2  ? UNP Q57839 ? ? 'expression tag' -11 2  
2 4ZN1 SER B 3  ? UNP Q57839 ? ? 'expression tag' -10 3  
2 4ZN1 SER B 4  ? UNP Q57839 ? ? 'expression tag' -9  4  
2 4ZN1 HIS B 5  ? UNP Q57839 ? ? 'expression tag' -8  5  
2 4ZN1 HIS B 6  ? UNP Q57839 ? ? 'expression tag' -7  6  
2 4ZN1 HIS B 7  ? UNP Q57839 ? ? 'expression tag' -6  7  
2 4ZN1 HIS B 8  ? UNP Q57839 ? ? 'expression tag' -5  8  
2 4ZN1 HIS B 9  ? UNP Q57839 ? ? 'expression tag' -4  9  
2 4ZN1 HIS B 10 ? UNP Q57839 ? ? 'expression tag' -3  10 
2 4ZN1 SER B 11 ? UNP Q57839 ? ? 'expression tag' -2  11 
2 4ZN1 GLN B 12 ? UNP Q57839 ? ? 'expression tag' -1  12 
2 4ZN1 ASP B 13 ? UNP Q57839 ? ? 'expression tag' 0   13 
2 4ZN1 PRO B 14 ? UNP Q57839 ? ? 'expression tag' 1   14 
# 
loop_
_chem_comp.id 
_chem_comp.type 
_chem_comp.mon_nstd_flag 
_chem_comp.name 
_chem_comp.pdbx_synonyms 
_chem_comp.formula 
_chem_comp.formula_weight 
ALA 'L-peptide linking' y ALANINE         ? 'C3 H7 N O2'     89.093  
ARG 'L-peptide linking' y ARGININE        ? 'C6 H15 N4 O2 1' 175.209 
ASN 'L-peptide linking' y ASPARAGINE      ? 'C4 H8 N2 O3'    132.118 
ASP 'L-peptide linking' y 'ASPARTIC ACID' ? 'C4 H7 N O4'     133.103 
CYS 'L-peptide linking' y CYSTEINE        ? 'C3 H7 N O2 S'   121.158 
GLN 'L-peptide linking' y GLUTAMINE       ? 'C5 H10 N2 O3'   146.144 
GLU 'L-peptide linking' y 'GLUTAMIC ACID' ? 'C5 H9 N O4'     147.129 
GLY 'peptide linking'   y GLYCINE         ? 'C2 H5 N O2'     75.067  
HIS 'L-peptide linking' y HISTIDINE       ? 'C6 H10 N3 O2 1' 156.162 
HOH non-polymer         . WATER           ? 'H2 O'           18.015  
ILE 'L-peptide linking' y ISOLEUCINE      ? 'C6 H13 N O2'    131.173 
LEU 'L-peptide linking' y LEUCINE         ? 'C6 H13 N O2'    131.173 
LYS 'L-peptide linking' y LYSINE          ? 'C6 H15 N2 O2 1' 147.195 
MET 'L-peptide linking' y METHIONINE      ? 'C5 H11 N O2 S'  149.211 
PHE 'L-peptide linking' y PHENYLALANINE   ? 'C9 H11 N O2'    165.189 
PRO 'L-peptide linking' y PROLINE         ? 'C5 H9 N O2'     115.130 
SER 'L-peptide linking' y SERINE          ? 'C3 H7 N O3'     105.093 
THR 'L-peptide linking' y THREONINE       ? 'C4 H9 N O3'     119.119 
TRP 'L-peptide linking' y TRYPTOPHAN      ? 'C11 H12 N2 O2'  204.225 
TYR 'L-peptide linking' y TYROSINE        ? 'C9 H11 N O3'    181.189 
VAL 'L-peptide linking' y VALINE          ? 'C5 H11 N O2'    117.146 
ZN  non-polymer         . 'ZINC ION'      ? 'Zn 2'           65.409  
# 
_exptl.absorpt_coefficient_mu     ? 
_exptl.absorpt_correction_T_max   ? 
_exptl.absorpt_correction_T_min   ? 
_exptl.absorpt_correction_type    ? 
_exptl.absorpt_process_details    ? 
_exptl.entry_id                   4ZN1 
_exptl.crystals_number            ? 
_exptl.details                    ? 
_exptl.method                     'X-RAY DIFFRACTION' 
_exptl.method_details             ? 
# 
_exptl_crystal.colour                      ? 
_exptl_crystal.density_diffrn              ? 
_exptl_crystal.density_Matthews            2.55 
_exptl_crystal.density_method              ? 
_exptl_crystal.density_percent_sol         51.70 
_exptl_crystal.description                 ? 
_exptl_crystal.F_000                       ? 
_exptl_crystal.id                          1 
_exptl_crystal.preparation                 ? 
_exptl_crystal.size_max                    ? 
_exptl_crystal.size_mid                    ? 
_exptl_crystal.size_min                    ? 
_exptl_crystal.size_rad                    ? 
_exptl_crystal.colour_lustre               ? 
_exptl_crystal.colour_modifier             ? 
_exptl_crystal.colour_primary              ? 
_exptl_crystal.density_meas                ? 
_exptl_crystal.density_meas_esd            ? 
_exptl_crystal.density_meas_gt             ? 
_exptl_crystal.density_meas_lt             ? 
_exptl_crystal.density_meas_temp           ? 
_exptl_crystal.density_meas_temp_esd       ? 
_exptl_crystal.density_meas_temp_gt        ? 
_exptl_crystal.density_meas_temp_lt        ? 
_exptl_crystal.pdbx_crystal_image_url      ? 
_exptl_crystal.pdbx_crystal_image_format   ? 
_exptl_crystal.pdbx_mosaicity              ? 
_exptl_crystal.pdbx_mosaicity_esd          ? 
# 
_exptl_crystal_grow.apparatus       ? 
_exptl_crystal_grow.atmosphere      ? 
_exptl_crystal_grow.crystal_id      1 
_exptl_crystal_grow.details         ? 
_exptl_crystal_grow.method          'VAPOR DIFFUSION, HANGING DROP' 
_exptl_crystal_grow.method_ref      ? 
_exptl_crystal_grow.pH              6.5 
_exptl_crystal_grow.pressure        ? 
_exptl_crystal_grow.pressure_esd    ? 
_exptl_crystal_grow.seeding         ? 
_exptl_crystal_grow.seeding_ref     ? 
_exptl_crystal_grow.temp            295 
_exptl_crystal_grow.temp_details    ? 
_exptl_crystal_grow.temp_esd        ? 
_exptl_crystal_grow.time            ? 
_exptl_crystal_grow.pdbx_details    'PEG 5000MME, propanol, MES, sarcosine' 
_exptl_crystal_grow.pdbx_pH_range   ? 
# 
_diffrn.ambient_environment    ? 
_diffrn.ambient_temp           100 
_diffrn.ambient_temp_details   ? 
_diffrn.ambient_temp_esd       ? 
_diffrn.crystal_id             1 
_diffrn.crystal_support        ? 
_diffrn.crystal_treatment      ? 
_diffrn.details                ? 
_diffrn.id                     1 
_diffrn.ambient_pressure       ? 
_diffrn.ambient_pressure_esd   ? 
_diffrn.ambient_pressure_gt    ? 
_diffrn.ambient_pressure_lt    ? 
_diffrn.ambient_temp_gt        ? 
_diffrn.ambient_temp_lt        ? 
# 
_diffrn_detector.details                      ? 
_diffrn_detector.detector                     CCD 
_diffrn_detector.diffrn_id                    1 
_diffrn_detector.type                         'MAR CCD 165 mm' 
_diffrn_detector.area_resol_mean              ? 
_diffrn_detector.dtime                        ? 
_diffrn_detector.pdbx_frames_total            ? 
_diffrn_detector.pdbx_collection_time_total   ? 
_diffrn_detector.pdbx_collection_date         2008-05-20 
# 
_diffrn_radiation.collimation                      ? 
_diffrn_radiation.diffrn_id                        1 
_diffrn_radiation.filter_edge                      ? 
_diffrn_radiation.inhomogeneity                    ? 
_diffrn_radiation.monochromator                    ? 
_diffrn_radiation.polarisn_norm                    ? 
_diffrn_radiation.polarisn_ratio                   ? 
_diffrn_radiation.probe                            ? 
_diffrn_radiation.type                             ? 
_diffrn_radiation.xray_symbol                      ? 
_diffrn_radiation.wavelength_id                    1 
_diffrn_radiation.pdbx_monochromatic_or_laue_m_l   M 
_diffrn_radiation.pdbx_wavelength_list             ? 
_diffrn_radiation.pdbx_wavelength                  ? 
_diffrn_radiation.pdbx_diffrn_protocol             'SINGLE WAVELENGTH' 
_diffrn_radiation.pdbx_analyzer                    ? 
_diffrn_radiation.pdbx_scattering_type             x-ray 
# 
_diffrn_radiation_wavelength.id           1 
_diffrn_radiation_wavelength.wavelength   1.000 
_diffrn_radiation_wavelength.wt           1.0 
# 
_diffrn_source.current                     ? 
_diffrn_source.details                     ? 
_diffrn_source.diffrn_id                   1 
_diffrn_source.power                       ? 
_diffrn_source.size                        ? 
_diffrn_source.source                      SYNCHROTRON 
_diffrn_source.target                      ? 
_diffrn_source.type                        'BSRF BEAMLINE 3W1A' 
_diffrn_source.voltage                     ? 
_diffrn_source.take-off_angle              ? 
_diffrn_source.pdbx_wavelength_list        1.000 
_diffrn_source.pdbx_wavelength             ? 
_diffrn_source.pdbx_synchrotron_beamline   3W1A 
_diffrn_source.pdbx_synchrotron_site       BSRF 
# 
_reflns.B_iso_Wilson_estimate            ? 
_reflns.entry_id                         4ZN1 
_reflns.data_reduction_details           ? 
_reflns.data_reduction_method            ? 
_reflns.d_resolution_high                2.80 
_reflns.d_resolution_low                 37.93 
_reflns.details                          ? 
_reflns.limit_h_max                      ? 
_reflns.limit_h_min                      ? 
_reflns.limit_k_max                      ? 
_reflns.limit_k_min                      ? 
_reflns.limit_l_max                      ? 
_reflns.limit_l_min                      ? 
_reflns.number_all                       ? 
_reflns.number_obs                       6086 
_reflns.observed_criterion               ? 
_reflns.observed_criterion_F_max         ? 
_reflns.observed_criterion_F_min         ? 
_reflns.observed_criterion_I_max         ? 
_reflns.observed_criterion_I_min         ? 
_reflns.observed_criterion_sigma_F       ? 
_reflns.observed_criterion_sigma_I       ? 
_reflns.percent_possible_obs             99.6 
_reflns.R_free_details                   ? 
_reflns.Rmerge_F_all                     ? 
_reflns.Rmerge_F_obs                     ? 
_reflns.Friedel_coverage                 ? 
_reflns.number_gt                        ? 
_reflns.threshold_expression             ? 
_reflns.pdbx_redundancy                  4.0 
_reflns.pdbx_Rmerge_I_obs                ? 
_reflns.pdbx_Rmerge_I_all                ? 
_reflns.pdbx_Rsym_value                  ? 
_reflns.pdbx_netI_over_av_sigmaI         ? 
_reflns.pdbx_netI_over_sigmaI            20.6 
_reflns.pdbx_res_netI_over_av_sigmaI_2   ? 
_reflns.pdbx_res_netI_over_sigmaI_2      ? 
_reflns.pdbx_chi_squared                 ? 
_reflns.pdbx_scaling_rejects             ? 
_reflns.pdbx_d_res_high_opt              ? 
_reflns.pdbx_d_res_low_opt               ? 
_reflns.pdbx_d_res_opt_method            ? 
_reflns.phase_calculation_details        ? 
_reflns.pdbx_Rrim_I_all                  ? 
_reflns.pdbx_Rpim_I_all                  ? 
_reflns.pdbx_d_opt                       ? 
_reflns.pdbx_number_measured_all         ? 
_reflns.pdbx_diffrn_id                   1 
_reflns.pdbx_ordinal                     1 
_reflns.pdbx_CC_half                     ? 
_reflns.pdbx_R_split                     ? 
# 
_reflns_shell.d_res_high                  2.80 
_reflns_shell.d_res_low                   2.95 
_reflns_shell.meanI_over_sigI_all         ? 
_reflns_shell.meanI_over_sigI_obs         3.7 
_reflns_shell.number_measured_all         ? 
_reflns_shell.number_measured_obs         ? 
_reflns_shell.number_possible             ? 
_reflns_shell.number_unique_all           ? 
_reflns_shell.number_unique_obs           ? 
_reflns_shell.percent_possible_all        99.9 
_reflns_shell.percent_possible_obs        ? 
_reflns_shell.Rmerge_F_all                ? 
_reflns_shell.Rmerge_F_obs                ? 
_reflns_shell.Rmerge_I_all                ? 
_reflns_shell.Rmerge_I_obs                0.299 
_reflns_shell.meanI_over_sigI_gt          ? 
_reflns_shell.meanI_over_uI_all           ? 
_reflns_shell.meanI_over_uI_gt            ? 
_reflns_shell.number_measured_gt          ? 
_reflns_shell.number_unique_gt            ? 
_reflns_shell.percent_possible_gt         ? 
_reflns_shell.Rmerge_F_gt                 ? 
_reflns_shell.Rmerge_I_gt                 ? 
_reflns_shell.pdbx_redundancy             4.0 
_reflns_shell.pdbx_Rsym_value             ? 
_reflns_shell.pdbx_chi_squared            ? 
_reflns_shell.pdbx_netI_over_sigmaI_all   ? 
_reflns_shell.pdbx_netI_over_sigmaI_obs   ? 
_reflns_shell.pdbx_Rrim_I_all             ? 
_reflns_shell.pdbx_Rpim_I_all             ? 
_reflns_shell.pdbx_rejects                ? 
_reflns_shell.pdbx_ordinal                1 
_reflns_shell.pdbx_diffrn_id              1 
_reflns_shell.pdbx_CC_half                ? 
_reflns_shell.pdbx_R_split                ? 
# 
_refine.aniso_B[1][1]                            -1.24 
_refine.aniso_B[1][2]                            0.00 
_refine.aniso_B[1][3]                            0.00 
_refine.aniso_B[2][2]                            -1.24 
_refine.aniso_B[2][3]                            0.00 
_refine.aniso_B[3][3]                            2.47 
_refine.B_iso_max                                ? 
_refine.B_iso_mean                               69.501 
_refine.B_iso_min                                ? 
_refine.correlation_coeff_Fo_to_Fc               0.925 
_refine.correlation_coeff_Fo_to_Fc_free          0.904 
_refine.details                                  'HYDROGENS HAVE BEEN ADDED IN THE RIDING POSITIONS' 
_refine.diff_density_max                         ? 
_refine.diff_density_max_esd                     ? 
_refine.diff_density_min                         ? 
_refine.diff_density_min_esd                     ? 
_refine.diff_density_rms                         ? 
_refine.diff_density_rms_esd                     ? 
_refine.entry_id                                 4ZN1 
_refine.pdbx_refine_id                           'X-RAY DIFFRACTION' 
_refine.ls_abs_structure_details                 ? 
_refine.ls_abs_structure_Flack                   ? 
_refine.ls_abs_structure_Flack_esd               ? 
_refine.ls_abs_structure_Rogers                  ? 
_refine.ls_abs_structure_Rogers_esd              ? 
_refine.ls_d_res_high                            2.80 
_refine.ls_d_res_low                             37.93 
_refine.ls_extinction_coef                       ? 
_refine.ls_extinction_coef_esd                   ? 
_refine.ls_extinction_expression                 ? 
_refine.ls_extinction_method                     ? 
_refine.ls_goodness_of_fit_all                   ? 
_refine.ls_goodness_of_fit_all_esd               ? 
_refine.ls_goodness_of_fit_obs                   ? 
_refine.ls_goodness_of_fit_obs_esd               ? 
_refine.ls_hydrogen_treatment                    ? 
_refine.ls_matrix_type                           ? 
_refine.ls_number_constraints                    ? 
_refine.ls_number_parameters                     ? 
_refine.ls_number_reflns_all                     ? 
_refine.ls_number_reflns_obs                     5929 
_refine.ls_number_reflns_R_free                  290 
_refine.ls_number_reflns_R_work                  ? 
_refine.ls_number_restraints                     ? 
_refine.ls_percent_reflns_obs                    99.39 
_refine.ls_percent_reflns_R_free                 4.7 
_refine.ls_R_factor_all                          ? 
_refine.ls_R_factor_obs                          0.24392 
_refine.ls_R_factor_R_free                       0.28247 
_refine.ls_R_factor_R_free_error                 ? 
_refine.ls_R_factor_R_free_error_details         ? 
_refine.ls_R_factor_R_work                       0.24222 
_refine.ls_R_Fsqd_factor_obs                     ? 
_refine.ls_R_I_factor_obs                        ? 
_refine.ls_redundancy_reflns_all                 ? 
_refine.ls_redundancy_reflns_obs                 ? 
_refine.ls_restrained_S_all                      ? 
_refine.ls_restrained_S_obs                      ? 
_refine.ls_shift_over_esd_max                    ? 
_refine.ls_shift_over_esd_mean                   ? 
_refine.ls_structure_factor_coef                 ? 
_refine.ls_weighting_details                     ? 
_refine.ls_weighting_scheme                      ? 
_refine.ls_wR_factor_all                         ? 
_refine.ls_wR_factor_obs                         ? 
_refine.ls_wR_factor_R_free                      ? 
_refine.ls_wR_factor_R_work                      ? 
_refine.occupancy_max                            ? 
_refine.occupancy_min                            ? 
_refine.solvent_model_details                    MASK 
_refine.solvent_model_param_bsol                 ? 
_refine.solvent_model_param_ksol                 ? 
_refine.ls_R_factor_gt                           ? 
_refine.ls_goodness_of_fit_gt                    ? 
_refine.ls_goodness_of_fit_ref                   ? 
_refine.ls_shift_over_su_max                     ? 
_refine.ls_shift_over_su_max_lt                  ? 
_refine.ls_shift_over_su_mean                    ? 
_refine.ls_shift_over_su_mean_lt                 ? 
_refine.pdbx_ls_sigma_I                          ? 
_refine.pdbx_ls_sigma_F                          ? 
_refine.pdbx_ls_sigma_Fsqd                       ? 
_refine.pdbx_data_cutoff_high_absF               ? 
_refine.pdbx_data_cutoff_high_rms_absF           ? 
_refine.pdbx_data_cutoff_low_absF                ? 
_refine.pdbx_isotropic_thermal_model             ? 
_refine.pdbx_ls_cross_valid_method               THROUGHOUT 
_refine.pdbx_method_to_determine_struct          'MOLECULAR REPLACEMENT' 
_refine.pdbx_starting_model                      '3EWG, 1RYQ, 1NPP' 
_refine.pdbx_stereochemistry_target_values       'MAXIMUM LIKELIHOOD' 
_refine.pdbx_R_Free_selection_details            RANDOM 
_refine.pdbx_stereochem_target_val_spec_case     ? 
_refine.pdbx_overall_ESU_R                       1.525 
_refine.pdbx_overall_ESU_R_Free                  0.393 
_refine.pdbx_solvent_vdw_probe_radii             1.20 
_refine.pdbx_solvent_ion_probe_radii             0.80 
_refine.pdbx_solvent_shrinkage_radii             0.80 
_refine.pdbx_real_space_R                        ? 
_refine.pdbx_density_correlation                 ? 
_refine.pdbx_pd_number_of_powder_patterns        ? 
_refine.pdbx_pd_number_of_points                 ? 
_refine.pdbx_pd_meas_number_of_points            ? 
_refine.pdbx_pd_proc_ls_prof_R_factor            ? 
_refine.pdbx_pd_proc_ls_prof_wR_factor           ? 
_refine.pdbx_pd_Marquardt_correlation_coeff      ? 
_refine.pdbx_pd_Fsqrd_R_factor                   ? 
_refine.pdbx_pd_ls_matrix_band_width             ? 
_refine.pdbx_overall_phase_error                 ? 
_refine.pdbx_overall_SU_R_free_Cruickshank_DPI   ? 
_refine.pdbx_overall_SU_R_free_Blow_DPI          ? 
_refine.pdbx_overall_SU_R_Blow_DPI               ? 
_refine.pdbx_TLS_residual_ADP_flag               ? 
_refine.pdbx_diffrn_id                           1 
_refine.overall_SU_B                             15.284 
_refine.overall_SU_ML                            0.273 
_refine.overall_SU_R_Cruickshank_DPI             ? 
_refine.overall_SU_R_free                        ? 
_refine.overall_FOM_free_R_set                   ? 
_refine.overall_FOM_work_R_set                   ? 
_refine.pdbx_average_fsc_overall                 ? 
_refine.pdbx_average_fsc_work                    ? 
_refine.pdbx_average_fsc_free                    ? 
# 
_refine_hist.pdbx_refine_id                   'X-RAY DIFFRACTION' 
_refine_hist.cycle_id                         LAST 
_refine_hist.pdbx_number_atoms_protein        1389 
_refine_hist.pdbx_number_atoms_nucleic_acid   0 
_refine_hist.pdbx_number_atoms_ligand         1 
_refine_hist.number_atoms_solvent             16 
_refine_hist.number_atoms_total               1406 
_refine_hist.d_res_high                       2.80 
_refine_hist.d_res_low                        37.93 
# 
loop_
_refine_ls_restr.pdbx_refine_id 
_refine_ls_restr.criterion 
_refine_ls_restr.dev_ideal 
_refine_ls_restr.dev_ideal_target 
_refine_ls_restr.number 
_refine_ls_restr.rejects 
_refine_ls_restr.type 
_refine_ls_restr.weight 
_refine_ls_restr.pdbx_restraint_function 
'X-RAY DIFFRACTION' ? 0.009  0.019  1405 ? r_bond_refined_d             ? ? 
'X-RAY DIFFRACTION' ? 0.002  0.020  1335 ? r_bond_other_d               ? ? 
'X-RAY DIFFRACTION' ? 1.426  1.992  1911 ? r_angle_refined_deg          ? ? 
'X-RAY DIFFRACTION' ? 0.975  3.000  3069 ? r_angle_other_deg            ? ? 
'X-RAY DIFFRACTION' ? 5.762  5.000  192  ? r_dihedral_angle_1_deg       ? ? 
'X-RAY DIFFRACTION' ? 39.613 26.818 44   ? r_dihedral_angle_2_deg       ? ? 
'X-RAY DIFFRACTION' ? 22.086 15.000 218  ? r_dihedral_angle_3_deg       ? ? 
'X-RAY DIFFRACTION' ? 30.510 15.000 3    ? r_dihedral_angle_4_deg       ? ? 
'X-RAY DIFFRACTION' ? 0.074  0.200  240  ? r_chiral_restr               ? ? 
'X-RAY DIFFRACTION' ? 0.005  0.021  1578 ? r_gen_planes_refined         ? ? 
'X-RAY DIFFRACTION' ? 0.002  0.020  247  ? r_gen_planes_other           ? ? 
'X-RAY DIFFRACTION' ? ?      ?      ?    ? r_nbd_refined                ? ? 
'X-RAY DIFFRACTION' ? ?      ?      ?    ? r_nbd_other                  ? ? 
'X-RAY DIFFRACTION' ? ?      ?      ?    ? r_nbtor_refined              ? ? 
'X-RAY DIFFRACTION' ? ?      ?      ?    ? r_nbtor_other                ? ? 
'X-RAY DIFFRACTION' ? ?      ?      ?    ? r_xyhbond_nbd_refined        ? ? 
'X-RAY DIFFRACTION' ? ?      ?      ?    ? r_xyhbond_nbd_other          ? ? 
'X-RAY DIFFRACTION' ? ?      ?      ?    ? r_metal_ion_refined          ? ? 
'X-RAY DIFFRACTION' ? ?      ?      ?    ? r_metal_ion_other            ? ? 
'X-RAY DIFFRACTION' ? ?      ?      ?    ? r_symmetry_vdw_refined       ? ? 
'X-RAY DIFFRACTION' ? ?      ?      ?    ? r_symmetry_vdw_other         ? ? 
'X-RAY DIFFRACTION' ? ?      ?      ?    ? r_symmetry_hbond_refined     ? ? 
'X-RAY DIFFRACTION' ? ?      ?      ?    ? r_symmetry_hbond_other       ? ? 
'X-RAY DIFFRACTION' ? ?      ?      ?    ? r_symmetry_metal_ion_refined ? ? 
'X-RAY DIFFRACTION' ? ?      ?      ?    ? r_symmetry_metal_ion_other   ? ? 
'X-RAY DIFFRACTION' ? 3.247  7.355  783  ? r_mcbond_it                  ? ? 
'X-RAY DIFFRACTION' ? 3.247  7.357  782  ? r_mcbond_other               ? ? 
'X-RAY DIFFRACTION' ? 5.244  11.018 970  ? r_mcangle_it                 ? ? 
'X-RAY DIFFRACTION' ? 5.242  11.016 971  ? r_mcangle_other              ? ? 
'X-RAY DIFFRACTION' ? 3.263  7.584  622  ? r_scbond_it                  ? ? 
'X-RAY DIFFRACTION' ? 3.255  7.588  620  ? r_scbond_other               ? ? 
'X-RAY DIFFRACTION' ? ?      ?      ?    ? r_scangle_it                 ? ? 
'X-RAY DIFFRACTION' ? 5.363  11.280 941  ? r_scangle_other              ? ? 
'X-RAY DIFFRACTION' ? 8.071  57.002 1419 ? r_long_range_B_refined       ? ? 
'X-RAY DIFFRACTION' ? 8.068  57.006 1420 ? r_long_range_B_other         ? ? 
'X-RAY DIFFRACTION' ? ?      ?      ?    ? r_rigid_bond_restr           ? ? 
'X-RAY DIFFRACTION' ? ?      ?      ?    ? r_sphericity_free            ? ? 
'X-RAY DIFFRACTION' ? ?      ?      ?    ? r_sphericity_bonded          ? ? 
# 
_refine_ls_shell.pdbx_refine_id                   'X-RAY DIFFRACTION' 
_refine_ls_shell.d_res_high                       2.800 
_refine_ls_shell.d_res_low                        2.873 
_refine_ls_shell.number_reflns_all                ? 
_refine_ls_shell.number_reflns_obs                ? 
_refine_ls_shell.number_reflns_R_free             21 
_refine_ls_shell.number_reflns_R_work             449 
_refine_ls_shell.percent_reflns_obs               99.79 
_refine_ls_shell.percent_reflns_R_free            ? 
_refine_ls_shell.R_factor_all                     ? 
_refine_ls_shell.R_factor_obs                     ? 
_refine_ls_shell.R_factor_R_free                  0.452 
_refine_ls_shell.R_factor_R_free_error            ? 
_refine_ls_shell.R_factor_R_work                  0.379 
_refine_ls_shell.redundancy_reflns_all            ? 
_refine_ls_shell.redundancy_reflns_obs            ? 
_refine_ls_shell.wR_factor_all                    ? 
_refine_ls_shell.wR_factor_obs                    ? 
_refine_ls_shell.wR_factor_R_free                 ? 
_refine_ls_shell.wR_factor_R_work                 ? 
_refine_ls_shell.pdbx_total_number_of_bins_used   20 
_refine_ls_shell.pdbx_phase_error                 ? 
_refine_ls_shell.pdbx_fsc_work                    ? 
_refine_ls_shell.pdbx_fsc_free                    ? 
# 
_struct.entry_id                     4ZN1 
_struct.title                        'Crystal Structure of MjSpt4:Spt5 complex conformation A' 
_struct.pdbx_model_details           ? 
_struct.pdbx_formula_weight          ? 
_struct.pdbx_formula_weight_method   ? 
_struct.pdbx_model_type_details      ? 
_struct.pdbx_CASP_flag               ? 
# 
_struct_keywords.entry_id        4ZN1 
_struct_keywords.text            'protein-protein complex, TRANSCRIPTION' 
_struct_keywords.pdbx_keywords   TRANSCRIPTION 
# 
loop_
_struct_asym.id 
_struct_asym.pdbx_blank_PDB_chainid_flag 
_struct_asym.pdbx_modified 
_struct_asym.entity_id 
_struct_asym.details 
A N N 1 ? 
B N N 2 ? 
C N N 3 ? 
D N N 4 ? 
E N N 4 ? 
# 
loop_
_struct_conf.conf_type_id 
_struct_conf.id 
_struct_conf.pdbx_PDB_helix_id 
_struct_conf.beg_label_comp_id 
_struct_conf.beg_label_asym_id 
_struct_conf.beg_label_seq_id 
_struct_conf.pdbx_beg_PDB_ins_code 
_struct_conf.end_label_comp_id 
_struct_conf.end_label_asym_id 
_struct_conf.end_label_seq_id 
_struct_conf.pdbx_end_PDB_ins_code 
_struct_conf.beg_auth_comp_id 
_struct_conf.beg_auth_asym_id 
_struct_conf.beg_auth_seq_id 
_struct_conf.end_auth_comp_id 
_struct_conf.end_auth_asym_id 
_struct_conf.end_auth_seq_id 
_struct_conf.pdbx_PDB_helix_class 
_struct_conf.details 
_struct_conf.pdbx_PDB_helix_length 
HELX_P HELX_P1 AA1 GLN A 11 ? GLU A 26 ? GLN A 11 GLU A 26 1 ? 16 
HELX_P HELX_P2 AA2 THR A 49 ? LYS A 58 ? THR A 49 LYS A 58 1 ? 10 
HELX_P HELX_P3 AA3 SER B 52 ? GLY B 59 ? SER B 39 GLY B 46 1 ? 8  
# 
_struct_conf_type.id          HELX_P 
_struct_conf_type.criteria    ? 
_struct_conf_type.reference   ? 
# 
loop_
_struct_conn.id 
_struct_conn.conn_type_id 
_struct_conn.pdbx_leaving_atom_flag 
_struct_conn.pdbx_PDB_id 
_struct_conn.ptnr1_label_asym_id 
_struct_conn.ptnr1_label_comp_id 
_struct_conn.ptnr1_label_seq_id 
_struct_conn.ptnr1_label_atom_id 
_struct_conn.pdbx_ptnr1_label_alt_id 
_struct_conn.pdbx_ptnr1_PDB_ins_code 
_struct_conn.pdbx_ptnr1_standard_comp_id 
_struct_conn.ptnr1_symmetry 
_struct_conn.ptnr2_label_asym_id 
_struct_conn.ptnr2_label_comp_id 
_struct_conn.ptnr2_label_seq_id 
_struct_conn.ptnr2_label_atom_id 
_struct_conn.pdbx_ptnr2_label_alt_id 
_struct_conn.pdbx_ptnr2_PDB_ins_code 
_struct_conn.ptnr1_auth_asym_id 
_struct_conn.ptnr1_auth_comp_id 
_struct_conn.ptnr1_auth_seq_id 
_struct_conn.ptnr2_auth_asym_id 
_struct_conn.ptnr2_auth_comp_id 
_struct_conn.ptnr2_auth_seq_id 
_struct_conn.ptnr2_symmetry 
_struct_conn.pdbx_ptnr3_label_atom_id 
_struct_conn.pdbx_ptnr3_label_seq_id 
_struct_conn.pdbx_ptnr3_label_comp_id 
_struct_conn.pdbx_ptnr3_label_asym_id 
_struct_conn.pdbx_ptnr3_label_alt_id 
_struct_conn.pdbx_ptnr3_PDB_ins_code 
_struct_conn.details 
_struct_conn.pdbx_dist_value 
_struct_conn.pdbx_value_order 
_struct_conn.pdbx_role 
metalc1 metalc ? ? B CYS 17 SG ? ? ? 1_555 C ZN . ZN ? ? B CYS 4  B ZN 101 1_555 ? ? ? ? ? ? ? 2.236 ? ? 
metalc2 metalc ? ? B CYS 20 SG ? ? ? 1_555 C ZN . ZN ? ? B CYS 7  B ZN 101 1_555 ? ? ? ? ? ? ? 2.065 ? ? 
metalc3 metalc ? ? B CYS 29 SG ? ? ? 1_555 C ZN . ZN ? ? B CYS 16 B ZN 101 1_555 ? ? ? ? ? ? ? 2.523 ? ? 
metalc4 metalc ? ? B CYS 32 SG ? ? ? 1_555 C ZN . ZN ? ? B CYS 19 B ZN 101 1_555 ? ? ? ? ? ? ? 2.979 ? ? 
# 
_struct_conn_type.id          metalc 
_struct_conn_type.criteria    ? 
_struct_conn_type.reference   ? 
# 
loop_
_struct_sheet.id 
_struct_sheet.type 
_struct_sheet.number_strands 
_struct_sheet.details 
AA1 ? 6 ? 
AA2 ? 5 ? 
AA3 ? 3 ? 
# 
loop_
_struct_sheet_order.sheet_id 
_struct_sheet_order.range_id_1 
_struct_sheet_order.range_id_2 
_struct_sheet_order.offset 
_struct_sheet_order.sense 
AA1 1 2 ? anti-parallel 
AA1 2 3 ? anti-parallel 
AA1 3 4 ? anti-parallel 
AA1 4 5 ? anti-parallel 
AA1 5 6 ? anti-parallel 
AA2 1 2 ? anti-parallel 
AA2 2 3 ? anti-parallel 
AA2 3 4 ? anti-parallel 
AA2 4 5 ? anti-parallel 
AA3 1 2 ? anti-parallel 
AA3 2 3 ? anti-parallel 
# 
loop_
_struct_sheet_range.sheet_id 
_struct_sheet_range.id 
_struct_sheet_range.beg_label_comp_id 
_struct_sheet_range.beg_label_asym_id 
_struct_sheet_range.beg_label_seq_id 
_struct_sheet_range.pdbx_beg_PDB_ins_code 
_struct_sheet_range.end_label_comp_id 
_struct_sheet_range.end_label_asym_id 
_struct_sheet_range.end_label_seq_id 
_struct_sheet_range.pdbx_end_PDB_ins_code 
_struct_sheet_range.beg_auth_comp_id 
_struct_sheet_range.beg_auth_asym_id 
_struct_sheet_range.beg_auth_seq_id 
_struct_sheet_range.end_auth_comp_id 
_struct_sheet_range.end_auth_asym_id 
_struct_sheet_range.end_auth_seq_id 
AA1 1 VAL A 63  ? ILE A 66  ? VAL A 63  ILE A 66  
AA1 2 ILE A 2   ? THR A 7   ? ILE A 2   THR A 7   
AA1 3 TYR A 42  ? ALA A 47  ? TYR A 42  ALA A 47  
AA1 4 VAL A 30  ? ALA A 35  ? VAL A 30  ALA A 35  
AA1 5 ASN B 39  ? VAL B 46  ? ASN B 26  VAL B 33  
AA1 6 GLY B 64  ? LYS B 71  ? GLY B 51  LYS B 58  
AA2 1 ILE A 132 ? PRO A 135 ? ILE A 132 PRO A 135 
AA2 2 GLU A 118 ? LEU A 123 ? GLU A 118 LEU A 123 
AA2 3 ARG A 106 ? ASP A 113 ? ARG A 106 ASP A 113 
AA2 4 VAL A 94  ? ILE A 97  ? VAL A 94  ILE A 97  
AA2 5 VAL A 139 ? SER A 143 ? VAL A 139 SER A 143 
AA3 1 LEU B 23  ? THR B 24  ? LEU B 10  THR B 11  
AA3 2 ARG B 15  ? CYS B 17  ? ARG B 2   CYS B 4   
AA3 3 THR B 36  ? SER B 37  ? THR B 23  SER B 24  
# 
loop_
_pdbx_struct_sheet_hbond.sheet_id 
_pdbx_struct_sheet_hbond.range_id_1 
_pdbx_struct_sheet_hbond.range_id_2 
_pdbx_struct_sheet_hbond.range_1_label_atom_id 
_pdbx_struct_sheet_hbond.range_1_label_comp_id 
_pdbx_struct_sheet_hbond.range_1_label_asym_id 
_pdbx_struct_sheet_hbond.range_1_label_seq_id 
_pdbx_struct_sheet_hbond.range_1_PDB_ins_code 
_pdbx_struct_sheet_hbond.range_1_auth_atom_id 
_pdbx_struct_sheet_hbond.range_1_auth_comp_id 
_pdbx_struct_sheet_hbond.range_1_auth_asym_id 
_pdbx_struct_sheet_hbond.range_1_auth_seq_id 
_pdbx_struct_sheet_hbond.range_2_label_atom_id 
_pdbx_struct_sheet_hbond.range_2_label_comp_id 
_pdbx_struct_sheet_hbond.range_2_label_asym_id 
_pdbx_struct_sheet_hbond.range_2_label_seq_id 
_pdbx_struct_sheet_hbond.range_2_PDB_ins_code 
_pdbx_struct_sheet_hbond.range_2_auth_atom_id 
_pdbx_struct_sheet_hbond.range_2_auth_comp_id 
_pdbx_struct_sheet_hbond.range_2_auth_asym_id 
_pdbx_struct_sheet_hbond.range_2_auth_seq_id 
AA1 1 2 O ARG A 64  ? O ARG A 64  N ARG A 6   ? N ARG A 6   
AA1 2 3 N PHE A 3   ? N PHE A 3   O VAL A 45  ? O VAL A 45  
AA1 3 4 O LEU A 44  ? O LEU A 44  N LEU A 34  ? N LEU A 34  
AA1 4 5 N ILE A 33  ? N ILE A 33  O ILE B 45  ? O ILE B 32  
AA1 5 6 N LEU B 44  ? N LEU B 31  O TYR B 66  ? O TYR B 53  
AA2 1 2 O ILE A 132 ? O ILE A 132 N LEU A 121 ? N LEU A 121 
AA2 2 3 O THR A 120 ? O THR A 120 N ARG A 111 ? N ARG A 111 
AA2 3 4 O ALA A 107 ? O ALA A 107 N VAL A 95  ? N VAL A 95  
AA2 4 5 N GLU A 96  ? N GLU A 96  O LYS A 140 ? O LYS A 140 
AA3 1 2 O THR B 24  ? O THR B 11  N ARG B 15  ? N ARG B 2   
AA3 2 3 N ALA B 16  ? N ALA B 3   O SER B 37  ? O SER B 24  
# 
_struct_site.id                   AC1 
_struct_site.pdbx_evidence_code   Software 
_struct_site.pdbx_auth_asym_id    B 
_struct_site.pdbx_auth_comp_id    ZN 
_struct_site.pdbx_auth_seq_id     101 
_struct_site.pdbx_auth_ins_code   ? 
_struct_site.pdbx_num_residues    4 
_struct_site.details              'binding site for residue ZN B 101' 
# 
loop_
_struct_site_gen.id 
_struct_site_gen.site_id 
_struct_site_gen.pdbx_num_res 
_struct_site_gen.label_comp_id 
_struct_site_gen.label_asym_id 
_struct_site_gen.label_seq_id 
_struct_site_gen.pdbx_auth_ins_code 
_struct_site_gen.auth_comp_id 
_struct_site_gen.auth_asym_id 
_struct_site_gen.auth_seq_id 
_struct_site_gen.label_atom_id 
_struct_site_gen.label_alt_id 
_struct_site_gen.symmetry 
_struct_site_gen.details 
1 AC1 4 CYS B 17 ? CYS B 4  . ? 1_555 ? 
2 AC1 4 CYS B 20 ? CYS B 7  . ? 1_555 ? 
3 AC1 4 CYS B 29 ? CYS B 16 . ? 1_555 ? 
4 AC1 4 CYS B 32 ? CYS B 19 . ? 1_555 ? 
# 
_atom_sites.entry_id                    4ZN1 
_atom_sites.fract_transf_matrix[1][1]   -0.00746640 
_atom_sites.fract_transf_matrix[1][2]   0.00055508 
_atom_sites.fract_transf_matrix[1][3]   -0.00910763 
_atom_sites.fract_transf_matrix[2][1]   0.00006172 
_atom_sites.fract_transf_matrix[2][2]   0.01177097 
_atom_sites.fract_transf_matrix[2][3]   0.00066680 
_atom_sites.fract_transf_matrix[3][1]   0.02255619 
_atom_sites.fract_transf_matrix[3][2]   0.00092604 
_atom_sites.fract_transf_matrix[3][3]   -0.01843503 
_atom_sites.fract_transf_vector[1]      -0.380061 
_atom_sites.fract_transf_vector[2]      0.123630 
_atom_sites.fract_transf_vector[3]      -0.329466 
# 
loop_
_atom_type.symbol 
C  
N  
O  
S  
ZN 
# 
loop_
_atom_site.group_PDB 
_atom_site.id 
_atom_site.type_symbol 
_atom_site.label_atom_id 
_atom_site.label_alt_id 
_atom_site.label_comp_id 
_atom_site.label_asym_id 
_atom_site.label_entity_id 
_atom_site.label_seq_id 
_atom_site.pdbx_PDB_ins_code 
_atom_site.Cartn_x 
_atom_site.Cartn_y 
_atom_site.Cartn_z 
_atom_site.occupancy 
_atom_site.B_iso_or_equiv 
_atom_site.pdbx_formal_charge 
_atom_site.auth_seq_id 
_atom_site.auth_comp_id 
_atom_site.auth_asym_id 
_atom_site.auth_atom_id 
_atom_site.pdbx_PDB_model_num 
ATOM   1    N  N   . MET A 1 1   ? -16.740 5.226   -9.035  1.00 77.28  ? 1   MET A N   1 
ATOM   2    C  CA  . MET A 1 1   ? -16.764 4.453   -10.324 1.00 79.86  ? 1   MET A CA  1 
ATOM   3    C  C   . MET A 1 1   ? -15.426 3.752   -10.592 1.00 88.88  ? 1   MET A C   1 
ATOM   4    O  O   . MET A 1 1   ? -14.844 3.883   -11.673 1.00 92.62  ? 1   MET A O   1 
ATOM   5    C  CB  . MET A 1 1   ? -17.115 5.376   -11.492 1.00 77.43  ? 1   MET A CB  1 
ATOM   6    N  N   . ILE A 1 2   ? -14.955 3.002   -9.594  1.00 93.12  ? 2   ILE A N   1 
ATOM   7    C  CA  . ILE A 1 2   ? -13.670 2.296   -9.649  1.00 84.71  ? 2   ILE A CA  1 
ATOM   8    C  C   . ILE A 1 2   ? -13.908 0.871   -10.097 1.00 85.90  ? 2   ILE A C   1 
ATOM   9    O  O   . ILE A 1 2   ? -14.752 0.175   -9.529  1.00 84.06  ? 2   ILE A O   1 
ATOM   10   C  CB  . ILE A 1 2   ? -12.980 2.262   -8.272  1.00 80.77  ? 2   ILE A CB  1 
ATOM   11   C  CG1 . ILE A 1 2   ? -12.665 3.694   -7.822  1.00 79.82  ? 2   ILE A CG1 1 
ATOM   12   C  CG2 . ILE A 1 2   ? -11.707 1.423   -8.320  1.00 81.49  ? 2   ILE A CG2 1 
ATOM   13   C  CD1 . ILE A 1 2   ? -12.660 3.891   -6.325  1.00 81.05  ? 2   ILE A CD1 1 
ATOM   14   N  N   . PHE A 1 3   ? -13.123 0.445   -11.087 1.00 86.18  ? 3   PHE A N   1 
ATOM   15   C  CA  . PHE A 1 3   ? -13.255 -0.865  -11.727 1.00 83.95  ? 3   PHE A CA  1 
ATOM   16   C  C   . PHE A 1 3   ? -12.197 -1.843  -11.202 1.00 78.03  ? 3   PHE A C   1 
ATOM   17   O  O   . PHE A 1 3   ? -11.286 -1.445  -10.473 1.00 77.94  ? 3   PHE A O   1 
ATOM   18   C  CB  . PHE A 1 3   ? -13.157 -0.708  -13.252 1.00 86.22  ? 3   PHE A CB  1 
ATOM   19   C  CG  . PHE A 1 3   ? -14.290 0.092   -13.854 1.00 89.36  ? 3   PHE A CG  1 
ATOM   20   C  CD1 . PHE A 1 3   ? -14.329 1.483   -13.727 1.00 88.86  ? 3   PHE A CD1 1 
ATOM   21   C  CD2 . PHE A 1 3   ? -15.329 -0.542  -14.538 1.00 88.52  ? 3   PHE A CD2 1 
ATOM   22   C  CE1 . PHE A 1 3   ? -15.376 2.217   -14.269 1.00 89.27  ? 3   PHE A CE1 1 
ATOM   23   C  CE2 . PHE A 1 3   ? -16.380 0.191   -15.080 1.00 87.58  ? 3   PHE A CE2 1 
ATOM   24   C  CZ  . PHE A 1 3   ? -16.401 1.572   -14.948 1.00 88.51  ? 3   PHE A CZ  1 
ATOM   25   N  N   . ALA A 1 4   ? -12.350 -3.117  -11.566 1.00 74.31  ? 4   ALA A N   1 
ATOM   26   C  CA  . ALA A 1 4   ? -11.480 -4.207  -11.107 1.00 73.64  ? 4   ALA A CA  1 
ATOM   27   C  C   . ALA A 1 4   ? -11.112 -5.116  -12.273 1.00 67.34  ? 4   ALA A C   1 
ATOM   28   O  O   . ALA A 1 4   ? -11.987 -5.678  -12.911 1.00 69.54  ? 4   ALA A O   1 
ATOM   29   C  CB  . ALA A 1 4   ? -12.179 -5.013  -10.022 1.00 74.65  ? 4   ALA A CB  1 
ATOM   30   N  N   . VAL A 1 5   ? -9.820  -5.270  -12.534 1.00 64.40  ? 5   VAL A N   1 
ATOM   31   C  CA  . VAL A 1 5   ? -9.338  -6.033  -13.680 1.00 65.19  ? 5   VAL A CA  1 
ATOM   32   C  C   . VAL A 1 5   ? -8.627  -7.322  -13.205 1.00 69.49  ? 5   VAL A C   1 
ATOM   33   O  O   . VAL A 1 5   ? -7.680  -7.281  -12.409 1.00 67.93  ? 5   VAL A O   1 
ATOM   34   C  CB  . VAL A 1 5   ? -8.440  -5.156  -14.584 1.00 62.01  ? 5   VAL A CB  1 
ATOM   35   C  CG1 . VAL A 1 5   ? -7.856  -5.957  -15.742 1.00 62.03  ? 5   VAL A CG1 1 
ATOM   36   C  CG2 . VAL A 1 5   ? -9.247  -3.991  -15.127 1.00 60.48  ? 5   VAL A CG2 1 
ATOM   37   N  N   . ARG A 1 6   ? -9.120  -8.458  -13.701 1.00 70.63  ? 6   ARG A N   1 
ATOM   38   C  CA  . ARG A 1 6   ? -8.564  -9.767  -13.408 1.00 71.41  ? 6   ARG A CA  1 
ATOM   39   C  C   . ARG A 1 6   ? -7.299  -9.988  -14.262 1.00 73.71  ? 6   ARG A C   1 
ATOM   40   O  O   . ARG A 1 6   ? -7.375  -10.070 -15.491 1.00 73.80  ? 6   ARG A O   1 
ATOM   41   C  CB  . ARG A 1 6   ? -9.614  -10.852 -13.679 1.00 67.59  ? 6   ARG A CB  1 
ATOM   42   N  N   . THR A 1 7   ? -6.145  -10.063 -13.597 1.00 72.89  ? 7   THR A N   1 
ATOM   43   C  CA  . THR A 1 7   ? -4.847  -10.294 -14.240 1.00 72.96  ? 7   THR A CA  1 
ATOM   44   C  C   . THR A 1 7   ? -4.298  -11.644 -13.793 1.00 74.73  ? 7   THR A C   1 
ATOM   45   O  O   . THR A 1 7   ? -4.879  -12.316 -12.938 1.00 75.64  ? 7   THR A O   1 
ATOM   46   C  CB  . THR A 1 7   ? -3.798  -9.192  -13.866 1.00 73.44  ? 7   THR A CB  1 
ATOM   47   O  OG1 . THR A 1 7   ? -3.202  -9.451  -12.578 1.00 68.91  ? 7   THR A OG1 1 
ATOM   48   C  CG2 . THR A 1 7   ? -4.432  -7.793  -13.860 1.00 72.17  ? 7   THR A CG2 1 
ATOM   49   N  N   . MET A 1 8   ? -3.158  -12.017 -14.365 1.00 73.54  ? 8   MET A N   1 
ATOM   50   C  CA  . MET A 1 8   ? -2.345  -13.101 -13.824 1.00 72.74  ? 8   MET A CA  1 
ATOM   51   C  C   . MET A 1 8   ? -1.829  -12.689 -12.456 1.00 69.57  ? 8   MET A C   1 
ATOM   52   O  O   . MET A 1 8   ? -1.520  -11.518 -12.239 1.00 71.66  ? 8   MET A O   1 
ATOM   53   C  CB  . MET A 1 8   ? -1.166  -13.388 -14.749 1.00 75.29  ? 8   MET A CB  1 
ATOM   54   C  CG  . MET A 1 8   ? -0.240  -14.498 -14.274 1.00 77.28  ? 8   MET A CG  1 
ATOM   55   S  SD  . MET A 1 8   ? 0.656   -15.192 -15.675 1.00 78.17  ? 8   MET A SD  1 
ATOM   56   C  CE  . MET A 1 8   ? 2.246   -15.546 -14.930 1.00 77.27  ? 8   MET A CE  1 
ATOM   57   N  N   . VAL A 1 9   ? -1.737  -13.656 -11.546 1.00 69.24  ? 9   VAL A N   1 
ATOM   58   C  CA  . VAL A 1 9   ? -1.279  -13.393 -10.182 1.00 68.56  ? 9   VAL A CA  1 
ATOM   59   C  C   . VAL A 1 9   ? 0.207   -13.121 -10.252 1.00 64.31  ? 9   VAL A C   1 
ATOM   60   O  O   . VAL A 1 9   ? 0.923   -13.754 -11.023 1.00 64.10  ? 9   VAL A O   1 
ATOM   61   C  CB  . VAL A 1 9   ? -1.572  -14.566 -9.217  1.00 73.59  ? 9   VAL A CB  1 
ATOM   62   C  CG1 . VAL A 1 9   ? -0.998  -14.298 -7.827  1.00 75.72  ? 9   VAL A CG1 1 
ATOM   63   C  CG2 . VAL A 1 9   ? -3.076  -14.811 -9.121  1.00 75.47  ? 9   VAL A CG2 1 
ATOM   64   N  N   . GLY A 1 10  ? 0.655   -12.163 -9.455  1.00 63.79  ? 10  GLY A N   1 
ATOM   65   C  CA  . GLY A 1 10  ? 2.042   -11.732 -9.474  1.00 66.81  ? 10  GLY A CA  1 
ATOM   66   C  C   . GLY A 1 10  ? 2.469   -10.841 -10.634 1.00 67.35  ? 10  GLY A C   1 
ATOM   67   O  O   . GLY A 1 10  ? 3.653   -10.521 -10.737 1.00 73.73  ? 10  GLY A O   1 
ATOM   68   N  N   . GLN A 1 11  ? 1.530   -10.428 -11.491 1.00 63.74  ? 11  GLN A N   1 
ATOM   69   C  CA  . GLN A 1 11  ? 1.812   -9.524  -12.620 1.00 61.86  ? 11  GLN A CA  1 
ATOM   70   C  C   . GLN A 1 11  ? 1.024   -8.211  -12.523 1.00 60.51  ? 11  GLN A C   1 
ATOM   71   O  O   . GLN A 1 11  ? 0.913   -7.469  -13.500 1.00 58.20  ? 11  GLN A O   1 
ATOM   72   C  CB  . GLN A 1 11  ? 1.454   -10.217 -13.930 1.00 63.90  ? 11  GLN A CB  1 
ATOM   73   C  CG  . GLN A 1 11  ? 2.194   -11.524 -14.165 1.00 68.66  ? 11  GLN A CG  1 
ATOM   74   C  CD  . GLN A 1 11  ? 3.663   -11.340 -14.513 1.00 69.77  ? 11  GLN A CD  1 
ATOM   75   O  OE1 . GLN A 1 11  ? 4.050   -10.343 -15.134 1.00 68.62  ? 11  GLN A OE1 1 
ATOM   76   N  NE2 . GLN A 1 11  ? 4.489   -12.314 -14.133 1.00 72.35  ? 11  GLN A NE2 1 
ATOM   77   N  N   . GLU A 1 12  ? 0.524   -7.911  -11.329 1.00 61.64  ? 12  GLU A N   1 
ATOM   78   C  CA  . GLU A 1 12  ? -0.421  -6.827  -11.120 1.00 61.02  ? 12  GLU A CA  1 
ATOM   79   C  C   . GLU A 1 12  ? 0.325   -5.517  -11.296 1.00 60.95  ? 12  GLU A C   1 
ATOM   80   O  O   . GLU A 1 12  ? -0.091  -4.677  -12.084 1.00 60.97  ? 12  GLU A O   1 
ATOM   81   C  CB  . GLU A 1 12  ? -1.056  -6.913  -9.720  1.00 63.05  ? 12  GLU A CB  1 
ATOM   82   C  CG  . GLU A 1 12  ? -1.783  -8.235  -9.432  1.00 62.18  ? 12  GLU A CG  1 
ATOM   83   C  CD  . GLU A 1 12  ? -0.889  -9.317  -8.833  1.00 60.48  ? 12  GLU A CD  1 
ATOM   84   O  OE1 . GLU A 1 12  ? 0.328   -9.092  -8.672  1.00 63.84  ? 12  GLU A OE1 1 
ATOM   85   O  OE2 . GLU A 1 12  ? -1.391  -10.419 -8.532  1.00 56.48  ? 12  GLU A OE2 1 
ATOM   86   N  N   . LYS A 1 13  ? 1.442   -5.373  -10.585 1.00 63.98  ? 13  LYS A N   1 
ATOM   87   C  CA  . LYS A 1 13  ? 2.335   -4.196  -10.718 1.00 67.23  ? 13  LYS A CA  1 
ATOM   88   C  C   . LYS A 1 13  ? 2.900   -3.972  -12.120 1.00 63.94  ? 13  LYS A C   1 
ATOM   89   O  O   . LYS A 1 13  ? 3.017   -2.829  -12.566 1.00 62.08  ? 13  LYS A O   1 
ATOM   90   C  CB  . LYS A 1 13  ? 3.509   -4.276  -9.719  1.00 72.01  ? 13  LYS A CB  1 
ATOM   91   C  CG  . LYS A 1 13  ? 3.246   -3.532  -8.413  1.00 77.82  ? 13  LYS A CG  1 
ATOM   92   C  CD  . LYS A 1 13  ? 3.951   -4.134  -7.200  1.00 83.51  ? 13  LYS A CD  1 
ATOM   93   C  CE  . LYS A 1 13  ? 3.166   -3.886  -5.909  1.00 85.61  ? 13  LYS A CE  1 
ATOM   94   N  NZ  . LYS A 1 13  ? 1.910   -4.695  -5.807  1.00 84.08  ? 13  LYS A NZ  1 
ATOM   95   N  N   . ASN A 1 14  ? 3.284   -5.062  -12.782 1.00 63.53  ? 14  ASN A N   1 
ATOM   96   C  CA  . ASN A 1 14  ? 3.781   -5.014  -14.158 1.00 62.79  ? 14  ASN A CA  1 
ATOM   97   C  C   . ASN A 1 14  ? 2.741   -4.372  -15.055 1.00 60.97  ? 14  ASN A C   1 
ATOM   98   O  O   . ASN A 1 14  ? 3.017   -3.387  -15.746 1.00 62.74  ? 14  ASN A O   1 
ATOM   99   C  CB  . ASN A 1 14  ? 4.116   -6.429  -14.685 1.00 64.73  ? 14  ASN A CB  1 
ATOM   100  C  CG  . ASN A 1 14  ? 5.437   -6.989  -14.140 1.00 65.38  ? 14  ASN A CG  1 
ATOM   101  O  OD1 . ASN A 1 14  ? 6.269   -6.261  -13.594 1.00 65.13  ? 14  ASN A OD1 1 
ATOM   102  N  ND2 . ASN A 1 14  ? 5.640   -8.294  -14.316 1.00 63.31  ? 14  ASN A ND2 1 
ATOM   103  N  N   . ILE A 1 15  ? 1.539   -4.937  -14.997 1.00 60.85  ? 15  ILE A N   1 
ATOM   104  C  CA  . ILE A 1 15  ? 0.418   -4.532  -15.844 1.00 60.34  ? 15  ILE A CA  1 
ATOM   105  C  C   . ILE A 1 15  ? -0.069  -3.127  -15.527 1.00 59.18  ? 15  ILE A C   1 
ATOM   106  O  O   . ILE A 1 15  ? -0.364  -2.373  -16.454 1.00 64.14  ? 15  ILE A O   1 
ATOM   107  C  CB  . ILE A 1 15  ? -0.730  -5.577  -15.763 1.00 64.10  ? 15  ILE A CB  1 
ATOM   108  C  CG1 . ILE A 1 15  ? -0.400  -6.762  -16.684 1.00 66.28  ? 15  ILE A CG1 1 
ATOM   109  C  CG2 . ILE A 1 15  ? -2.089  -4.987  -16.132 1.00 63.74  ? 15  ILE A CG2 1 
ATOM   110  C  CD1 . ILE A 1 15  ? -1.036  -8.067  -16.264 1.00 67.21  ? 15  ILE A CD1 1 
ATOM   111  N  N   . ALA A 1 16  ? -0.160  -2.778  -14.239 1.00 55.68  ? 16  ALA A N   1 
ATOM   112  C  CA  . ALA A 1 16  ? -0.470  -1.398  -13.823 1.00 53.17  ? 16  ALA A CA  1 
ATOM   113  C  C   . ALA A 1 16  ? 0.448   -0.407  -14.533 1.00 54.17  ? 16  ALA A C   1 
ATOM   114  O  O   . ALA A 1 16  ? -0.021  0.553   -15.146 1.00 51.18  ? 16  ALA A O   1 
ATOM   115  C  CB  . ALA A 1 16  ? -0.356  -1.242  -12.312 1.00 52.44  ? 16  ALA A CB  1 
ATOM   116  N  N   . GLY A 1 17  ? 1.753   -0.682  -14.481 1.00 59.37  ? 17  GLY A N   1 
ATOM   117  C  CA  . GLY A 1 17  ? 2.775   0.145   -15.136 1.00 60.80  ? 17  GLY A CA  1 
ATOM   118  C  C   . GLY A 1 17  ? 2.504   0.446   -16.599 1.00 59.53  ? 17  GLY A C   1 
ATOM   119  O  O   . GLY A 1 17  ? 2.615   1.593   -17.030 1.00 56.54  ? 17  GLY A O   1 
ATOM   120  N  N   . LEU A 1 18  ? 2.141   -0.592  -17.348 1.00 61.64  ? 18  LEU A N   1 
ATOM   121  C  CA  . LEU A 1 18  ? 1.786   -0.475  -18.773 1.00 63.90  ? 18  LEU A CA  1 
ATOM   122  C  C   . LEU A 1 18  ? 0.413   0.174   -18.996 1.00 64.33  ? 18  LEU A C   1 
ATOM   123  O  O   . LEU A 1 18  ? 0.159   0.754   -20.058 1.00 62.12  ? 18  LEU A O   1 
ATOM   124  C  CB  . LEU A 1 18  ? 1.766   -1.864  -19.435 1.00 65.25  ? 18  LEU A CB  1 
ATOM   125  C  CG  . LEU A 1 18  ? 3.018   -2.744  -19.418 1.00 62.15  ? 18  LEU A CG  1 
ATOM   126  C  CD1 . LEU A 1 18  ? 2.696   -4.121  -19.991 1.00 61.06  ? 18  LEU A CD1 1 
ATOM   127  C  CD2 . LEU A 1 18  ? 4.131   -2.057  -20.194 1.00 62.55  ? 18  LEU A CD2 1 
ATOM   128  N  N   . MET A 1 19  ? -0.483  0.007   -18.020 1.00 63.99  ? 19  MET A N   1 
ATOM   129  C  CA  . MET A 1 19  ? -1.815  0.630   -18.035 1.00 63.42  ? 19  MET A CA  1 
ATOM   130  C  C   . MET A 1 19  ? -1.675  2.135   -17.931 1.00 63.00  ? 19  MET A C   1 
ATOM   131  O  O   . MET A 1 19  ? -2.305  2.891   -18.671 1.00 62.33  ? 19  MET A O   1 
ATOM   132  C  CB  . MET A 1 19  ? -2.682  0.118   -16.871 1.00 62.88  ? 19  MET A CB  1 
ATOM   133  C  CG  . MET A 1 19  ? -3.729  -0.909  -17.261 1.00 63.78  ? 19  MET A CG  1 
ATOM   134  S  SD  . MET A 1 19  ? -4.389  -1.946  -15.923 1.00 64.44  ? 19  MET A SD  1 
ATOM   135  C  CE  . MET A 1 19  ? -4.634  -0.761  -14.627 1.00 62.74  ? 19  MET A CE  1 
ATOM   136  N  N   . ALA A 1 20  ? -0.841  2.561   -16.994 1.00 64.13  ? 20  ALA A N   1 
ATOM   137  C  CA  . ALA A 1 20  ? -0.489  3.967   -16.868 1.00 66.43  ? 20  ALA A CA  1 
ATOM   138  C  C   . ALA A 1 20  ? 0.055   4.522   -18.191 1.00 67.11  ? 20  ALA A C   1 
ATOM   139  O  O   . ALA A 1 20  ? -0.361  5.587   -18.634 1.00 69.02  ? 20  ALA A O   1 
ATOM   140  C  CB  . ALA A 1 20  ? 0.521   4.160   -15.743 1.00 65.64  ? 20  ALA A CB  1 
ATOM   141  N  N   . SER A 1 21  ? 0.957   3.779   -18.824 1.00 67.07  ? 21  SER A N   1 
ATOM   142  C  CA  . SER A 1 21  ? 1.616   4.230   -20.047 1.00 68.82  ? 21  SER A CA  1 
ATOM   143  C  C   . SER A 1 21  ? 0.659   4.351   -21.222 1.00 70.18  ? 21  SER A C   1 
ATOM   144  O  O   . SER A 1 21  ? 0.578   5.413   -21.845 1.00 74.18  ? 21  SER A O   1 
ATOM   145  C  CB  . SER A 1 21  ? 2.745   3.274   -20.425 1.00 70.22  ? 21  SER A CB  1 
ATOM   146  O  OG  . SER A 1 21  ? 3.717   3.209   -19.399 1.00 73.13  ? 21  SER A OG  1 
ATOM   147  N  N   . ARG A 1 22  ? -0.056  3.264   -21.513 1.00 69.00  ? 22  ARG A N   1 
ATOM   148  C  CA  . ARG A 1 22  ? -1.030  3.241   -22.606 1.00 68.97  ? 22  ARG A CA  1 
ATOM   149  C  C   . ARG A 1 22  ? -2.068  4.340   -22.440 1.00 66.94  ? 22  ARG A C   1 
ATOM   150  O  O   . ARG A 1 22  ? -2.416  5.007   -23.403 1.00 69.55  ? 22  ARG A O   1 
ATOM   151  C  CB  . ARG A 1 22  ? -1.732  1.879   -22.709 1.00 74.53  ? 22  ARG A CB  1 
ATOM   152  C  CG  . ARG A 1 22  ? -2.663  1.738   -23.919 1.00 79.57  ? 22  ARG A CG  1 
ATOM   153  C  CD  . ARG A 1 22  ? -3.325  0.364   -24.006 1.00 81.51  ? 22  ARG A CD  1 
ATOM   154  N  NE  . ARG A 1 22  ? -2.829  -0.439  -25.138 1.00 89.80  ? 22  ARG A NE  1 
ATOM   155  C  CZ  . ARG A 1 22  ? -2.723  -1.778  -25.171 1.00 98.20  ? 22  ARG A CZ  1 
ATOM   156  N  NH1 . ARG A 1 22  ? -3.056  -2.536  -24.126 1.00 101.65 ? 22  ARG A NH1 1 
ATOM   157  N  NH2 . ARG A 1 22  ? -2.259  -2.382  -26.270 1.00 96.64  ? 22  ARG A NH2 1 
ATOM   158  N  N   . ALA A 1 23  ? -2.544  4.536   -21.220 1.00 68.58  ? 23  ALA A N   1 
ATOM   159  C  CA  . ALA A 1 23  ? -3.539  5.567   -20.934 1.00 74.07  ? 23  ALA A CA  1 
ATOM   160  C  C   . ALA A 1 23  ? -3.054  7.014   -21.158 1.00 77.88  ? 23  ALA A C   1 
ATOM   161  O  O   . ALA A 1 23  ? -3.846  7.880   -21.531 1.00 81.40  ? 23  ALA A O   1 
ATOM   162  C  CB  . ALA A 1 23  ? -4.054  5.405   -19.510 1.00 77.15  ? 23  ALA A CB  1 
ATOM   163  N  N   . GLU A 1 24  ? -1.774  7.287   -20.922 1.00 82.34  ? 24  GLU A N   1 
ATOM   164  C  CA  . GLU A 1 24  ? -1.222  8.621   -21.194 1.00 84.60  ? 24  GLU A CA  1 
ATOM   165  C  C   . GLU A 1 24  ? -0.980  8.801   -22.685 1.00 85.11  ? 24  GLU A C   1 
ATOM   166  O  O   . GLU A 1 24  ? -1.311  9.846   -23.246 1.00 83.35  ? 24  GLU A O   1 
ATOM   167  C  CB  . GLU A 1 24  ? 0.066   8.856   -20.409 1.00 86.55  ? 24  GLU A CB  1 
ATOM   168  C  CG  . GLU A 1 24  ? -0.152  8.798   -18.903 1.00 87.40  ? 24  GLU A CG  1 
ATOM   169  C  CD  . GLU A 1 24  ? 0.941   9.484   -18.114 1.00 87.08  ? 24  GLU A CD  1 
ATOM   170  O  OE1 . GLU A 1 24  ? 1.571   8.802   -17.275 1.00 85.16  ? 24  GLU A OE1 1 
ATOM   171  O  OE2 . GLU A 1 24  ? 1.158   10.701  -18.330 1.00 84.16  ? 24  GLU A OE2 1 
ATOM   172  N  N   . LYS A 1 25  ? -0.422  7.767   -23.317 1.00 86.55  ? 25  LYS A N   1 
ATOM   173  C  CA  . LYS A 1 25  ? -0.178  7.759   -24.769 1.00 89.20  ? 25  LYS A CA  1 
ATOM   174  C  C   . LYS A 1 25  ? -1.452  7.897   -25.580 1.00 89.08  ? 25  LYS A C   1 
ATOM   175  O  O   . LYS A 1 25  ? -1.531  8.738   -26.474 1.00 94.03  ? 25  LYS A O   1 
ATOM   176  C  CB  . LYS A 1 25  ? 0.516   6.463   -25.219 1.00 96.40  ? 25  LYS A CB  1 
ATOM   177  C  CG  . LYS A 1 25  ? 1.948   6.621   -25.722 1.00 101.81 ? 25  LYS A CG  1 
ATOM   178  C  CD  . LYS A 1 25  ? 2.271   5.647   -26.860 1.00 102.77 ? 25  LYS A CD  1 
ATOM   179  C  CE  . LYS A 1 25  ? 2.041   4.175   -26.509 1.00 102.07 ? 25  LYS A CE  1 
ATOM   180  N  NZ  . LYS A 1 25  ? 0.878   3.579   -27.232 1.00 100.91 ? 25  LYS A NZ  1 
ATOM   181  N  N   . GLU A 1 26  ? -2.427  7.043   -25.276 1.00 87.10  ? 26  GLU A N   1 
ATOM   182  C  CA  . GLU A 1 26  ? -3.722  7.029   -25.967 1.00 84.27  ? 26  GLU A CA  1 
ATOM   183  C  C   . GLU A 1 26  ? -4.741  8.035   -25.413 1.00 79.31  ? 26  GLU A C   1 
ATOM   184  O  O   . GLU A 1 26  ? -5.858  8.116   -25.919 1.00 82.00  ? 26  GLU A O   1 
ATOM   185  C  CB  . GLU A 1 26  ? -4.320  5.620   -25.923 1.00 88.78  ? 26  GLU A CB  1 
ATOM   186  C  CG  . GLU A 1 26  ? -3.483  4.571   -26.636 1.00 94.34  ? 26  GLU A CG  1 
ATOM   187  C  CD  . GLU A 1 26  ? -3.392  4.816   -28.135 1.00 102.64 ? 26  GLU A CD  1 
ATOM   188  O  OE1 . GLU A 1 26  ? -4.432  5.126   -28.759 1.00 108.67 ? 26  GLU A OE1 1 
ATOM   189  O  OE2 . GLU A 1 26  ? -2.278  4.699   -28.695 1.00 103.67 ? 26  GLU A OE2 1 
ATOM   190  N  N   . GLN A 1 27  ? -4.371  8.776   -24.370 1.00 75.45  ? 27  GLN A N   1 
ATOM   191  C  CA  . GLN A 1 27  ? -5.193  9.864   -23.828 1.00 77.49  ? 27  GLN A CA  1 
ATOM   192  C  C   . GLN A 1 27  ? -6.529  9.421   -23.223 1.00 76.14  ? 27  GLN A C   1 
ATOM   193  O  O   . GLN A 1 27  ? -7.453  10.235  -23.102 1.00 72.72  ? 27  GLN A O   1 
ATOM   194  C  CB  . GLN A 1 27  ? -5.454  10.935  -24.884 1.00 82.60  ? 27  GLN A CB  1 
ATOM   195  C  CG  . GLN A 1 27  ? -4.280  11.213  -25.815 1.00 89.45  ? 27  GLN A CG  1 
ATOM   196  C  CD  . GLN A 1 27  ? -4.070  12.689  -26.108 1.00 96.71  ? 27  GLN A CD  1 
ATOM   197  O  OE1 . GLN A 1 27  ? -4.893  13.547  -25.765 1.00 101.11 ? 27  GLN A OE1 1 
ATOM   198  N  NE2 . GLN A 1 27  ? -2.948  12.996  -26.746 1.00 101.11 ? 27  GLN A NE2 1 
ATOM   199  N  N   . LEU A 1 28  ? -6.604  8.154   -22.803 1.00 75.74  ? 28  LEU A N   1 
ATOM   200  C  CA  . LEU A 1 28  ? -7.811  7.584   -22.185 1.00 72.70  ? 28  LEU A CA  1 
ATOM   201  C  C   . LEU A 1 28  ? -7.992  8.197   -20.816 1.00 71.41  ? 28  LEU A C   1 
ATOM   202  O  O   . LEU A 1 28  ? -7.004  8.568   -20.162 1.00 66.30  ? 28  LEU A O   1 
ATOM   203  C  CB  . LEU A 1 28  ? -7.722  6.058   -22.046 1.00 72.75  ? 28  LEU A CB  1 
ATOM   204  C  CG  . LEU A 1 28  ? -7.270  5.235   -23.268 1.00 77.08  ? 28  LEU A CG  1 
ATOM   205  C  CD1 . LEU A 1 28  ? -7.465  3.743   -23.007 1.00 75.19  ? 28  LEU A CD1 1 
ATOM   206  C  CD2 . LEU A 1 28  ? -7.978  5.661   -24.554 1.00 79.35  ? 28  LEU A CD2 1 
ATOM   207  N  N   . ASP A 1 29  ? -9.245  8.295   -20.379 1.00 72.96  ? 29  ASP A N   1 
ATOM   208  C  CA  . ASP A 1 29  ? -9.575  8.999   -19.134 1.00 76.07  ? 29  ASP A CA  1 
ATOM   209  C  C   . ASP A 1 29  ? -9.487  8.064   -17.917 1.00 76.24  ? 29  ASP A C   1 
ATOM   210  O  O   . ASP A 1 29  ? -10.485 7.792   -17.243 1.00 76.90  ? 29  ASP A O   1 
ATOM   211  C  CB  . ASP A 1 29  ? -10.935 9.696   -19.261 1.00 80.70  ? 29  ASP A CB  1 
ATOM   212  C  CG  . ASP A 1 29  ? -10.961 10.741  -20.402 1.00 88.32  ? 29  ASP A CG  1 
ATOM   213  O  OD1 . ASP A 1 29  ? -9.950  11.453  -20.606 1.00 91.17  ? 29  ASP A OD1 1 
ATOM   214  O  OD2 . ASP A 1 29  ? -11.991 10.852  -21.106 1.00 91.65  ? 29  ASP A OD2 1 
ATOM   215  N  N   . VAL A 1 30  ? -8.252  7.600   -17.665 1.00 75.48  ? 30  VAL A N   1 
ATOM   216  C  CA  . VAL A 1 30  ? -7.871  6.734   -16.541 1.00 69.94  ? 30  VAL A CA  1 
ATOM   217  C  C   . VAL A 1 30  ? -7.135  7.617   -15.540 1.00 69.74  ? 30  VAL A C   1 
ATOM   218  O  O   . VAL A 1 30  ? -6.141  8.255   -15.883 1.00 69.67  ? 30  VAL A O   1 
ATOM   219  C  CB  . VAL A 1 30  ? -6.930  5.597   -17.002 1.00 68.63  ? 30  VAL A CB  1 
ATOM   220  C  CG1 . VAL A 1 30  ? -6.440  4.758   -15.825 1.00 68.18  ? 30  VAL A CG1 1 
ATOM   221  C  CG2 . VAL A 1 30  ? -7.630  4.704   -18.015 1.00 69.37  ? 30  VAL A CG2 1 
ATOM   222  N  N   . TYR A 1 31  ? -7.616  7.638   -14.302 1.00 70.84  ? 31  TYR A N   1 
ATOM   223  C  CA  . TYR A 1 31  ? -7.212  8.657   -13.328 1.00 70.10  ? 31  TYR A CA  1 
ATOM   224  C  C   . TYR A 1 31  ? -6.250  8.140   -12.251 1.00 70.01  ? 31  TYR A C   1 
ATOM   225  O  O   . TYR A 1 31  ? -5.300  8.831   -11.881 1.00 71.48  ? 31  TYR A O   1 
ATOM   226  C  CB  . TYR A 1 31  ? -8.468  9.278   -12.703 1.00 68.29  ? 31  TYR A CB  1 
ATOM   227  C  CG  . TYR A 1 31  ? -9.480  9.806   -13.712 1.00 67.55  ? 31  TYR A CG  1 
ATOM   228  C  CD1 . TYR A 1 31  ? -9.073  10.378  -14.924 1.00 71.03  ? 31  TYR A CD1 1 
ATOM   229  C  CD2 . TYR A 1 31  ? -10.840 9.762   -13.446 1.00 66.88  ? 31  TYR A CD2 1 
ATOM   230  C  CE1 . TYR A 1 31  ? -9.990  10.870  -15.838 1.00 72.64  ? 31  TYR A CE1 1 
ATOM   231  C  CE2 . TYR A 1 31  ? -11.766 10.256  -14.355 1.00 69.64  ? 31  TYR A CE2 1 
ATOM   232  C  CZ  . TYR A 1 31  ? -11.338 10.809  -15.554 1.00 72.44  ? 31  TYR A CZ  1 
ATOM   233  O  OH  . TYR A 1 31  ? -12.239 11.314  -16.477 1.00 73.09  ? 31  TYR A OH  1 
ATOM   234  N  N   . SER A 1 32  ? -6.501  6.939   -11.747 1.00 65.40  ? 32  SER A N   1 
ATOM   235  C  CA  . SER A 1 32  ? -5.561  6.274   -10.861 1.00 61.74  ? 32  SER A CA  1 
ATOM   236  C  C   . SER A 1 32  ? -5.614  4.771   -11.068 1.00 61.58  ? 32  SER A C   1 
ATOM   237  O  O   . SER A 1 32  ? -6.597  4.227   -11.570 1.00 63.99  ? 32  SER A O   1 
ATOM   238  C  CB  . SER A 1 32  ? -5.843  6.620   -9.402  1.00 59.63  ? 32  SER A CB  1 
ATOM   239  O  OG  . SER A 1 32  ? -6.648  5.630   -8.803  1.00 60.08  ? 32  SER A OG  1 
ATOM   240  N  N   . ILE A 1 33  ? -4.532  4.108   -10.700 1.00 60.38  ? 33  ILE A N   1 
ATOM   241  C  CA  . ILE A 1 33  ? -4.472  2.661   -10.761 1.00 57.55  ? 33  ILE A CA  1 
ATOM   242  C  C   . ILE A 1 33  ? -3.866  2.178   -9.464  1.00 54.49  ? 33  ILE A C   1 
ATOM   243  O  O   . ILE A 1 33  ? -2.874  2.742   -9.004  1.00 53.14  ? 33  ILE A O   1 
ATOM   244  C  CB  . ILE A 1 33  ? -3.616  2.200   -11.934 1.00 57.41  ? 33  ILE A CB  1 
ATOM   245  C  CG1 . ILE A 1 33  ? -4.216  2.704   -13.257 1.00 53.93  ? 33  ILE A CG1 1 
ATOM   246  C  CG2 . ILE A 1 33  ? -3.476  0.677   -11.919 1.00 57.61  ? 33  ILE A CG2 1 
ATOM   247  C  CD1 . ILE A 1 33  ? -3.209  2.738   -14.380 1.00 55.24  ? 33  ILE A CD1 1 
ATOM   248  N  N   . LEU A 1 34  ? -4.461  1.129   -8.902  1.00 52.88  ? 34  LEU A N   1 
ATOM   249  C  CA  . LEU A 1 34  ? -4.084  0.616   -7.595  1.00 54.87  ? 34  LEU A CA  1 
ATOM   250  C  C   . LEU A 1 34  ? -3.781  -0.890  -7.624  1.00 55.70  ? 34  LEU A C   1 
ATOM   251  O  O   . LEU A 1 34  ? -4.594  -1.687  -8.088  1.00 58.04  ? 34  LEU A O   1 
ATOM   252  C  CB  . LEU A 1 34  ? -5.197  0.911   -6.603  1.00 54.50  ? 34  LEU A CB  1 
ATOM   253  C  CG  . LEU A 1 34  ? -4.945  0.528   -5.149  1.00 55.95  ? 34  LEU A CG  1 
ATOM   254  C  CD1 . LEU A 1 34  ? -3.708  1.196   -4.582  1.00 56.14  ? 34  LEU A CD1 1 
ATOM   255  C  CD2 . LEU A 1 34  ? -6.154  0.925   -4.329  1.00 58.29  ? 34  LEU A CD2 1 
ATOM   256  N  N   . ALA A 1 35  ? -2.598  -1.256  -7.126  1.00 55.16  ? 35  ALA A N   1 
ATOM   257  C  CA  . ALA A 1 35  ? -2.169  -2.640  -7.013  1.00 54.19  ? 35  ALA A CA  1 
ATOM   258  C  C   . ALA A 1 35  ? -1.709  -2.850  -5.584  1.00 56.01  ? 35  ALA A C   1 
ATOM   259  O  O   . ALA A 1 35  ? -0.679  -2.307  -5.180  1.00 55.50  ? 35  ALA A O   1 
ATOM   260  C  CB  . ALA A 1 35  ? -1.041  -2.922  -7.986  1.00 53.97  ? 35  ALA A CB  1 
ATOM   261  N  N   . SER A 1 36  ? -2.497  -3.599  -4.816  1.00 61.96  ? 36  SER A N   1 
ATOM   262  C  CA  . SER A 1 36  ? -2.153  -3.946  -3.431  1.00 66.51  ? 36  SER A CA  1 
ATOM   263  C  C   . SER A 1 36  ? -1.656  -5.381  -3.349  1.00 66.76  ? 36  SER A C   1 
ATOM   264  O  O   . SER A 1 36  ? -2.177  -6.260  -4.041  1.00 62.29  ? 36  SER A O   1 
ATOM   265  C  CB  . SER A 1 36  ? -3.357  -3.779  -2.506  1.00 66.84  ? 36  SER A CB  1 
ATOM   266  O  OG  . SER A 1 36  ? -2.955  -3.872  -1.146  1.00 70.10  ? 36  SER A OG  1 
ATOM   267  N  N   . GLU A 1 37  ? -0.652  -5.604  -2.499  1.00 71.68  ? 37  GLU A N   1 
ATOM   268  C  CA  . GLU A 1 37  ? -0.107  -6.945  -2.252  1.00 74.06  ? 37  GLU A CA  1 
ATOM   269  C  C   . GLU A 1 37  ? -1.202  -7.912  -1.756  1.00 71.26  ? 37  GLU A C   1 
ATOM   270  O  O   . GLU A 1 37  ? -1.240  -9.081  -2.163  1.00 66.28  ? 37  GLU A O   1 
ATOM   271  C  CB  . GLU A 1 37  ? 1.050   -6.866  -1.245  1.00 74.82  ? 37  GLU A CB  1 
ATOM   272  N  N   . SER A 1 38  ? -2.112  -7.382  -0.927  1.00 69.40  ? 38  SER A N   1 
ATOM   273  C  CA  . SER A 1 38  ? -3.272  -8.119  -0.378  1.00 66.94  ? 38  SER A CA  1 
ATOM   274  C  C   . SER A 1 38  ? -4.328  -8.547  -1.404  1.00 67.88  ? 38  SER A C   1 
ATOM   275  O  O   . SER A 1 38  ? -5.136  -9.431  -1.125  1.00 70.18  ? 38  SER A O   1 
ATOM   276  C  CB  . SER A 1 38  ? -3.969  -7.267  0.695   1.00 61.11  ? 38  SER A CB  1 
ATOM   277  N  N   . LEU A 1 39  ? -4.312  -7.922  -2.580  1.00 71.49  ? 39  LEU A N   1 
ATOM   278  C  CA  . LEU A 1 39  ? -5.347  -8.047  -3.600  1.00 66.93  ? 39  LEU A CA  1 
ATOM   279  C  C   . LEU A 1 39  ? -4.708  -8.680  -4.835  1.00 67.63  ? 39  LEU A C   1 
ATOM   280  O  O   . LEU A 1 39  ? -4.642  -8.071  -5.900  1.00 73.78  ? 39  LEU A O   1 
ATOM   281  C  CB  . LEU A 1 39  ? -5.872  -6.626  -3.889  1.00 70.28  ? 39  LEU A CB  1 
ATOM   282  C  CG  . LEU A 1 39  ? -7.346  -6.283  -4.115  1.00 70.94  ? 39  LEU A CG  1 
ATOM   283  C  CD1 . LEU A 1 39  ? -8.255  -6.994  -3.129  1.00 73.51  ? 39  LEU A CD1 1 
ATOM   284  C  CD2 . LEU A 1 39  ? -7.525  -4.772  -3.994  1.00 70.16  ? 39  LEU A CD2 1 
ATOM   285  N  N   . LYS A 1 40  ? -4.215  -9.905  -4.678  1.00 70.20  ? 40  LYS A N   1 
ATOM   286  C  CA  . LYS A 1 40  ? -3.462  -10.588 -5.737  1.00 69.50  ? 40  LYS A CA  1 
ATOM   287  C  C   . LYS A 1 40  ? -4.417  -11.096 -6.805  1.00 69.82  ? 40  LYS A C   1 
ATOM   288  O  O   . LYS A 1 40  ? -5.475  -11.633 -6.473  1.00 73.99  ? 40  LYS A O   1 
ATOM   289  C  CB  . LYS A 1 40  ? -2.658  -11.757 -5.159  1.00 70.93  ? 40  LYS A CB  1 
ATOM   290  N  N   . GLY A 1 41  ? -4.036  -10.920 -8.074  1.00 69.39  ? 41  GLY A N   1 
ATOM   291  C  CA  . GLY A 1 41  ? -4.884  -11.228 -9.241  1.00 68.36  ? 41  GLY A CA  1 
ATOM   292  C  C   . GLY A 1 41  ? -5.697  -10.059 -9.789  1.00 67.67  ? 41  GLY A C   1 
ATOM   293  O  O   . GLY A 1 41  ? -6.251  -10.153 -10.884 1.00 64.41  ? 41  GLY A O   1 
ATOM   294  N  N   . TYR A 1 42  ? -5.765  -8.965  -9.025  1.00 68.10  ? 42  TYR A N   1 
ATOM   295  C  CA  . TYR A 1 42  ? -6.604  -7.812  -9.322  1.00 66.82  ? 42  TYR A CA  1 
ATOM   296  C  C   . TYR A 1 42  ? -5.745  -6.568  -9.346  1.00 64.67  ? 42  TYR A C   1 
ATOM   297  O  O   . TYR A 1 42  ? -4.886  -6.364  -8.468  1.00 56.73  ? 42  TYR A O   1 
ATOM   298  C  CB  . TYR A 1 42  ? -7.699  -7.622  -8.254  1.00 71.89  ? 42  TYR A CB  1 
ATOM   299  C  CG  . TYR A 1 42  ? -8.674  -8.758  -8.209  1.00 75.43  ? 42  TYR A CG  1 
ATOM   300  C  CD1 . TYR A 1 42  ? -9.787  -8.779  -9.039  1.00 78.31  ? 42  TYR A CD1 1 
ATOM   301  C  CD2 . TYR A 1 42  ? -8.465  -9.841  -7.361  1.00 77.89  ? 42  TYR A CD2 1 
ATOM   302  C  CE1 . TYR A 1 42  ? -10.670 -9.849  -9.016  1.00 80.11  ? 42  TYR A CE1 1 
ATOM   303  C  CE2 . TYR A 1 42  ? -9.336  -10.915 -7.336  1.00 77.70  ? 42  TYR A CE2 1 
ATOM   304  C  CZ  . TYR A 1 42  ? -10.434 -10.916 -8.164  1.00 78.70  ? 42  TYR A CZ  1 
ATOM   305  O  OH  . TYR A 1 42  ? -11.290 -11.987 -8.119  1.00 83.88  ? 42  TYR A OH  1 
ATOM   306  N  N   . VAL A 1 43  ? -5.994  -5.741  -10.356 1.00 61.45  ? 43  VAL A N   1 
ATOM   307  C  CA  . VAL A 1 43  ? -5.487  -4.386  -10.397 1.00 57.24  ? 43  VAL A CA  1 
ATOM   308  C  C   . VAL A 1 43  ? -6.717  -3.508  -10.451 1.00 54.20  ? 43  VAL A C   1 
ATOM   309  O  O   . VAL A 1 43  ? -7.515  -3.633  -11.359 1.00 54.90  ? 43  VAL A O   1 
ATOM   310  C  CB  . VAL A 1 43  ? -4.621  -4.159  -11.635 1.00 58.26  ? 43  VAL A CB  1 
ATOM   311  C  CG1 . VAL A 1 43  ? -4.113  -2.730  -11.660 1.00 62.59  ? 43  VAL A CG1 1 
ATOM   312  C  CG2 . VAL A 1 43  ? -3.434  -5.111  -11.640 1.00 59.96  ? 43  VAL A CG2 1 
ATOM   313  N  N   . LEU A 1 44  ? -6.881  -2.636  -9.472  1.00 56.42  ? 44  LEU A N   1 
ATOM   314  C  CA  . LEU A 1 44  ? -7.990  -1.693  -9.478  1.00 57.71  ? 44  LEU A CA  1 
ATOM   315  C  C   . LEU A 1 44  ? -7.630  -0.506  -10.339 1.00 58.75  ? 44  LEU A C   1 
ATOM   316  O  O   . LEU A 1 44  ? -6.549  0.070   -10.206 1.00 57.09  ? 44  LEU A O   1 
ATOM   317  C  CB  . LEU A 1 44  ? -8.339  -1.213  -8.076  1.00 56.59  ? 44  LEU A CB  1 
ATOM   318  C  CG  . LEU A 1 44  ? -8.667  -2.354  -7.119  1.00 58.30  ? 44  LEU A CG  1 
ATOM   319  C  CD1 . LEU A 1 44  ? -9.047  -1.751  -5.783  1.00 60.72  ? 44  LEU A CD1 1 
ATOM   320  C  CD2 . LEU A 1 44  ? -9.766  -3.258  -7.650  1.00 56.81  ? 44  LEU A CD2 1 
ATOM   321  N  N   . VAL A 1 45  ? -8.566  -0.143  -11.205 1.00 58.92  ? 45  VAL A N   1 
ATOM   322  C  CA  . VAL A 1 45  ? -8.384  0.943   -12.143 1.00 59.19  ? 45  VAL A CA  1 
ATOM   323  C  C   . VAL A 1 45  ? -9.570  1.891   -11.977 1.00 59.31  ? 45  VAL A C   1 
ATOM   324  O  O   . VAL A 1 45  ? -10.720 1.467   -12.021 1.00 60.88  ? 45  VAL A O   1 
ATOM   325  C  CB  . VAL A 1 45  ? -8.203  0.421   -13.585 1.00 58.22  ? 45  VAL A CB  1 
ATOM   326  C  CG1 . VAL A 1 45  ? -9.030  -0.818  -13.834 1.00 60.01  ? 45  VAL A CG1 1 
ATOM   327  C  CG2 . VAL A 1 45  ? -8.521  1.495   -14.615 1.00 61.21  ? 45  VAL A CG2 1 
ATOM   328  N  N   . GLU A 1 46  ? -9.252  3.160   -11.736 1.00 62.06  ? 46  GLU A N   1 
ATOM   329  C  CA  . GLU A 1 46  ? -10.223 4.245   -11.633 1.00 65.00  ? 46  GLU A CA  1 
ATOM   330  C  C   . GLU A 1 46  ? -10.276 4.923   -12.995 1.00 67.90  ? 46  GLU A C   1 
ATOM   331  O  O   . GLU A 1 46  ? -9.229  5.252   -13.566 1.00 61.72  ? 46  GLU A O   1 
ATOM   332  C  CB  . GLU A 1 46  ? -9.797  5.233   -10.537 1.00 65.50  ? 46  GLU A CB  1 
ATOM   333  C  CG  . GLU A 1 46  ? -10.588 6.529   -10.483 1.00 64.38  ? 46  GLU A CG  1 
ATOM   334  C  CD  . GLU A 1 46  ? -10.579 7.149   -9.097  1.00 62.81  ? 46  GLU A CD  1 
ATOM   335  O  OE1 . GLU A 1 46  ? -9.588  7.810   -8.722  1.00 56.71  ? 46  GLU A OE1 1 
ATOM   336  O  OE2 . GLU A 1 46  ? -11.580 6.968   -8.377  1.00 67.34  ? 46  GLU A OE2 1 
ATOM   337  N  N   . ALA A 1 47  ? -11.496 5.100   -13.512 1.00 76.45  ? 47  ALA A N   1 
ATOM   338  C  CA  . ALA A 1 47  ? -11.721 5.551   -14.896 1.00 80.40  ? 47  ALA A CA  1 
ATOM   339  C  C   . ALA A 1 47  ? -13.092 6.214   -15.082 1.00 83.37  ? 47  ALA A C   1 
ATOM   340  O  O   . ALA A 1 47  ? -14.005 6.014   -14.269 1.00 88.27  ? 47  ALA A O   1 
ATOM   341  C  CB  . ALA A 1 47  ? -11.583 4.373   -15.851 1.00 79.92  ? 47  ALA A CB  1 
ATOM   342  N  N   . GLU A 1 48  ? -13.224 6.991   -16.160 1.00 82.79  ? 48  GLU A N   1 
ATOM   343  C  CA  . GLU A 1 48  ? -14.483 7.673   -16.479 1.00 82.56  ? 48  GLU A CA  1 
ATOM   344  C  C   . GLU A 1 48  ? -15.562 6.645   -16.831 1.00 79.78  ? 48  GLU A C   1 
ATOM   345  O  O   . GLU A 1 48  ? -16.649 6.667   -16.253 1.00 82.32  ? 48  GLU A O   1 
ATOM   346  C  CB  . GLU A 1 48  ? -14.296 8.686   -17.622 1.00 84.11  ? 48  GLU A CB  1 
ATOM   347  C  CG  . GLU A 1 48  ? -15.438 9.698   -17.792 1.00 87.09  ? 48  GLU A CG  1 
ATOM   348  C  CD  . GLU A 1 48  ? -15.488 10.806  -16.740 1.00 89.51  ? 48  GLU A CD  1 
ATOM   349  O  OE1 . GLU A 1 48  ? -14.657 10.831  -15.806 1.00 89.54  ? 48  GLU A OE1 1 
ATOM   350  O  OE2 . GLU A 1 48  ? -16.384 11.674  -16.850 1.00 94.00  ? 48  GLU A OE2 1 
ATOM   351  N  N   . THR A 1 49  ? -15.245 5.732   -17.746 1.00 73.82  ? 49  THR A N   1 
ATOM   352  C  CA  . THR A 1 49  ? -16.200 4.730   -18.209 1.00 72.11  ? 49  THR A CA  1 
ATOM   353  C  C   . THR A 1 49  ? -15.584 3.344   -18.349 1.00 67.88  ? 49  THR A C   1 
ATOM   354  O  O   . THR A 1 49  ? -14.370 3.201   -18.447 1.00 60.17  ? 49  THR A O   1 
ATOM   355  C  CB  . THR A 1 49  ? -16.776 5.129   -19.580 1.00 78.31  ? 49  THR A CB  1 
ATOM   356  O  OG1 . THR A 1 49  ? -15.813 4.879   -20.618 1.00 80.56  ? 49  THR A OG1 1 
ATOM   357  C  CG2 . THR A 1 49  ? -17.192 6.614   -19.595 1.00 78.20  ? 49  THR A CG2 1 
ATOM   358  N  N   . LYS A 1 50  ? -16.447 2.331   -18.406 1.00 67.88  ? 50  LYS A N   1 
ATOM   359  C  CA  . LYS A 1 50  ? -16.022 0.940   -18.627 1.00 69.21  ? 50  LYS A CA  1 
ATOM   360  C  C   . LYS A 1 50  ? -15.315 0.747   -19.952 1.00 70.47  ? 50  LYS A C   1 
ATOM   361  O  O   . LYS A 1 50  ? -14.385 -0.055  -20.054 1.00 69.91  ? 50  LYS A O   1 
ATOM   362  C  CB  . LYS A 1 50  ? -17.220 -0.006  -18.600 1.00 70.99  ? 50  LYS A CB  1 
ATOM   363  C  CG  . LYS A 1 50  ? -16.844 -1.475  -18.781 1.00 72.44  ? 50  LYS A CG  1 
ATOM   364  C  CD  . LYS A 1 50  ? -17.922 -2.397  -18.227 1.00 76.67  ? 50  LYS A CD  1 
ATOM   365  C  CE  . LYS A 1 50  ? -17.466 -3.852  -18.121 1.00 76.16  ? 50  LYS A CE  1 
ATOM   366  N  NZ  . LYS A 1 50  ? -17.877 -4.453  -16.814 1.00 76.00  ? 50  LYS A NZ  1 
ATOM   367  N  N   . GLY A 1 51  ? -15.810 1.444   -20.972 1.00 74.70  ? 51  GLY A N   1 
ATOM   368  C  CA  . GLY A 1 51  ? -15.183 1.475   -22.284 1.00 74.94  ? 51  GLY A CA  1 
ATOM   369  C  C   . GLY A 1 51  ? -13.717 1.872   -22.261 1.00 75.34  ? 51  GLY A C   1 
ATOM   370  O  O   . GLY A 1 51  ? -12.900 1.272   -22.966 1.00 71.70  ? 51  GLY A O   1 
ATOM   371  N  N   . ASP A 1 52  ? -13.377 2.869   -21.438 1.00 77.44  ? 52  ASP A N   1 
ATOM   372  C  CA  . ASP A 1 52  ? -11.972 3.286   -21.267 1.00 74.18  ? 52  ASP A CA  1 
ATOM   373  C  C   . ASP A 1 52  ? -11.113 2.102   -20.864 1.00 69.63  ? 52  ASP A C   1 
ATOM   374  O  O   . ASP A 1 52  ? -10.038 1.881   -21.417 1.00 62.61  ? 52  ASP A O   1 
ATOM   375  C  CB  . ASP A 1 52  ? -11.833 4.371   -20.203 1.00 72.61  ? 52  ASP A CB  1 
ATOM   376  C  CG  . ASP A 1 52  ? -12.411 5.691   -20.642 1.00 71.95  ? 52  ASP A CG  1 
ATOM   377  O  OD1 . ASP A 1 52  ? -13.651 5.803   -20.680 1.00 71.32  ? 52  ASP A OD1 1 
ATOM   378  O  OD2 . ASP A 1 52  ? -11.622 6.615   -20.936 1.00 70.41  ? 52  ASP A OD2 1 
ATOM   379  N  N   . VAL A 1 53  ? -11.640 1.328   -19.924 1.00 69.54  ? 53  VAL A N   1 
ATOM   380  C  CA  . VAL A 1 53  ? -10.943 0.184   -19.365 1.00 71.52  ? 53  VAL A CA  1 
ATOM   381  C  C   . VAL A 1 53  ? -10.863 -0.939  -20.407 1.00 76.47  ? 53  VAL A C   1 
ATOM   382  O  O   . VAL A 1 53  ? -9.831  -1.597  -20.528 1.00 74.87  ? 53  VAL A O   1 
ATOM   383  C  CB  . VAL A 1 53  ? -11.620 -0.339  -18.075 1.00 71.25  ? 53  VAL A CB  1 
ATOM   384  C  CG1 . VAL A 1 53  ? -10.699 -1.323  -17.361 1.00 74.01  ? 53  VAL A CG1 1 
ATOM   385  C  CG2 . VAL A 1 53  ? -11.983 0.801   -17.122 1.00 71.37  ? 53  VAL A CG2 1 
ATOM   386  N  N   . GLU A 1 54  ? -11.949 -1.152  -21.151 1.00 82.62  ? 54  GLU A N   1 
ATOM   387  C  CA  . GLU A 1 54  ? -11.969 -2.142  -22.243 1.00 84.86  ? 54  GLU A CA  1 
ATOM   388  C  C   . GLU A 1 54  ? -10.971 -1.782  -23.340 1.00 78.54  ? 54  GLU A C   1 
ATOM   389  O  O   . GLU A 1 54  ? -10.344 -2.669  -23.924 1.00 71.05  ? 54  GLU A O   1 
ATOM   390  C  CB  . GLU A 1 54  ? -13.383 -2.279  -22.835 1.00 91.00  ? 54  GLU A CB  1 
ATOM   391  C  CG  . GLU A 1 54  ? -14.391 -2.937  -21.895 1.00 94.25  ? 54  GLU A CG  1 
ATOM   392  C  CD  . GLU A 1 54  ? -15.841 -2.815  -22.353 1.00 100.19 ? 54  GLU A CD  1 
ATOM   393  O  OE1 . GLU A 1 54  ? -16.173 -1.926  -23.178 1.00 98.78  ? 54  GLU A OE1 1 
ATOM   394  O  OE2 . GLU A 1 54  ? -16.665 -3.619  -21.867 1.00 104.22 ? 54  GLU A OE2 1 
ATOM   395  N  N   . GLU A 1 55  ? -10.831 -0.481  -23.599 1.00 82.56  ? 55  GLU A N   1 
ATOM   396  C  CA  . GLU A 1 55  ? -9.847  0.045   -24.561 1.00 92.16  ? 55  GLU A CA  1 
ATOM   397  C  C   . GLU A 1 55  ? -8.422  -0.051  -23.997 1.00 91.15  ? 55  GLU A C   1 
ATOM   398  O  O   . GLU A 1 55  ? -7.465  -0.358  -24.725 1.00 90.26  ? 55  GLU A O   1 
ATOM   399  C  CB  . GLU A 1 55  ? -10.161 1.510   -24.932 1.00 95.01  ? 55  GLU A CB  1 
ATOM   400  C  CG  . GLU A 1 55  ? -9.877  1.859   -26.390 1.00 100.17 ? 55  GLU A CG  1 
ATOM   401  C  CD  . GLU A 1 55  ? -10.925 1.323   -27.364 1.00 108.13 ? 55  GLU A CD  1 
ATOM   402  O  OE1 . GLU A 1 55  ? -10.611 1.247   -28.576 1.00 120.38 ? 55  GLU A OE1 1 
ATOM   403  O  OE2 . GLU A 1 55  ? -12.055 0.974   -26.936 1.00 109.95 ? 55  GLU A OE2 1 
ATOM   404  N  N   . LEU A 1 56  ? -8.305  0.234   -22.700 1.00 88.37  ? 56  LEU A N   1 
ATOM   405  C  CA  . LEU A 1 56  ? -7.058  0.100   -21.945 1.00 79.85  ? 56  LEU A CA  1 
ATOM   406  C  C   . LEU A 1 56  ? -6.519  -1.326  -22.018 1.00 78.23  ? 56  LEU A C   1 
ATOM   407  O  O   . LEU A 1 56  ? -5.424  -1.545  -22.531 1.00 80.77  ? 56  LEU A O   1 
ATOM   408  C  CB  . LEU A 1 56  ? -7.298  0.517   -20.489 1.00 74.51  ? 56  LEU A CB  1 
ATOM   409  C  CG  . LEU A 1 56  ? -6.164  0.528   -19.471 1.00 71.28  ? 56  LEU A CG  1 
ATOM   410  C  CD1 . LEU A 1 56  ? -5.101  1.553   -19.835 1.00 71.96  ? 56  LEU A CD1 1 
ATOM   411  C  CD2 . LEU A 1 56  ? -6.747  0.820   -18.093 1.00 67.97  ? 56  LEU A CD2 1 
ATOM   412  N  N   . ILE A 1 57  ? -7.319  -2.291  -21.559 1.00 80.69  ? 57  ILE A N   1 
ATOM   413  C  CA  . ILE A 1 57  ? -6.900  -3.707  -21.517 1.00 79.34  ? 57  ILE A CA  1 
ATOM   414  C  C   . ILE A 1 57  ? -6.924  -4.438  -22.870 1.00 81.43  ? 57  ILE A C   1 
ATOM   415  O  O   . ILE A 1 57  ? -6.467  -5.579  -22.943 1.00 82.75  ? 57  ILE A O   1 
ATOM   416  C  CB  . ILE A 1 57  ? -7.708  -4.545  -20.489 1.00 77.13  ? 57  ILE A CB  1 
ATOM   417  C  CG1 . ILE A 1 57  ? -9.162  -4.774  -20.937 1.00 76.34  ? 57  ILE A CG1 1 
ATOM   418  C  CG2 . ILE A 1 57  ? -7.650  -3.902  -19.105 1.00 79.43  ? 57  ILE A CG2 1 
ATOM   419  C  CD1 . ILE A 1 57  ? -9.723  -6.101  -20.486 1.00 79.68  ? 57  ILE A CD1 1 
ATOM   420  N  N   . LYS A 1 58  ? -7.472  -3.813  -23.918 1.00 84.27  ? 58  LYS A N   1 
ATOM   421  C  CA  . LYS A 1 58  ? -7.570  -4.450  -25.236 1.00 87.47  ? 58  LYS A CA  1 
ATOM   422  C  C   . LYS A 1 58  ? -6.198  -4.929  -25.649 1.00 84.67  ? 58  LYS A C   1 
ATOM   423  O  O   . LYS A 1 58  ? -5.266  -4.132  -25.705 1.00 89.51  ? 58  LYS A O   1 
ATOM   424  C  CB  . LYS A 1 58  ? -8.103  -3.484  -26.298 1.00 94.56  ? 58  LYS A CB  1 
ATOM   425  C  CG  . LYS A 1 58  ? -8.897  -4.176  -27.397 1.00 103.91 ? 58  LYS A CG  1 
ATOM   426  C  CD  . LYS A 1 58  ? -10.223 -4.738  -26.871 1.00 108.30 ? 58  LYS A CD  1 
ATOM   427  C  CE  . LYS A 1 58  ? -11.373 -4.585  -27.867 1.00 109.51 ? 58  LYS A CE  1 
ATOM   428  N  NZ  . LYS A 1 58  ? -12.697 -4.592  -27.180 1.00 106.95 ? 58  LYS A NZ  1 
ATOM   429  N  N   . GLY A 1 59  ? -6.068  -6.231  -25.890 1.00 81.35  ? 59  GLY A N   1 
ATOM   430  C  CA  . GLY A 1 59  ? -4.769  -6.840  -26.191 1.00 82.40  ? 59  GLY A CA  1 
ATOM   431  C  C   . GLY A 1 59  ? -3.676  -6.709  -25.127 1.00 83.65  ? 59  GLY A C   1 
ATOM   432  O  O   . GLY A 1 59  ? -2.483  -6.748  -25.457 1.00 86.01  ? 59  GLY A O   1 
ATOM   433  N  N   . MET A 1 60  ? -4.054  -6.561  -23.855 1.00 79.57  ? 60  MET A N   1 
ATOM   434  C  CA  . MET A 1 60  ? -3.051  -6.522  -22.796 1.00 78.99  ? 60  MET A CA  1 
ATOM   435  C  C   . MET A 1 60  ? -2.611  -7.933  -22.443 1.00 81.35  ? 60  MET A C   1 
ATOM   436  O  O   . MET A 1 60  ? -3.456  -8.814  -22.263 1.00 80.31  ? 60  MET A O   1 
ATOM   437  C  CB  . MET A 1 60  ? -3.522  -5.791  -21.532 1.00 80.28  ? 60  MET A CB  1 
ATOM   438  C  CG  . MET A 1 60  ? -3.122  -4.321  -21.501 1.00 79.07  ? 60  MET A CG  1 
ATOM   439  S  SD  . MET A 1 60  ? -2.447  -3.752  -19.939 1.00 73.62  ? 60  MET A SD  1 
ATOM   440  C  CE  . MET A 1 60  ? -1.982  -2.098  -20.411 1.00 74.94  ? 60  MET A CE  1 
ATOM   441  N  N   . PRO A 1 61  ? -1.286  -8.149  -22.334 1.00 87.72  ? 61  PRO A N   1 
ATOM   442  C  CA  . PRO A 1 61  ? -0.802  -9.479  -21.985 1.00 90.41  ? 61  PRO A CA  1 
ATOM   443  C  C   . PRO A 1 61  ? -1.008  -9.768  -20.510 1.00 86.80  ? 61  PRO A C   1 
ATOM   444  O  O   . PRO A 1 61  ? -1.001  -8.841  -19.696 1.00 91.87  ? 61  PRO A O   1 
ATOM   445  C  CB  . PRO A 1 61  ? 0.704   -9.419  -22.318 1.00 94.00  ? 61  PRO A CB  1 
ATOM   446  C  CG  . PRO A 1 61  ? 0.953   -8.076  -22.919 1.00 95.19  ? 61  PRO A CG  1 
ATOM   447  C  CD  . PRO A 1 61  ? -0.168  -7.198  -22.468 1.00 92.07  ? 61  PRO A CD  1 
ATOM   448  N  N   . ARG A 1 62  ? -1.205  -11.046 -20.190 1.00 80.98  ? 62  ARG A N   1 
ATOM   449  C  CA  . ARG A 1 62  ? -1.454  -11.521 -18.821 1.00 75.54  ? 62  ARG A CA  1 
ATOM   450  C  C   . ARG A 1 62  ? -2.707  -10.926 -18.118 1.00 70.55  ? 62  ARG A C   1 
ATOM   451  O  O   . ARG A 1 62  ? -2.847  -11.061 -16.894 1.00 67.28  ? 62  ARG A O   1 
ATOM   452  C  CB  . ARG A 1 62  ? -0.189  -11.352 -17.965 1.00 72.05  ? 62  ARG A CB  1 
ATOM   453  N  N   . VAL A 1 63  ? -3.618  -10.318 -18.893 1.00 66.73  ? 63  VAL A N   1 
ATOM   454  C  CA  . VAL A 1 63  ? -4.853  -9.722  -18.374 1.00 70.78  ? 63  VAL A CA  1 
ATOM   455  C  C   . VAL A 1 63  ? -6.003  -10.619 -18.822 1.00 74.22  ? 63  VAL A C   1 
ATOM   456  O  O   . VAL A 1 63  ? -6.137  -10.881 -20.009 1.00 80.06  ? 63  VAL A O   1 
ATOM   457  C  CB  . VAL A 1 63  ? -5.057  -8.273  -18.889 1.00 69.96  ? 63  VAL A CB  1 
ATOM   458  C  CG1 . VAL A 1 63  ? -6.431  -7.724  -18.495 1.00 68.37  ? 63  VAL A CG1 1 
ATOM   459  C  CG2 . VAL A 1 63  ? -3.959  -7.362  -18.355 1.00 68.41  ? 63  VAL A CG2 1 
ATOM   460  N  N   . ARG A 1 64  ? -6.817  -11.086 -17.870 1.00 77.54  ? 64  ARG A N   1 
ATOM   461  C  CA  . ARG A 1 64  ? -7.893  -12.062 -18.126 1.00 73.41  ? 64  ARG A CA  1 
ATOM   462  C  C   . ARG A 1 64  ? -9.282  -11.430 -18.271 1.00 73.02  ? 64  ARG A C   1 
ATOM   463  O  O   . ARG A 1 64  ? -10.256 -12.147 -18.446 1.00 77.25  ? 64  ARG A O   1 
ATOM   464  C  CB  . ARG A 1 64  ? -7.937  -13.132 -17.013 1.00 74.62  ? 64  ARG A CB  1 
ATOM   465  C  CG  . ARG A 1 64  ? -6.835  -14.193 -17.079 1.00 74.89  ? 64  ARG A CG  1 
ATOM   466  C  CD  . ARG A 1 64  ? -5.593  -13.811 -16.286 1.00 74.88  ? 64  ARG A CD  1 
ATOM   467  N  NE  . ARG A 1 64  ? -4.687  -14.936 -16.019 1.00 72.02  ? 64  ARG A NE  1 
ATOM   468  C  CZ  . ARG A 1 64  ? -3.719  -15.391 -16.829 1.00 68.10  ? 64  ARG A CZ  1 
ATOM   469  N  NH1 . ARG A 1 64  ? -3.491  -14.865 -18.034 1.00 64.84  ? 64  ARG A NH1 1 
ATOM   470  N  NH2 . ARG A 1 64  ? -2.965  -16.408 -16.420 1.00 69.24  ? 64  ARG A NH2 1 
ATOM   471  N  N   . GLY A 1 65  ? -9.385  -10.105 -18.185 1.00 71.09  ? 65  GLY A N   1 
ATOM   472  C  CA  . GLY A 1 65  ? -10.661 -9.414  -18.406 1.00 66.65  ? 65  GLY A CA  1 
ATOM   473  C  C   . GLY A 1 65  ? -11.156 -8.712  -17.164 1.00 66.55  ? 65  GLY A C   1 
ATOM   474  O  O   . GLY A 1 65  ? -10.659 -8.938  -16.060 1.00 72.85  ? 65  GLY A O   1 
ATOM   475  N  N   . ILE A 1 66  ? -12.167 -7.877  -17.363 1.00 64.83  ? 66  ILE A N   1 
ATOM   476  C  CA  . ILE A 1 66  ? -12.705 -6.988  -16.333 1.00 65.81  ? 66  ILE A CA  1 
ATOM   477  C  C   . ILE A 1 66  ? -13.808 -7.696  -15.563 1.00 69.16  ? 66  ILE A C   1 
ATOM   478  O  O   . ILE A 1 66  ? -14.653 -8.375  -16.153 1.00 70.52  ? 66  ILE A O   1 
ATOM   479  C  CB  . ILE A 1 66  ? -13.308 -5.700  -16.971 1.00 64.23  ? 66  ILE A CB  1 
ATOM   480  C  CG1 . ILE A 1 66  ? -12.263 -4.969  -17.828 1.00 63.36  ? 66  ILE A CG1 1 
ATOM   481  C  CG2 . ILE A 1 66  ? -13.883 -4.753  -15.917 1.00 60.62  ? 66  ILE A CG2 1 
ATOM   482  C  CD1 . ILE A 1 66  ? -12.857 -4.212  -18.994 1.00 63.94  ? 66  ILE A CD1 1 
ATOM   483  N  N   . VAL A 1 67  ? -13.821 -7.500  -14.250 1.00 74.59  ? 67  VAL A N   1 
ATOM   484  C  CA  . VAL A 1 67  ? -14.887 -8.029  -13.404 1.00 80.25  ? 67  VAL A CA  1 
ATOM   485  C  C   . VAL A 1 67  ? -16.128 -7.117  -13.558 1.00 85.52  ? 67  VAL A C   1 
ATOM   486  O  O   . VAL A 1 67  ? -15.993 -5.884  -13.618 1.00 82.49  ? 67  VAL A O   1 
ATOM   487  C  CB  . VAL A 1 67  ? -14.437 -8.156  -11.928 1.00 77.76  ? 67  VAL A CB  1 
ATOM   488  C  CG1 . VAL A 1 67  ? -15.537 -8.755  -11.053 1.00 74.61  ? 67  VAL A CG1 1 
ATOM   489  C  CG2 . VAL A 1 67  ? -13.188 -9.018  -11.850 1.00 78.73  ? 67  VAL A CG2 1 
ATOM   490  N  N   . PRO A 1 68  ? -17.336 -7.722  -13.655 1.00 90.23  ? 68  PRO A N   1 
ATOM   491  C  CA  . PRO A 1 68  ? -18.559 -6.914  -13.720 1.00 86.10  ? 68  PRO A CA  1 
ATOM   492  C  C   . PRO A 1 68  ? -18.805 -6.059  -12.468 1.00 81.21  ? 68  PRO A C   1 
ATOM   493  O  O   . PRO A 1 68  ? -18.325 -6.376  -11.375 1.00 76.50  ? 68  PRO A O   1 
ATOM   494  C  CB  . PRO A 1 68  ? -19.668 -7.965  -13.885 1.00 89.71  ? 68  PRO A CB  1 
ATOM   495  C  CG  . PRO A 1 68  ? -18.995 -9.150  -14.489 1.00 88.20  ? 68  PRO A CG  1 
ATOM   496  C  CD  . PRO A 1 68  ? -17.629 -9.158  -13.875 1.00 90.32  ? 68  PRO A CD  1 
ATOM   497  N  N   . GLY A 1 69  ? -19.539 -4.969  -12.654 1.00 79.60  ? 69  GLY A N   1 
ATOM   498  C  CA  . GLY A 1 69  ? -19.845 -4.042  -11.577 1.00 78.29  ? 69  GLY A CA  1 
ATOM   499  C  C   . GLY A 1 69  ? -18.671 -3.151  -11.250 1.00 80.19  ? 69  GLY A C   1 
ATOM   500  O  O   . GLY A 1 69  ? -17.547 -3.391  -11.702 1.00 82.77  ? 69  GLY A O   1 
ATOM   501  N  N   . THR A 1 70  ? -18.946 -2.105  -10.478 1.00 79.90  ? 70  THR A N   1 
ATOM   502  C  CA  . THR A 1 70  ? -17.905 -1.238  -9.943  1.00 80.32  ? 70  THR A CA  1 
ATOM   503  C  C   . THR A 1 70  ? -17.685 -1.557  -8.471  1.00 80.82  ? 70  THR A C   1 
ATOM   504  O  O   . THR A 1 70  ? -18.477 -2.271  -7.848  1.00 77.01  ? 70  THR A O   1 
ATOM   505  C  CB  . THR A 1 70  ? -18.238 0.270   -10.100 1.00 81.25  ? 70  THR A CB  1 
ATOM   506  O  OG1 . THR A 1 70  ? -19.437 0.602   -9.386  1.00 77.22  ? 70  THR A OG1 1 
ATOM   507  C  CG2 . THR A 1 70  ? -18.396 0.638   -11.567 1.00 80.69  ? 70  THR A CG2 1 
ATOM   508  N  N   . ILE A 1 71  ? -16.578 -1.034  -7.949  1.00 79.76  ? 71  ILE A N   1 
ATOM   509  C  CA  . ILE A 1 71  ? -16.289 -1.015  -6.528  1.00 76.86  ? 71  ILE A CA  1 
ATOM   510  C  C   . ILE A 1 71  ? -16.277 0.446   -6.142  1.00 77.01  ? 71  ILE A C   1 
ATOM   511  O  O   . ILE A 1 71  ? -15.831 1.286   -6.919  1.00 72.77  ? 71  ILE A O   1 
ATOM   512  C  CB  . ILE A 1 71  ? -14.915 -1.632  -6.204  1.00 78.65  ? 71  ILE A CB  1 
ATOM   513  C  CG1 . ILE A 1 71  ? -14.796 -3.057  -6.774  1.00 80.82  ? 71  ILE A CG1 1 
ATOM   514  C  CG2 . ILE A 1 71  ? -14.666 -1.620  -4.700  1.00 81.63  ? 71  ILE A CG2 1 
ATOM   515  C  CD1 . ILE A 1 71  ? -15.853 -4.043  -6.312  1.00 81.06  ? 71  ILE A CD1 1 
ATOM   516  N  N   . ALA A 1 72  ? -16.772 0.733   -4.942  1.00 79.57  ? 72  ALA A N   1 
ATOM   517  C  CA  . ALA A 1 72  ? -16.842 2.093   -4.427  1.00 81.28  ? 72  ALA A CA  1 
ATOM   518  C  C   . ALA A 1 72  ? -15.527 2.481   -3.743  1.00 79.26  ? 72  ALA A C   1 
ATOM   519  O  O   . ALA A 1 72  ? -14.776 1.614   -3.285  1.00 77.89  ? 72  ALA A O   1 
ATOM   520  C  CB  . ALA A 1 72  ? -18.008 2.217   -3.453  1.00 84.11  ? 72  ALA A CB  1 
ATOM   521  N  N   . ILE A 1 73  ? -15.271 3.790   -3.657  1.00 76.05  ? 73  ILE A N   1 
ATOM   522  C  CA  . ILE A 1 73  ? -14.116 4.323   -2.913  1.00 76.74  ? 73  ILE A CA  1 
ATOM   523  C  C   . ILE A 1 73  ? -14.262 4.189   -1.392  1.00 79.90  ? 73  ILE A C   1 
ATOM   524  O  O   . ILE A 1 73  ? -13.341 4.538   -0.646  1.00 82.70  ? 73  ILE A O   1 
ATOM   525  C  CB  . ILE A 1 73  ? -13.827 5.806   -3.247  1.00 71.48  ? 73  ILE A CB  1 
ATOM   526  N  N   . GLU A 1 74  ? -15.417 3.723   -0.923  1.00 85.98  ? 74  GLU A N   1 
ATOM   527  C  CA  . GLU A 1 74  ? -15.563 3.301   0.469   1.00 90.26  ? 74  GLU A CA  1 
ATOM   528  C  C   . GLU A 1 74  ? -14.728 2.046   0.729   1.00 88.40  ? 74  GLU A C   1 
ATOM   529  O  O   . GLU A 1 74  ? -13.931 2.003   1.677   1.00 82.85  ? 74  GLU A O   1 
ATOM   530  C  CB  . GLU A 1 74  ? -17.039 3.028   0.796   1.00 91.54  ? 74  GLU A CB  1 
ATOM   531  N  N   . GLU A 1 75  ? -14.902 1.052   -0.147  1.00 91.71  ? 75  GLU A N   1 
ATOM   532  C  CA  . GLU A 1 75  ? -14.332 -0.302  0.028   1.00 91.21  ? 75  GLU A CA  1 
ATOM   533  C  C   . GLU A 1 75  ? -12.802 -0.401  -0.148  1.00 84.98  ? 75  GLU A C   1 
ATOM   534  O  O   . GLU A 1 75  ? -12.176 -1.315  0.389   1.00 86.23  ? 75  GLU A O   1 
ATOM   535  C  CB  . GLU A 1 75  ? -15.030 -1.288  -0.929  1.00 90.28  ? 75  GLU A CB  1 
ATOM   536  N  N   . ILE A 1 76  ? -12.225 0.534   -0.895  1.00 76.03  ? 76  ILE A N   1 
ATOM   537  C  CA  . ILE A 1 76  ? -10.779 0.612   -1.139  1.00 73.80  ? 76  ILE A CA  1 
ATOM   538  C  C   . ILE A 1 76  ? -10.020 1.379   -0.050  1.00 72.07  ? 76  ILE A C   1 
ATOM   539  O  O   . ILE A 1 76  ? -8.807  1.218   0.101   1.00 71.67  ? 76  ILE A O   1 
ATOM   540  C  CB  . ILE A 1 76  ? -10.538 1.289   -2.506  1.00 73.46  ? 76  ILE A CB  1 
ATOM   541  C  CG1 . ILE A 1 76  ? -11.144 0.416   -3.609  1.00 75.15  ? 76  ILE A CG1 1 
ATOM   542  C  CG2 . ILE A 1 76  ? -9.056  1.529   -2.787  1.00 71.78  ? 76  ILE A CG2 1 
ATOM   543  C  CD1 . ILE A 1 76  ? -11.602 1.203   -4.807  1.00 76.83  ? 76  ILE A CD1 1 
ATOM   544  N  N   . GLU A 1 77  ? -10.736 2.189   0.724   1.00 73.03  ? 77  GLU A N   1 
ATOM   545  C  CA  . GLU A 1 77  ? -10.119 3.063   1.727   1.00 74.77  ? 77  GLU A CA  1 
ATOM   546  C  C   . GLU A 1 77  ? -9.203  2.369   2.774   1.00 76.58  ? 77  GLU A C   1 
ATOM   547  O  O   . GLU A 1 77  ? -8.236  2.994   3.230   1.00 72.90  ? 77  GLU A O   1 
ATOM   548  C  CB  . GLU A 1 77  ? -11.198 3.911   2.422   1.00 73.32  ? 77  GLU A CB  1 
ATOM   549  N  N   . PRO A 1 78  ? -9.484  1.088   3.149   1.00 82.84  ? 78  PRO A N   1 
ATOM   550  C  CA  . PRO A 1 78  ? -8.548  0.366   4.046   1.00 82.98  ? 78  PRO A CA  1 
ATOM   551  C  C   . PRO A 1 78  ? -7.143  0.196   3.451   1.00 83.66  ? 78  PRO A C   1 
ATOM   552  O  O   . PRO A 1 78  ? -6.139  0.444   4.130   1.00 84.75  ? 78  PRO A O   1 
ATOM   553  C  CB  . PRO A 1 78  ? -9.212  -1.014  4.223   1.00 80.91  ? 78  PRO A CB  1 
ATOM   554  C  CG  . PRO A 1 78  ? -10.653 -0.797  3.915   1.00 81.25  ? 78  PRO A CG  1 
ATOM   555  C  CD  . PRO A 1 78  ? -10.681 0.268   2.857   1.00 82.89  ? 78  PRO A CD  1 
ATOM   556  N  N   . LEU A 1 79  ? -7.108  -0.222  2.187   1.00 79.37  ? 79  LEU A N   1 
ATOM   557  C  CA  . LEU A 1 79  ? -5.880  -0.338  1.411   1.00 77.70  ? 79  LEU A CA  1 
ATOM   558  C  C   . LEU A 1 79  ? -5.146  1.001   1.181   1.00 77.58  ? 79  LEU A C   1 
ATOM   559  O  O   . LEU A 1 79  ? -3.934  1.001   0.979   1.00 76.71  ? 79  LEU A O   1 
ATOM   560  C  CB  . LEU A 1 79  ? -6.188  -1.005  0.060   1.00 73.54  ? 79  LEU A CB  1 
ATOM   561  N  N   . LEU A 1 80  ? -5.863  2.128   1.220   1.00 83.35  ? 80  LEU A N   1 
ATOM   562  C  CA  . LEU A 1 80  ? -5.265  3.460   0.970   1.00 91.38  ? 80  LEU A CA  1 
ATOM   563  C  C   . LEU A 1 80  ? -5.006  4.337   2.219   1.00 99.30  ? 80  LEU A C   1 
ATOM   564  O  O   . LEU A 1 80  ? -4.811  5.554   2.094   1.00 94.99  ? 80  LEU A O   1 
ATOM   565  C  CB  . LEU A 1 80  ? -6.141  4.238   -0.026  1.00 88.14  ? 80  LEU A CB  1 
ATOM   566  N  N   . THR A 1 81  ? -5.007  3.745   3.412   1.00 109.92 ? 81  THR A N   1 
ATOM   567  C  CA  . THR A 1 81  ? -4.643  4.488   4.622   1.00 114.59 ? 81  THR A CA  1 
ATOM   568  C  C   . THR A 1 81  ? -3.993  3.646   5.740   1.00 118.59 ? 81  THR A C   1 
ATOM   569  O  O   . THR A 1 81  ? -4.392  3.783   6.907   1.00 123.62 ? 81  THR A O   1 
ATOM   570  C  CB  . THR A 1 81  ? -5.887  5.216   5.190   1.00 111.51 ? 81  THR A CB  1 
ATOM   571  N  N   . PRO A 1 82  ? -2.984  2.791   5.408   1.00 116.33 ? 82  PRO A N   1 
ATOM   572  C  CA  . PRO A 1 82  ? -2.301  2.068   6.506   1.00 116.36 ? 82  PRO A CA  1 
ATOM   573  C  C   . PRO A 1 82  ? -1.544  2.982   7.493   1.00 115.57 ? 82  PRO A C   1 
ATOM   574  O  O   . PRO A 1 82  ? -2.004  3.212   8.618   1.00 104.03 ? 82  PRO A O   1 
ATOM   575  C  CB  . PRO A 1 82  ? -1.313  1.145   5.765   1.00 115.23 ? 82  PRO A CB  1 
ATOM   576  C  CG  . PRO A 1 82  ? -1.842  1.036   4.374   1.00 113.56 ? 82  PRO A CG  1 
ATOM   577  C  CD  . PRO A 1 82  ? -2.452  2.377   4.090   1.00 113.46 ? 82  PRO A CD  1 
ATOM   578  N  N   . GLU A 1 87  ? 0.253   0.913   14.393  1.00 86.54  ? 87  GLU A N   1 
ATOM   579  C  CA  . GLU A 1 87  ? 1.515   1.055   15.121  1.00 92.97  ? 87  GLU A CA  1 
ATOM   580  C  C   . GLU A 1 87  ? 1.370   2.027   16.336  1.00 94.60  ? 87  GLU A C   1 
ATOM   581  O  O   . GLU A 1 87  ? 0.545   1.782   17.221  1.00 95.58  ? 87  GLU A O   1 
ATOM   582  C  CB  . GLU A 1 87  ? 2.632   1.455   14.130  1.00 94.92  ? 87  GLU A CB  1 
ATOM   583  C  CG  . GLU A 1 87  ? 4.056   1.466   14.706  1.00 95.74  ? 87  GLU A CG  1 
ATOM   584  C  CD  . GLU A 1 87  ? 4.873   2.672   14.268  1.00 92.42  ? 87  GLU A CD  1 
ATOM   585  O  OE1 . GLU A 1 87  ? 5.605   2.549   13.259  1.00 87.23  ? 87  GLU A OE1 1 
ATOM   586  O  OE2 . GLU A 1 87  ? 4.786   3.729   14.945  1.00 85.89  ? 87  GLU A OE2 1 
ATOM   587  N  N   . ASN A 1 88  ? 2.140   3.122   16.353  1.00 97.02  ? 88  ASN A N   1 
ATOM   588  C  CA  . ASN A 1 88  ? 2.219   4.104   17.451  1.00 97.51  ? 88  ASN A CA  1 
ATOM   589  C  C   . ASN A 1 88  ? 2.097   3.591   18.891  1.00 91.49  ? 88  ASN A C   1 
ATOM   590  O  O   . ASN A 1 88  ? 1.256   4.045   19.676  1.00 88.58  ? 88  ASN A O   1 
ATOM   591  C  CB  . ASN A 1 88  ? 1.286   5.281   17.148  1.00 95.94  ? 88  ASN A CB  1 
ATOM   592  C  CG  . ASN A 1 88  ? 1.690   6.009   15.868  1.00 99.74  ? 88  ASN A CG  1 
ATOM   593  O  OD1 . ASN A 1 88  ? 2.882   6.143   15.567  1.00 100.65 ? 88  ASN A OD1 1 
ATOM   594  N  ND2 . ASN A 1 88  ? 0.706   6.456   15.096  1.00 105.13 ? 88  ASN A ND2 1 
ATOM   595  N  N   . ILE A 1 89  ? 2.998   2.665   19.211  1.00 87.15  ? 89  ILE A N   1 
ATOM   596  C  CA  . ILE A 1 89  ? 3.149   2.129   20.554  1.00 81.80  ? 89  ILE A CA  1 
ATOM   597  C  C   . ILE A 1 89  ? 4.194   3.000   21.258  1.00 82.64  ? 89  ILE A C   1 
ATOM   598  O  O   . ILE A 1 89  ? 4.944   3.749   20.604  1.00 78.88  ? 89  ILE A O   1 
ATOM   599  C  CB  . ILE A 1 89  ? 3.592   0.639   20.549  1.00 79.45  ? 89  ILE A CB  1 
ATOM   600  C  CG1 . ILE A 1 89  ? 2.887   -0.139  19.424  1.00 76.57  ? 89  ILE A CG1 1 
ATOM   601  C  CG2 . ILE A 1 89  ? 3.346   0.003   21.919  1.00 81.50  ? 89  ILE A CG2 1 
ATOM   602  C  CD1 . ILE A 1 89  ? 2.868   -1.646  19.581  1.00 77.01  ? 89  ILE A CD1 1 
ATOM   603  N  N   . GLU A 1 90  ? 4.192   2.927   22.588  1.00 80.86  ? 90  GLU A N   1 
ATOM   604  C  CA  . GLU A 1 90  ? 5.195   3.555   23.443  1.00 84.14  ? 90  GLU A CA  1 
ATOM   605  C  C   . GLU A 1 90  ? 5.748   2.534   24.430  1.00 81.86  ? 90  GLU A C   1 
ATOM   606  O  O   . GLU A 1 90  ? 5.018   1.632   24.859  1.00 82.90  ? 90  GLU A O   1 
ATOM   607  C  CB  . GLU A 1 90  ? 4.557   4.695   24.246  1.00 90.10  ? 90  GLU A CB  1 
ATOM   608  C  CG  . GLU A 1 90  ? 4.249   5.959   23.446  1.00 91.64  ? 90  GLU A CG  1 
ATOM   609  C  CD  . GLU A 1 90  ? 2.759   6.218   23.219  1.00 94.78  ? 90  GLU A CD  1 
ATOM   610  O  OE1 . GLU A 1 90  ? 2.450   6.925   22.232  1.00 100.06 ? 90  GLU A OE1 1 
ATOM   611  O  OE2 . GLU A 1 90  ? 1.902   5.739   24.004  1.00 92.04  ? 90  GLU A OE2 1 
ATOM   612  N  N   . LYS A 1 91  ? 7.021   2.693   24.810  1.00 77.53  ? 91  LYS A N   1 
ATOM   613  C  CA  . LYS A 1 91  ? 7.597   1.935   25.930  1.00 75.52  ? 91  LYS A CA  1 
ATOM   614  C  C   . LYS A 1 91  ? 6.681   2.118   27.138  1.00 76.73  ? 91  LYS A C   1 
ATOM   615  O  O   . LYS A 1 91  ? 6.246   3.240   27.439  1.00 81.51  ? 91  LYS A O   1 
ATOM   616  C  CB  . LYS A 1 91  ? 9.024   2.396   26.260  1.00 71.03  ? 91  LYS A CB  1 
ATOM   617  N  N   . GLY A 1 92  ? 6.349   1.005   27.787  1.00 75.36  ? 92  GLY A N   1 
ATOM   618  C  CA  . GLY A 1 92  ? 5.422   1.007   28.915  1.00 75.85  ? 92  GLY A CA  1 
ATOM   619  C  C   . GLY A 1 92  ? 4.007   0.568   28.580  1.00 76.11  ? 92  GLY A C   1 
ATOM   620  O  O   . GLY A 1 92  ? 3.230   0.268   29.494  1.00 81.08  ? 92  GLY A O   1 
ATOM   621  N  N   . ASP A 1 93  ? 3.655   0.532   27.293  1.00 71.95  ? 93  ASP A N   1 
ATOM   622  C  CA  . ASP A 1 93  ? 2.350   0.016   26.879  1.00 69.77  ? 93  ASP A CA  1 
ATOM   623  C  C   . ASP A 1 93  ? 2.306   -1.491  27.081  1.00 68.69  ? 93  ASP A C   1 
ATOM   624  O  O   . ASP A 1 93  ? 3.303   -2.173  26.864  1.00 70.36  ? 93  ASP A O   1 
ATOM   625  C  CB  . ASP A 1 93  ? 2.057   0.368   25.422  1.00 69.00  ? 93  ASP A CB  1 
ATOM   626  C  CG  . ASP A 1 93  ? 1.901   1.862   25.203  1.00 72.47  ? 93  ASP A CG  1 
ATOM   627  O  OD1 . ASP A 1 93  ? 2.025   2.643   26.174  1.00 74.88  ? 93  ASP A OD1 1 
ATOM   628  O  OD2 . ASP A 1 93  ? 1.671   2.263   24.041  1.00 79.14  ? 93  ASP A OD2 1 
ATOM   629  N  N   . VAL A 1 94  ? 1.164   -1.991  27.547  1.00 68.21  ? 94  VAL A N   1 
ATOM   630  C  CA  . VAL A 1 94  ? 0.933   -3.434  27.660  1.00 66.70  ? 94  VAL A CA  1 
ATOM   631  C  C   . VAL A 1 94  ? 0.254   -3.868  26.367  1.00 64.49  ? 94  VAL A C   1 
ATOM   632  O  O   . VAL A 1 94  ? -0.591  -3.151  25.833  1.00 64.15  ? 94  VAL A O   1 
ATOM   633  C  CB  . VAL A 1 94  ? 0.083   -3.793  28.902  1.00 65.28  ? 94  VAL A CB  1 
ATOM   634  C  CG1 . VAL A 1 94  ? -0.241  -5.286  28.953  1.00 63.25  ? 94  VAL A CG1 1 
ATOM   635  C  CG2 . VAL A 1 94  ? 0.819   -3.367  30.166  1.00 66.46  ? 94  VAL A CG2 1 
ATOM   636  N  N   . VAL A 1 95  ? 0.643   -5.032  25.867  1.00 63.45  ? 95  VAL A N   1 
ATOM   637  C  CA  . VAL A 1 95  ? 0.160   -5.541  24.591  1.00 65.73  ? 95  VAL A CA  1 
ATOM   638  C  C   . VAL A 1 95  ? -0.180  -7.022  24.711  1.00 70.55  ? 95  VAL A C   1 
ATOM   639  O  O   . VAL A 1 95  ? 0.189   -7.661  25.692  1.00 74.32  ? 95  VAL A O   1 
ATOM   640  C  CB  . VAL A 1 95  ? 1.207   -5.329  23.470  1.00 65.59  ? 95  VAL A CB  1 
ATOM   641  C  CG1 . VAL A 1 95  ? 1.443   -3.843  23.219  1.00 66.44  ? 95  VAL A CG1 1 
ATOM   642  C  CG2 . VAL A 1 95  ? 2.536   -6.008  23.795  1.00 65.72  ? 95  VAL A CG2 1 
ATOM   643  N  N   . GLU A 1 96  ? -0.902  -7.547  23.722  1.00 75.69  ? 96  GLU A N   1 
ATOM   644  C  CA  . GLU A 1 96  ? -1.118  -8.990  23.575  1.00 78.19  ? 96  GLU A CA  1 
ATOM   645  C  C   . GLU A 1 96  ? -0.495  -9.432  22.256  1.00 80.36  ? 96  GLU A C   1 
ATOM   646  O  O   . GLU A 1 96  ? -0.668  -8.766  21.228  1.00 78.92  ? 96  GLU A O   1 
ATOM   647  C  CB  . GLU A 1 96  ? -2.610  -9.356  23.589  1.00 80.11  ? 96  GLU A CB  1 
ATOM   648  C  CG  . GLU A 1 96  ? -2.873  -10.867 23.596  1.00 82.54  ? 96  GLU A CG  1 
ATOM   649  C  CD  . GLU A 1 96  ? -4.330  -11.241 23.340  1.00 82.77  ? 96  GLU A CD  1 
ATOM   650  O  OE1 . GLU A 1 96  ? -5.221  -10.749 24.068  1.00 80.32  ? 96  GLU A OE1 1 
ATOM   651  O  OE2 . GLU A 1 96  ? -4.587  -12.050 22.421  1.00 81.38  ? 96  GLU A OE2 1 
ATOM   652  N  N   . ILE A 1 97  ? 0.214   -10.560 22.291  1.00 79.49  ? 97  ILE A N   1 
ATOM   653  C  CA  . ILE A 1 97  ? 0.832   -11.113 21.092  1.00 81.00  ? 97  ILE A CA  1 
ATOM   654  C  C   . ILE A 1 97  ? -0.234  -11.895 20.338  1.00 78.61  ? 97  ILE A C   1 
ATOM   655  O  O   . ILE A 1 97  ? -0.821  -12.845 20.864  1.00 76.48  ? 97  ILE A O   1 
ATOM   656  C  CB  . ILE A 1 97  ? 2.066   -11.995 21.404  1.00 84.32  ? 97  ILE A CB  1 
ATOM   657  C  CG1 . ILE A 1 97  ? 3.125   -11.185 22.164  1.00 82.47  ? 97  ILE A CG1 1 
ATOM   658  C  CG2 . ILE A 1 97  ? 2.688   -12.546 20.117  1.00 84.28  ? 97  ILE A CG2 1 
ATOM   659  C  CD1 . ILE A 1 97  ? 4.157   -12.050 22.850  1.00 85.25  ? 97  ILE A CD1 1 
ATOM   660  N  N   . ILE A 1 98  ? -0.458  -11.479 19.097  1.00 81.74  ? 98  ILE A N   1 
ATOM   661  C  CA  . ILE A 1 98  ? -1.549  -11.994 18.269  1.00 86.35  ? 98  ILE A CA  1 
ATOM   662  C  C   . ILE A 1 98  ? -1.111  -13.104 17.309  1.00 87.92  ? 98  ILE A C   1 
ATOM   663  O  O   . ILE A 1 98  ? -1.960  -13.868 16.842  1.00 92.88  ? 98  ILE A O   1 
ATOM   664  C  CB  . ILE A 1 98  ? -2.268  -10.861 17.488  1.00 85.66  ? 98  ILE A CB  1 
ATOM   665  C  CG1 . ILE A 1 98  ? -1.309  -10.076 16.576  1.00 84.97  ? 98  ILE A CG1 1 
ATOM   666  C  CG2 . ILE A 1 98  ? -2.944  -9.910  18.465  1.00 84.98  ? 98  ILE A CG2 1 
ATOM   667  C  CD1 . ILE A 1 98  ? -2.016  -9.266  15.513  1.00 84.30  ? 98  ILE A CD1 1 
ATOM   668  N  N   . ALA A 1 99  ? 0.190   -13.192 17.020  1.00 84.48  ? 99  ALA A N   1 
ATOM   669  C  CA  . ALA A 1 99  ? 0.734   -14.238 16.151  1.00 86.12  ? 99  ALA A CA  1 
ATOM   670  C  C   . ALA A 1 99  ? 1.559   -15.255 16.953  1.00 84.49  ? 99  ALA A C   1 
ATOM   671  O  O   . ALA A 1 99  ? 2.789   -15.231 16.949  1.00 78.61  ? 99  ALA A O   1 
ATOM   672  C  CB  . ALA A 1 99  ? 1.568   -13.610 15.043  1.00 89.81  ? 99  ALA A CB  1 
ATOM   673  N  N   . PRO A 1 101 ? 4.020   -18.268 18.182  1.00 92.74  ? 101 PRO A N   1 
ATOM   674  C  CA  . PRO A 1 101 ? 4.688   -18.995 19.270  1.00 89.92  ? 101 PRO A CA  1 
ATOM   675  C  C   . PRO A 1 101 ? 4.232   -18.580 20.664  1.00 85.69  ? 101 PRO A C   1 
ATOM   676  O  O   . PRO A 1 101 ? 4.239   -19.418 21.562  1.00 85.06  ? 101 PRO A O   1 
ATOM   677  C  CB  . PRO A 1 101 ? 6.168   -18.646 19.079  1.00 91.47  ? 101 PRO A CB  1 
ATOM   678  C  CG  . PRO A 1 101 ? 6.292   -18.288 17.638  1.00 92.65  ? 101 PRO A CG  1 
ATOM   679  C  CD  . PRO A 1 101 ? 4.986   -17.643 17.261  1.00 91.87  ? 101 PRO A CD  1 
ATOM   680  N  N   . PHE A 1 102 ? 3.873   -17.305 20.844  1.00 78.11  ? 102 PHE A N   1 
ATOM   681  C  CA  . PHE A 1 102 ? 3.276   -16.841 22.095  1.00 72.61  ? 102 PHE A CA  1 
ATOM   682  C  C   . PHE A 1 102 ? 1.915   -16.210 21.897  1.00 69.29  ? 102 PHE A C   1 
ATOM   683  O  O   . PHE A 1 102 ? 1.560   -15.298 22.628  1.00 63.48  ? 102 PHE A O   1 
ATOM   684  C  CB  . PHE A 1 102 ? 4.212   -15.860 22.780  1.00 76.83  ? 102 PHE A CB  1 
ATOM   685  C  CG  . PHE A 1 102 ? 5.538   -16.451 23.112  1.00 81.95  ? 102 PHE A CG  1 
ATOM   686  C  CD1 . PHE A 1 102 ? 5.622   -17.506 24.013  1.00 84.73  ? 102 PHE A CD1 1 
ATOM   687  C  CD2 . PHE A 1 102 ? 6.704   -15.977 22.521  1.00 84.57  ? 102 PHE A CD2 1 
ATOM   688  C  CE1 . PHE A 1 102 ? 6.848   -18.080 24.327  1.00 86.24  ? 102 PHE A CE1 1 
ATOM   689  C  CE2 . PHE A 1 102 ? 7.936   -16.546 22.835  1.00 86.87  ? 102 PHE A CE2 1 
ATOM   690  C  CZ  . PHE A 1 102 ? 8.008   -17.601 23.738  1.00 84.31  ? 102 PHE A CZ  1 
ATOM   691  N  N   . LYS A 1 103 ? 1.130   -16.717 20.944  1.00 71.92  ? 103 LYS A N   1 
ATOM   692  C  CA  . LYS A 1 103 ? -0.220  -16.193 20.706  1.00 74.41  ? 103 LYS A CA  1 
ATOM   693  C  C   . LYS A 1 103 ? -1.006  -16.099 22.023  1.00 76.96  ? 103 LYS A C   1 
ATOM   694  O  O   . LYS A 1 103 ? -0.865  -16.961 22.896  1.00 76.84  ? 103 LYS A O   1 
ATOM   695  C  CB  . LYS A 1 103 ? -0.969  -17.067 19.694  1.00 74.40  ? 103 LYS A CB  1 
ATOM   696  N  N   . GLY A 1 104 ? -1.783  -15.027 22.183  1.00 80.18  ? 104 GLY A N   1 
ATOM   697  C  CA  . GLY A 1 104 ? -2.623  -14.835 23.373  1.00 79.78  ? 104 GLY A CA  1 
ATOM   698  C  C   . GLY A 1 104 ? -1.928  -14.390 24.654  1.00 78.93  ? 104 GLY A C   1 
ATOM   699  O  O   . GLY A 1 104 ? -2.587  -14.273 25.694  1.00 78.19  ? 104 GLY A O   1 
ATOM   700  N  N   . GLU A 1 105 ? -0.620  -14.123 24.588  1.00 78.45  ? 105 GLU A N   1 
ATOM   701  C  CA  . GLU A 1 105 ? 0.175   -13.749 25.770  1.00 77.84  ? 105 GLU A CA  1 
ATOM   702  C  C   . GLU A 1 105 ? 0.260   -12.231 25.928  1.00 76.51  ? 105 GLU A C   1 
ATOM   703  O  O   . GLU A 1 105 ? 0.609   -11.525 24.977  1.00 73.03  ? 105 GLU A O   1 
ATOM   704  C  CB  . GLU A 1 105 ? 1.588   -14.331 25.680  1.00 78.18  ? 105 GLU A CB  1 
ATOM   705  C  CG  . GLU A 1 105 ? 1.645   -15.841 25.891  1.00 80.18  ? 105 GLU A CG  1 
ATOM   706  C  CD  . GLU A 1 105 ? 1.951   -16.260 27.325  1.00 80.04  ? 105 GLU A CD  1 
ATOM   707  O  OE1 . GLU A 1 105 ? 2.098   -15.392 28.215  1.00 83.09  ? 105 GLU A OE1 1 
ATOM   708  O  OE2 . GLU A 1 105 ? 2.052   -17.481 27.561  1.00 79.40  ? 105 GLU A OE2 1 
ATOM   709  N  N   . ARG A 1 106 ? -0.059  -11.745 27.132  1.00 73.45  ? 106 ARG A N   1 
ATOM   710  C  CA  . ARG A 1 106 ? 0.045   -10.327 27.459  1.00 71.87  ? 106 ARG A CA  1 
ATOM   711  C  C   . ARG A 1 106 ? 1.482   -10.027 27.874  1.00 75.03  ? 106 ARG A C   1 
ATOM   712  O  O   . ARG A 1 106 ? 2.172   -10.904 28.413  1.00 77.01  ? 106 ARG A O   1 
ATOM   713  C  CB  . ARG A 1 106 ? -0.933  -9.947  28.575  1.00 71.78  ? 106 ARG A CB  1 
ATOM   714  N  N   . ALA A 1 107 ? 1.927   -8.792  27.618  1.00 75.49  ? 107 ALA A N   1 
ATOM   715  C  CA  . ALA A 1 107 ? 3.333   -8.392  27.818  1.00 72.27  ? 107 ALA A CA  1 
ATOM   716  C  C   . ALA A 1 107 ? 3.492   -6.875  27.844  1.00 68.77  ? 107 ALA A C   1 
ATOM   717  O  O   . ALA A 1 107 ? 2.735   -6.177  27.174  1.00 71.70  ? 107 ALA A O   1 
ATOM   718  C  CB  . ALA A 1 107 ? 4.197   -8.977  26.705  1.00 72.92  ? 107 ALA A CB  1 
ATOM   719  N  N   . LYS A 1 108 ? 4.474   -6.369  28.596  1.00 64.44  ? 108 LYS A N   1 
ATOM   720  C  CA  . LYS A 1 108 ? 4.793   -4.932  28.584  1.00 65.14  ? 108 LYS A CA  1 
ATOM   721  C  C   . LYS A 1 108 ? 5.862   -4.640  27.544  1.00 66.14  ? 108 LYS A C   1 
ATOM   722  O  O   . LYS A 1 108 ? 6.789   -5.425  27.333  1.00 62.98  ? 108 LYS A O   1 
ATOM   723  C  CB  . LYS A 1 108 ? 5.251   -4.414  29.959  1.00 63.11  ? 108 LYS A CB  1 
ATOM   724  N  N   . VAL A 1 109 ? 5.713   -3.495  26.895  1.00 69.01  ? 109 VAL A N   1 
ATOM   725  C  CA  . VAL A 1 109 ? 6.653   -3.038  25.893  1.00 72.33  ? 109 VAL A CA  1 
ATOM   726  C  C   . VAL A 1 109 ? 7.810   -2.394  26.632  1.00 74.53  ? 109 VAL A C   1 
ATOM   727  O  O   . VAL A 1 109 ? 7.586   -1.639  27.578  1.00 83.97  ? 109 VAL A O   1 
ATOM   728  C  CB  . VAL A 1 109 ? 5.985   -2.020  24.951  1.00 74.99  ? 109 VAL A CB  1 
ATOM   729  C  CG1 . VAL A 1 109 ? 6.989   -1.408  23.977  1.00 78.28  ? 109 VAL A CG1 1 
ATOM   730  C  CG2 . VAL A 1 109 ? 4.855   -2.689  24.178  1.00 74.37  ? 109 VAL A CG2 1 
ATOM   731  N  N   . ILE A 1 110 ? 9.032   -2.683  26.192  1.00 71.04  ? 110 ILE A N   1 
ATOM   732  C  CA  . ILE A 1 110 ? 10.237  -2.118  26.818  1.00 74.12  ? 110 ILE A CA  1 
ATOM   733  C  C   . ILE A 1 110 ? 11.170  -1.358  25.853  1.00 79.74  ? 110 ILE A C   1 
ATOM   734  O  O   . ILE A 1 110 ? 11.810  -0.382  26.263  1.00 89.20  ? 110 ILE A O   1 
ATOM   735  C  CB  . ILE A 1 110 ? 11.020  -3.176  27.637  1.00 69.73  ? 110 ILE A CB  1 
ATOM   736  C  CG1 . ILE A 1 110 ? 11.167  -4.472  26.853  1.00 68.06  ? 110 ILE A CG1 1 
ATOM   737  C  CG2 . ILE A 1 110 ? 10.318  -3.446  28.962  1.00 69.40  ? 110 ILE A CG2 1 
ATOM   738  C  CD1 . ILE A 1 110 ? 12.036  -5.511  27.529  1.00 69.20  ? 110 ILE A CD1 1 
ATOM   739  N  N   . ARG A 1 111 ? 11.251  -1.787  24.597  1.00 77.10  ? 111 ARG A N   1 
ATOM   740  C  CA  . ARG A 1 111 ? 11.988  -1.050  23.567  1.00 76.93  ? 111 ARG A CA  1 
ATOM   741  C  C   . ARG A 1 111 ? 11.158  -1.030  22.285  1.00 77.87  ? 111 ARG A C   1 
ATOM   742  O  O   . ARG A 1 111 ? 10.704  -2.088  21.841  1.00 83.30  ? 111 ARG A O   1 
ATOM   743  C  CB  . ARG A 1 111 ? 13.341  -1.721  23.311  1.00 74.58  ? 111 ARG A CB  1 
ATOM   744  N  N   . VAL A 1 112 ? 10.943  0.158   21.709  1.00 76.31  ? 112 VAL A N   1 
ATOM   745  C  CA  . VAL A 1 112 ? 10.201  0.316   20.437  1.00 74.90  ? 112 VAL A CA  1 
ATOM   746  C  C   . VAL A 1 112 ? 11.162  0.734   19.322  1.00 74.74  ? 112 VAL A C   1 
ATOM   747  O  O   . VAL A 1 112 ? 11.790  1.799   19.409  1.00 73.53  ? 112 VAL A O   1 
ATOM   748  C  CB  . VAL A 1 112 ? 9.059   1.360   20.550  1.00 72.06  ? 112 VAL A CB  1 
ATOM   749  C  CG1 . VAL A 1 112 ? 8.429   1.642   19.188  1.00 74.24  ? 112 VAL A CG1 1 
ATOM   750  C  CG2 . VAL A 1 112 ? 7.990   0.874   21.518  1.00 71.38  ? 112 VAL A CG2 1 
ATOM   751  N  N   . ASP A 1 113 ? 11.242  -0.094  18.277  1.00 73.09  ? 113 ASP A N   1 
ATOM   752  C  CA  . ASP A 1 113 ? 12.151  0.120   17.145  1.00 74.97  ? 113 ASP A CA  1 
ATOM   753  C  C   . ASP A 1 113 ? 11.347  0.752   16.004  1.00 72.05  ? 113 ASP A C   1 
ATOM   754  O  O   . ASP A 1 113 ? 10.675  0.053   15.240  1.00 70.79  ? 113 ASP A O   1 
ATOM   755  C  CB  . ASP A 1 113 ? 12.787  -1.231  16.731  1.00 80.98  ? 113 ASP A CB  1 
ATOM   756  C  CG  . ASP A 1 113 ? 14.199  -1.097  16.156  1.00 86.74  ? 113 ASP A CG  1 
ATOM   757  O  OD1 . ASP A 1 113 ? 15.058  -0.499  16.832  1.00 99.90  ? 113 ASP A OD1 1 
ATOM   758  O  OD2 . ASP A 1 113 ? 14.471  -1.638  15.058  1.00 82.48  ? 113 ASP A OD2 1 
ATOM   759  N  N   . LYS A 1 114 ? 11.399  2.076   15.897  1.00 68.21  ? 114 LYS A N   1 
ATOM   760  C  CA  . LYS A 1 114 ? 10.747  2.763   14.784  1.00 68.31  ? 114 LYS A CA  1 
ATOM   761  C  C   . LYS A 1 114 ? 11.449  2.505   13.429  1.00 69.76  ? 114 LYS A C   1 
ATOM   762  O  O   . LYS A 1 114 ? 10.888  2.826   12.390  1.00 75.66  ? 114 LYS A O   1 
ATOM   763  C  CB  . LYS A 1 114 ? 10.645  4.268   15.067  1.00 68.20  ? 114 LYS A CB  1 
ATOM   764  N  N   . HIS A 1 115 ? 12.656  1.927   13.445  1.00 71.45  ? 115 HIS A N   1 
ATOM   765  C  CA  . HIS A 1 115 ? 13.437  1.641   12.231  1.00 73.24  ? 115 HIS A CA  1 
ATOM   766  C  C   . HIS A 1 115 ? 13.143  0.253   11.648  1.00 72.73  ? 115 HIS A C   1 
ATOM   767  O  O   . HIS A 1 115 ? 12.461  0.142   10.630  1.00 74.00  ? 115 HIS A O   1 
ATOM   768  C  CB  . HIS A 1 115 ? 14.937  1.773   12.523  1.00 80.92  ? 115 HIS A CB  1 
ATOM   769  C  CG  . HIS A 1 115 ? 15.338  3.118   13.036  1.00 87.68  ? 115 HIS A CG  1 
ATOM   770  N  ND1 . HIS A 1 115 ? 15.498  4.215   12.216  1.00 91.44  ? 115 HIS A ND1 1 
ATOM   771  C  CD2 . HIS A 1 115 ? 15.619  3.542   14.291  1.00 93.61  ? 115 HIS A CD2 1 
ATOM   772  C  CE1 . HIS A 1 115 ? 15.855  5.258   12.944  1.00 95.44  ? 115 HIS A CE1 1 
ATOM   773  N  NE2 . HIS A 1 115 ? 15.939  4.876   14.206  1.00 97.58  ? 115 HIS A NE2 1 
ATOM   774  N  N   . LYS A 1 116 ? 13.637  -0.807  12.298  1.00 74.82  ? 116 LYS A N   1 
ATOM   775  C  CA  . LYS A 1 116 ? 13.294  -2.187  11.914  1.00 74.63  ? 116 LYS A CA  1 
ATOM   776  C  C   . LYS A 1 116 ? 11.797  -2.499  12.122  1.00 68.81  ? 116 LYS A C   1 
ATOM   777  O  O   . LYS A 1 116 ? 11.324  -3.566  11.732  1.00 63.24  ? 116 LYS A O   1 
ATOM   778  C  CB  . LYS A 1 116 ? 14.163  -3.205  12.685  1.00 74.35  ? 116 LYS A CB  1 
ATOM   779  N  N   . GLU A 1 117 ? 11.065  -1.578  12.757  1.00 67.21  ? 117 GLU A N   1 
ATOM   780  C  CA  . GLU A 1 117 ? 9.617   -1.683  12.934  1.00 68.60  ? 117 GLU A CA  1 
ATOM   781  C  C   . GLU A 1 117 ? 9.312   -2.930  13.751  1.00 71.35  ? 117 GLU A C   1 
ATOM   782  O  O   . GLU A 1 117 ? 8.377   -3.683  13.459  1.00 76.14  ? 117 GLU A O   1 
ATOM   783  C  CB  . GLU A 1 117 ? 8.888   -1.635  11.578  1.00 68.52  ? 117 GLU A CB  1 
ATOM   784  C  CG  . GLU A 1 117 ? 7.777   -0.590  11.524  1.00 68.44  ? 117 GLU A CG  1 
ATOM   785  C  CD  . GLU A 1 117 ? 7.557   -0.037  10.131  1.00 66.15  ? 117 GLU A CD  1 
ATOM   786  O  OE1 . GLU A 1 117 ? 8.047   1.082   9.843   1.00 58.99  ? 117 GLU A OE1 1 
ATOM   787  O  OE2 . GLU A 1 117 ? 6.906   -0.734  9.325   1.00 65.97  ? 117 GLU A OE2 1 
ATOM   788  N  N   . GLU A 1 118 ? 10.154  -3.124  14.769  1.00 71.54  ? 118 GLU A N   1 
ATOM   789  C  CA  . GLU A 1 118 ? 10.116  -4.245  15.700  1.00 65.24  ? 118 GLU A CA  1 
ATOM   790  C  C   . GLU A 1 118 ? 9.712   -3.653  17.042  1.00 65.31  ? 118 GLU A C   1 
ATOM   791  O  O   . GLU A 1 118 ? 9.744   -2.430  17.230  1.00 65.81  ? 118 GLU A O   1 
ATOM   792  C  CB  . GLU A 1 118 ? 11.507  -4.898  15.849  1.00 65.74  ? 118 GLU A CB  1 
ATOM   793  C  CG  . GLU A 1 118 ? 12.259  -5.240  14.565  1.00 66.38  ? 118 GLU A CG  1 
ATOM   794  C  CD  . GLU A 1 118 ? 12.172  -6.708  14.177  1.00 70.19  ? 118 GLU A CD  1 
ATOM   795  O  OE1 . GLU A 1 118 ? 12.689  -7.553  14.925  1.00 76.35  ? 118 GLU A OE1 1 
ATOM   796  O  OE2 . GLU A 1 118 ? 11.611  -7.033  13.110  1.00 74.04  ? 118 GLU A OE2 1 
ATOM   797  N  N   . VAL A 1 119 ? 9.351   -4.523  17.979  1.00 67.77  ? 119 VAL A N   1 
ATOM   798  C  CA  . VAL A 1 119 ? 9.042   -4.134  19.364  1.00 68.90  ? 119 VAL A CA  1 
ATOM   799  C  C   . VAL A 1 119 ? 9.552   -5.202  20.337  1.00 68.93  ? 119 VAL A C   1 
ATOM   800  O  O   . VAL A 1 119 ? 9.342   -6.398  20.118  1.00 66.79  ? 119 VAL A O   1 
ATOM   801  C  CB  . VAL A 1 119 ? 7.532   -3.910  19.560  1.00 68.23  ? 119 VAL A CB  1 
ATOM   802  C  CG1 . VAL A 1 119 ? 7.188   -3.732  21.021  1.00 70.37  ? 119 VAL A CG1 1 
ATOM   803  C  CG2 . VAL A 1 119 ? 7.097   -2.666  18.814  1.00 70.85  ? 119 VAL A CG2 1 
ATOM   804  N  N   . THR A 1 120 ? 10.205  -4.750  21.406  1.00 65.62  ? 120 THR A N   1 
ATOM   805  C  CA  . THR A 1 120 ? 10.828  -5.631  22.384  1.00 68.26  ? 120 THR A CA  1 
ATOM   806  C  C   . THR A 1 120 ? 9.905   -5.707  23.604  1.00 67.79  ? 120 THR A C   1 
ATOM   807  O  O   . THR A 1 120 ? 9.472   -4.670  24.140  1.00 64.35  ? 120 THR A O   1 
ATOM   808  C  CB  . THR A 1 120 ? 12.236  -5.115  22.743  1.00 70.34  ? 120 THR A CB  1 
ATOM   809  O  OG1 . THR A 1 120 ? 13.031  -5.080  21.553  1.00 71.66  ? 120 THR A OG1 1 
ATOM   810  C  CG2 . THR A 1 120 ? 12.928  -6.003  23.773  1.00 70.90  ? 120 THR A CG2 1 
ATOM   811  N  N   . LEU A 1 121 ? 9.625   -6.942  24.033  1.00 65.43  ? 121 LEU A N   1 
ATOM   812  C  CA  . LEU A 1 121 ? 8.531   -7.258  24.957  1.00 64.98  ? 121 LEU A CA  1 
ATOM   813  C  C   . LEU A 1 121 ? 9.000   -8.026  26.188  1.00 66.15  ? 121 LEU A C   1 
ATOM   814  O  O   . LEU A 1 121 ? 9.757   -8.991  26.083  1.00 68.20  ? 121 LEU A O   1 
ATOM   815  C  CB  . LEU A 1 121 ? 7.481   -8.112  24.234  1.00 65.25  ? 121 LEU A CB  1 
ATOM   816  C  CG  . LEU A 1 121 ? 6.224   -7.511  23.578  1.00 64.95  ? 121 LEU A CG  1 
ATOM   817  C  CD1 . LEU A 1 121 ? 6.215   -5.996  23.491  1.00 63.38  ? 121 LEU A CD1 1 
ATOM   818  C  CD2 . LEU A 1 121 ? 5.996   -8.149  22.206  1.00 66.20  ? 121 LEU A CD2 1 
ATOM   819  N  N   . GLU A 1 122 ? 8.504   -7.598  27.342  1.00 66.08  ? 122 GLU A N   1 
ATOM   820  C  CA  . GLU A 1 122 ? 8.750   -8.255  28.607  1.00 67.49  ? 122 GLU A CA  1 
ATOM   821  C  C   . GLU A 1 122 ? 7.450   -8.970  29.002  1.00 70.09  ? 122 GLU A C   1 
ATOM   822  O  O   . GLU A 1 122 ? 6.520   -8.359  29.554  1.00 69.23  ? 122 GLU A O   1 
ATOM   823  C  CB  . GLU A 1 122 ? 9.157   -7.211  29.643  1.00 72.31  ? 122 GLU A CB  1 
ATOM   824  C  CG  . GLU A 1 122 ? 10.116  -7.725  30.696  1.00 80.41  ? 122 GLU A CG  1 
ATOM   825  C  CD  . GLU A 1 122 ? 10.195  -6.813  31.910  1.00 88.99  ? 122 GLU A CD  1 
ATOM   826  O  OE1 . GLU A 1 122 ? 10.611  -7.302  32.980  1.00 100.75 ? 122 GLU A OE1 1 
ATOM   827  O  OE2 . GLU A 1 122 ? 9.842   -5.614  31.809  1.00 89.30  ? 122 GLU A OE2 1 
ATOM   828  N  N   . LEU A 1 123 ? 7.380   -10.264 28.686  1.00 71.13  ? 123 LEU A N   1 
ATOM   829  C  CA  . LEU A 1 123 ? 6.201   -11.089 29.000  1.00 72.14  ? 123 LEU A CA  1 
ATOM   830  C  C   . LEU A 1 123 ? 5.828   -11.031 30.478  1.00 74.27  ? 123 LEU A C   1 
ATOM   831  O  O   . LEU A 1 123 ? 6.700   -10.921 31.340  1.00 83.76  ? 123 LEU A O   1 
ATOM   832  C  CB  . LEU A 1 123 ? 6.421   -12.558 28.587  1.00 73.74  ? 123 LEU A CB  1 
ATOM   833  C  CG  . LEU A 1 123 ? 5.977   -12.971 27.177  1.00 76.58  ? 123 LEU A CG  1 
ATOM   834  C  CD1 . LEU A 1 123 ? 6.455   -12.002 26.101  1.00 78.87  ? 123 LEU A CD1 1 
ATOM   835  C  CD2 . LEU A 1 123 ? 6.465   -14.381 26.869  1.00 76.83  ? 123 LEU A CD2 1 
ATOM   836  N  N   . GLU A 1 124 ? 4.529   -11.113 30.756  1.00 72.04  ? 124 GLU A N   1 
ATOM   837  C  CA  . GLU A 1 124 ? 4.024   -11.185 32.128  1.00 67.23  ? 124 GLU A CA  1 
ATOM   838  C  C   . GLU A 1 124 ? 4.257   -12.570 32.709  1.00 69.08  ? 124 GLU A C   1 
ATOM   839  O  O   . GLU A 1 124 ? 4.596   -12.717 33.892  1.00 68.04  ? 124 GLU A O   1 
ATOM   840  C  CB  . GLU A 1 124 ? 2.541   -10.852 32.161  1.00 65.13  ? 124 GLU A CB  1 
ATOM   841  C  CG  . GLU A 1 124 ? 2.246   -9.447  31.671  1.00 66.70  ? 124 GLU A CG  1 
ATOM   842  C  CD  . GLU A 1 124 ? 0.838   -8.993  31.989  1.00 70.10  ? 124 GLU A CD  1 
ATOM   843  O  OE1 . GLU A 1 124 ? -0.082  -9.847  31.952  1.00 73.21  ? 124 GLU A OE1 1 
ATOM   844  O  OE2 . GLU A 1 124 ? 0.660   -7.785  32.277  1.00 68.84  ? 124 GLU A OE2 1 
ATOM   845  N  N   . ASN A 1 125 ? 4.077   -13.580 31.867  1.00 69.86  ? 125 ASN A N   1 
ATOM   846  C  CA  . ASN A 1 125 ? 4.241   -14.952 32.294  1.00 76.90  ? 125 ASN A CA  1 
ATOM   847  C  C   . ASN A 1 125 ? 5.708   -15.296 32.599  1.00 81.69  ? 125 ASN A C   1 
ATOM   848  O  O   . ASN A 1 125 ? 6.625   -14.693 32.038  1.00 87.13  ? 125 ASN A O   1 
ATOM   849  C  CB  . ASN A 1 125 ? 3.677   -15.893 31.228  1.00 79.42  ? 125 ASN A CB  1 
ATOM   850  C  CG  . ASN A 1 125 ? 3.394   -17.281 31.769  1.00 85.61  ? 125 ASN A CG  1 
ATOM   851  O  OD1 . ASN A 1 125 ? 4.314   -18.010 32.156  1.00 86.41  ? 125 ASN A OD1 1 
ATOM   852  N  ND2 . ASN A 1 125 ? 2.113   -17.660 31.805  1.00 91.32  ? 125 ASN A ND2 1 
ATOM   853  N  N   . ALA A 1 126 ? 5.893   -16.262 33.505  1.00 84.57  ? 126 ALA A N   1 
ATOM   854  C  CA  . ALA A 1 126 ? 7.186   -16.921 33.818  1.00 79.50  ? 126 ALA A CA  1 
ATOM   855  C  C   . ALA A 1 126 ? 8.400   -15.995 33.871  1.00 75.08  ? 126 ALA A C   1 
ATOM   856  O  O   . ALA A 1 126 ? 9.309   -16.209 34.670  1.00 70.60  ? 126 ALA A O   1 
ATOM   857  C  CB  . ALA A 1 126 ? 7.440   -18.106 32.872  1.00 72.87  ? 126 ALA A CB  1 
ATOM   858  N  N   . PRO A 1 129 ? 10.761  -15.877 30.638  1.00 71.13  ? 129 PRO A N   1 
ATOM   859  C  CA  . PRO A 1 129 ? 11.782  -15.243 31.504  1.00 73.10  ? 129 PRO A CA  1 
ATOM   860  C  C   . PRO A 1 129 ? 12.705  -14.217 30.809  1.00 80.00  ? 129 PRO A C   1 
ATOM   861  O  O   . PRO A 1 129 ? 13.395  -13.451 31.514  1.00 78.17  ? 129 PRO A O   1 
ATOM   862  C  CB  . PRO A 1 129 ? 12.611  -16.438 32.029  1.00 69.55  ? 129 PRO A CB  1 
ATOM   863  C  CG  . PRO A 1 129 ? 12.161  -17.638 31.240  1.00 68.25  ? 129 PRO A CG  1 
ATOM   864  C  CD  . PRO A 1 129 ? 10.779  -17.350 30.736  1.00 69.29  ? 129 PRO A CD  1 
ATOM   865  N  N   . ILE A 1 130 ? 12.685  -14.192 29.463  1.00 80.40  ? 130 ILE A N   1 
ATOM   866  C  CA  . ILE A 1 130 ? 13.618  -13.408 28.621  1.00 79.12  ? 130 ILE A CA  1 
ATOM   867  C  C   . ILE A 1 130 ? 12.844  -12.460 27.690  1.00 80.83  ? 130 ILE A C   1 
ATOM   868  O  O   . ILE A 1 130 ? 11.690  -12.741 27.338  1.00 78.70  ? 130 ILE A O   1 
ATOM   869  C  CB  . ILE A 1 130 ? 14.593  -14.276 27.754  1.00 79.05  ? 130 ILE A CB  1 
ATOM   870  C  CG1 . ILE A 1 130 ? 14.404  -15.793 27.947  1.00 79.71  ? 130 ILE A CG1 1 
ATOM   871  C  CG2 . ILE A 1 130 ? 16.042  -13.977 28.115  1.00 83.34  ? 130 ILE A CG2 1 
ATOM   872  C  CD1 . ILE A 1 130 ? 13.187  -16.407 27.279  1.00 80.81  ? 130 ILE A CD1 1 
ATOM   873  N  N   . PRO A 1 131 ? 13.465  -11.326 27.301  1.00 81.29  ? 131 PRO A N   1 
ATOM   874  C  CA  . PRO A 1 131 ? 12.789  -10.427 26.358  1.00 79.99  ? 131 PRO A CA  1 
ATOM   875  C  C   . PRO A 1 131 ? 12.583  -11.027 24.962  1.00 75.76  ? 131 PRO A C   1 
ATOM   876  O  O   . PRO A 1 131 ? 13.503  -11.629 24.400  1.00 71.73  ? 131 PRO A O   1 
ATOM   877  C  CB  . PRO A 1 131 ? 13.722  -9.208  26.294  1.00 81.76  ? 131 PRO A CB  1 
ATOM   878  C  CG  . PRO A 1 131 ? 14.467  -9.231  27.581  1.00 84.66  ? 131 PRO A CG  1 
ATOM   879  C  CD  . PRO A 1 131 ? 14.665  -10.690 27.879  1.00 83.72  ? 131 PRO A CD  1 
ATOM   880  N  N   . ILE A 1 132 ? 11.370  -10.850 24.437  1.00 75.01  ? 132 ILE A N   1 
ATOM   881  C  CA  . ILE A 1 132 ? 10.970  -11.282 23.088  1.00 72.67  ? 132 ILE A CA  1 
ATOM   882  C  C   . ILE A 1 132 ? 10.871  -10.046 22.193  1.00 70.86  ? 132 ILE A C   1 
ATOM   883  O  O   . ILE A 1 132 ? 10.279  -9.042  22.606  1.00 68.41  ? 132 ILE A O   1 
ATOM   884  C  CB  . ILE A 1 132 ? 9.570   -11.944 23.104  1.00 72.38  ? 132 ILE A CB  1 
ATOM   885  C  CG1 . ILE A 1 132 ? 9.396   -12.884 24.307  1.00 75.08  ? 132 ILE A CG1 1 
ATOM   886  C  CG2 . ILE A 1 132 ? 9.305   -12.686 21.804  1.00 72.42  ? 132 ILE A CG2 1 
ATOM   887  C  CD1 . ILE A 1 132 ? 10.437  -13.982 24.428  1.00 75.85  ? 132 ILE A CD1 1 
ATOM   888  N  N   . THR A 1 133 ? 11.434  -10.093 20.985  1.00 66.26  ? 133 THR A N   1 
ATOM   889  C  CA  . THR A 1 133 ? 11.235  -8.980  20.046  1.00 69.77  ? 133 THR A CA  1 
ATOM   890  C  C   . THR A 1 133 ? 10.409  -9.441  18.842  1.00 72.69  ? 133 THR A C   1 
ATOM   891  O  O   . THR A 1 133 ? 10.656  -10.507 18.266  1.00 70.36  ? 133 THR A O   1 
ATOM   892  C  CB  . THR A 1 133 ? 12.540  -8.268  19.603  1.00 67.27  ? 133 THR A CB  1 
ATOM   893  O  OG1 . THR A 1 133 ? 13.075  -8.893  18.437  1.00 66.24  ? 133 THR A OG1 1 
ATOM   894  C  CG2 . THR A 1 133 ? 13.582  -8.258  20.723  1.00 67.80  ? 133 THR A CG2 1 
ATOM   895  N  N   . LEU A 1 134 ? 9.420   -8.625  18.482  1.00 75.21  ? 134 LEU A N   1 
ATOM   896  C  CA  . LEU A 1 134 ? 8.482   -8.946  17.415  1.00 78.06  ? 134 LEU A CA  1 
ATOM   897  C  C   . LEU A 1 134 ? 8.276   -7.761  16.472  1.00 76.99  ? 134 LEU A C   1 
ATOM   898  O  O   . LEU A 1 134 ? 8.388   -6.612  16.902  1.00 80.85  ? 134 LEU A O   1 
ATOM   899  C  CB  . LEU A 1 134 ? 7.126   -9.327  18.020  1.00 78.34  ? 134 LEU A CB  1 
ATOM   900  C  CG  . LEU A 1 134 ? 7.070   -10.590 18.876  1.00 76.26  ? 134 LEU A CG  1 
ATOM   901  C  CD1 . LEU A 1 134 ? 5.682   -10.715 19.469  1.00 76.03  ? 134 LEU A CD1 1 
ATOM   902  C  CD2 . LEU A 1 134 ? 7.417   -11.832 18.071  1.00 77.35  ? 134 LEU A CD2 1 
ATOM   903  N  N   . PRO A 1 135 ? 7.957   -8.035  15.187  1.00 72.09  ? 135 PRO A N   1 
ATOM   904  C  CA  . PRO A 1 135 ? 7.402   -6.955  14.380  1.00 70.12  ? 135 PRO A CA  1 
ATOM   905  C  C   . PRO A 1 135 ? 6.100   -6.414  15.000  1.00 67.38  ? 135 PRO A C   1 
ATOM   906  O  O   . PRO A 1 135 ? 5.343   -7.169  15.624  1.00 63.88  ? 135 PRO A O   1 
ATOM   907  C  CB  . PRO A 1 135 ? 7.153   -7.621  13.016  1.00 72.90  ? 135 PRO A CB  1 
ATOM   908  C  CG  . PRO A 1 135 ? 7.170   -9.091  13.271  1.00 72.44  ? 135 PRO A CG  1 
ATOM   909  C  CD  . PRO A 1 135 ? 8.126   -9.273  14.400  1.00 73.82  ? 135 PRO A CD  1 
ATOM   910  N  N   . VAL A 1 136 ? 5.846   -5.122  14.813  1.00 63.31  ? 136 VAL A N   1 
ATOM   911  C  CA  . VAL A 1 136 ? 4.728   -4.453  15.484  1.00 62.12  ? 136 VAL A CA  1 
ATOM   912  C  C   . VAL A 1 136 ? 3.390   -5.009  14.987  1.00 69.06  ? 136 VAL A C   1 
ATOM   913  O  O   . VAL A 1 136 ? 2.417   -5.095  15.743  1.00 65.54  ? 136 VAL A O   1 
ATOM   914  C  CB  . VAL A 1 136 ? 4.728   -2.930  15.265  1.00 63.03  ? 136 VAL A CB  1 
ATOM   915  C  CG1 . VAL A 1 136 ? 3.929   -2.263  16.368  1.00 64.95  ? 136 VAL A CG1 1 
ATOM   916  C  CG2 . VAL A 1 136 ? 6.137   -2.336  15.223  1.00 65.34  ? 136 VAL A CG2 1 
ATOM   917  N  N   . GLU A 1 137 ? 3.365   -5.342  13.693  1.00 81.92  ? 137 GLU A N   1 
ATOM   918  C  CA  . GLU A 1 137 ? 2.328   -6.169  13.034  1.00 88.22  ? 137 GLU A CA  1 
ATOM   919  C  C   . GLU A 1 137 ? 1.787   -7.316  13.868  1.00 85.68  ? 137 GLU A C   1 
ATOM   920  O  O   . GLU A 1 137 ? 0.590   -7.580  13.849  1.00 87.48  ? 137 GLU A O   1 
ATOM   921  C  CB  . GLU A 1 137 ? 2.897   -6.809  11.759  1.00 98.81  ? 137 GLU A CB  1 
ATOM   922  C  CG  . GLU A 1 137 ? 2.433   -6.216  10.444  1.00 109.57 ? 137 GLU A CG  1 
ATOM   923  C  CD  . GLU A 1 137 ? 2.909   -7.063  9.272   1.00 119.51 ? 137 GLU A CD  1 
ATOM   924  O  OE1 . GLU A 1 137 ? 4.142   -7.119  9.051   1.00 122.59 ? 137 GLU A OE1 1 
ATOM   925  O  OE2 . GLU A 1 137 ? 2.058   -7.689  8.592   1.00 119.81 ? 137 GLU A OE2 1 
ATOM   926  N  N   . GLY A 1 138 ? 2.686   -8.019  14.554  1.00 84.14  ? 138 GLY A N   1 
ATOM   927  C  CA  . GLY A 1 138 ? 2.333   -9.191  15.349  1.00 81.62  ? 138 GLY A CA  1 
ATOM   928  C  C   . GLY A 1 138 ? 1.901   -8.948  16.786  1.00 76.11  ? 138 GLY A C   1 
ATOM   929  O  O   . GLY A 1 138 ? 1.974   -9.871  17.593  1.00 72.08  ? 138 GLY A O   1 
ATOM   930  N  N   . VAL A 1 139 ? 1.433   -7.736  17.107  1.00 72.31  ? 139 VAL A N   1 
ATOM   931  C  CA  . VAL A 1 139 ? 1.022   -7.397  18.475  1.00 68.42  ? 139 VAL A CA  1 
ATOM   932  C  C   . VAL A 1 139 ? -0.037  -6.299  18.479  1.00 70.87  ? 139 VAL A C   1 
ATOM   933  O  O   . VAL A 1 139 ? 0.023   -5.370  17.666  1.00 73.88  ? 139 VAL A O   1 
ATOM   934  C  CB  . VAL A 1 139 ? 2.245   -6.966  19.324  1.00 66.21  ? 139 VAL A CB  1 
ATOM   935  C  CG1 . VAL A 1 139 ? 2.432   -5.444  19.367  1.00 64.19  ? 139 VAL A CG1 1 
ATOM   936  C  CG2 . VAL A 1 139 ? 2.143   -7.526  20.730  1.00 65.56  ? 139 VAL A CG2 1 
ATOM   937  N  N   . LYS A 1 140 ? -0.979  -6.398  19.413  1.00 71.04  ? 140 LYS A N   1 
ATOM   938  C  CA  . LYS A 1 140 ? -2.046  -5.418  19.545  1.00 73.42  ? 140 LYS A CA  1 
ATOM   939  C  C   . LYS A 1 140 ? -2.040  -4.842  20.941  1.00 69.98  ? 140 LYS A C   1 
ATOM   940  O  O   . LYS A 1 140 ? -1.831  -5.566  21.909  1.00 70.80  ? 140 LYS A O   1 
ATOM   941  C  CB  . LYS A 1 140 ? -3.408  -6.050  19.236  1.00 82.71  ? 140 LYS A CB  1 
ATOM   942  C  CG  . LYS A 1 140 ? -3.984  -7.036  20.268  1.00 89.83  ? 140 LYS A CG  1 
ATOM   943  C  CD  . LYS A 1 140 ? -5.477  -6.816  20.536  1.00 93.99  ? 140 LYS A CD  1 
ATOM   944  C  CE  . LYS A 1 140 ? -6.263  -8.118  20.459  1.00 99.61  ? 140 LYS A CE  1 
ATOM   945  N  NZ  . LYS A 1 140 ? -7.732  -7.897  20.575  1.00 104.00 ? 140 LYS A NZ  1 
ATOM   946  N  N   . ILE A 1 141 ? -2.289  -3.545  21.050  1.00 69.50  ? 141 ILE A N   1 
ATOM   947  C  CA  . ILE A 1 141 ? -2.256  -2.881  22.347  1.00 73.57  ? 141 ILE A CA  1 
ATOM   948  C  C   . ILE A 1 141 ? -3.519  -3.284  23.128  1.00 76.22  ? 141 ILE A C   1 
ATOM   949  O  O   . ILE A 1 141 ? -4.569  -3.563  22.540  1.00 83.50  ? 141 ILE A O   1 
ATOM   950  C  CB  . ILE A 1 141 ? -2.066  -1.342  22.208  1.00 73.26  ? 141 ILE A CB  1 
ATOM   951  C  CG1 . ILE A 1 141 ? -0.763  -1.022  21.431  1.00 71.19  ? 141 ILE A CG1 1 
ATOM   952  C  CG2 . ILE A 1 141 ? -2.034  -0.664  23.581  1.00 69.91  ? 141 ILE A CG2 1 
ATOM   953  C  CD1 . ILE A 1 141 ? -0.771  0.330   20.737  1.00 70.43  ? 141 ILE A CD1 1 
ATOM   954  N  N   . VAL A 1 142 ? -3.362  -3.391  24.445  1.00 77.23  ? 142 VAL A N   1 
ATOM   955  C  CA  . VAL A 1 142 ? -4.446  -3.730  25.372  1.00 77.67  ? 142 VAL A CA  1 
ATOM   956  C  C   . VAL A 1 142 ? -4.611  -2.624  26.440  1.00 79.67  ? 142 VAL A C   1 
ATOM   957  O  O   . VAL A 1 142 ? -5.729  -2.165  26.697  1.00 81.81  ? 142 VAL A O   1 
ATOM   958  C  CB  . VAL A 1 142 ? -4.192  -5.102  26.035  1.00 71.11  ? 142 VAL A CB  1 
ATOM   959  N  N   . SER A 1 143 ? -3.501  -2.224  27.064  1.00 77.93  ? 143 SER A N   1 
ATOM   960  C  CA  . SER A 1 143 ? -3.438  -1.077  27.969  1.00 77.14  ? 143 SER A CA  1 
ATOM   961  C  C   . SER A 1 143 ? -2.391  -0.074  27.460  1.00 82.10  ? 143 SER A C   1 
ATOM   962  O  O   . SER A 1 143 ? -1.450  -0.466  26.761  1.00 86.58  ? 143 SER A O   1 
ATOM   963  C  CB  . SER A 1 143 ? -3.066  -1.558  29.370  1.00 75.87  ? 143 SER A CB  1 
ATOM   964  N  N   . LYS A 1 144 ? -2.550  1.208   27.813  1.00 83.23  ? 144 LYS A N   1 
ATOM   965  C  CA  . LYS A 1 144 ? -1.647  2.286   27.357  1.00 81.64  ? 144 LYS A CA  1 
ATOM   966  C  C   . LYS A 1 144 ? -1.087  3.171   28.503  1.00 83.38  ? 144 LYS A C   1 
ATOM   967  O  O   . LYS A 1 144 ? -1.806  4.000   29.065  1.00 88.23  ? 144 LYS A O   1 
ATOM   968  C  CB  . LYS A 1 144 ? -2.362  3.155   26.309  1.00 75.61  ? 144 LYS A CB  1 
ATOM   969  N  N   . HIS A 1 145 ? 0.194   2.985   28.835  1.00 84.48  ? 145 HIS A N   1 
ATOM   970  C  CA  . HIS A 1 145 ? 0.925   3.871   29.762  1.00 83.15  ? 145 HIS A CA  1 
ATOM   971  C  C   . HIS A 1 145 ? 2.383   4.050   29.328  1.00 80.32  ? 145 HIS A C   1 
ATOM   972  O  O   . HIS A 1 145 ? 2.690   4.854   28.437  1.00 72.57  ? 145 HIS A O   1 
ATOM   973  C  CB  . HIS A 1 145 ? 0.880   3.321   31.191  1.00 85.74  ? 145 HIS A CB  1 
ATOM   974  N  N   . PRO B 2 14  ? 11.000  1.842   -8.267  1.00 70.09  ? 1   PRO B N   1 
ATOM   975  C  CA  . PRO B 2 14  ? 12.359  2.198   -7.925  1.00 67.67  ? 1   PRO B CA  1 
ATOM   976  C  C   . PRO B 2 14  ? 12.680  1.919   -6.444  1.00 67.37  ? 1   PRO B C   1 
ATOM   977  O  O   . PRO B 2 14  ? 12.993  0.797   -6.072  1.00 63.57  ? 1   PRO B O   1 
ATOM   978  C  CB  . PRO B 2 14  ? 12.366  3.688   -8.240  1.00 20.00  ? 1   PRO B CB  1 
ATOM   979  C  CG  . PRO B 2 14  ? 11.466  3.806   -9.393  1.00 20.00  ? 1   PRO B CG  1 
ATOM   980  C  CD  . PRO B 2 14  ? 10.362  2.890   -9.072  1.00 20.00  ? 1   PRO B CD  1 
ATOM   981  N  N   . ARG B 2 15  ? 12.614  2.966   -5.630  1.00 66.68  ? 2   ARG B N   1 
ATOM   982  C  CA  . ARG B 2 15  ? 12.825  2.929   -4.212  1.00 64.93  ? 2   ARG B CA  1 
ATOM   983  C  C   . ARG B 2 15  ? 11.622  3.710   -3.868  1.00 64.62  ? 2   ARG B C   1 
ATOM   984  O  O   . ARG B 2 15  ? 10.964  4.186   -4.748  1.00 68.04  ? 2   ARG B O   1 
ATOM   985  C  CB  . ARG B 2 15  ? 13.996  3.782   -3.807  1.00 66.43  ? 2   ARG B CB  1 
ATOM   986  C  CG  . ARG B 2 15  ? 15.342  3.244   -4.175  1.00 70.43  ? 2   ARG B CG  1 
ATOM   987  C  CD  . ARG B 2 15  ? 16.415  3.909   -3.353  1.00 73.78  ? 2   ARG B CD  1 
ATOM   988  N  NE  . ARG B 2 15  ? 17.491  2.974   -3.107  1.00 78.03  ? 2   ARG B NE  1 
ATOM   989  C  CZ  . ARG B 2 15  ? 18.109  2.847   -1.955  1.00 82.25  ? 2   ARG B CZ  1 
ATOM   990  N  NH1 . ARG B 2 15  ? 17.772  3.621   -0.950  1.00 84.73  ? 2   ARG B NH1 1 
ATOM   991  N  NH2 . ARG B 2 15  ? 19.061  1.954   -1.819  1.00 84.68  ? 2   ARG B NH2 1 
ATOM   992  N  N   . ALA B 2 16  ? 11.332  3.861   -2.597  1.00 63.55  ? 3   ALA B N   1 
ATOM   993  C  CA  . ALA B 2 16  ? 10.176  4.627   -2.162  1.00 63.52  ? 3   ALA B CA  1 
ATOM   994  C  C   . ALA B 2 16  ? 10.554  5.542   -1.000  1.00 64.69  ? 3   ALA B C   1 
ATOM   995  O  O   . ALA B 2 16  ? 11.128  5.068   -0.011  1.00 63.80  ? 3   ALA B O   1 
ATOM   996  C  CB  . ALA B 2 16  ? 9.066   3.680   -1.752  1.00 64.07  ? 3   ALA B CB  1 
ATOM   997  N  N   . CYS B 2 17  ? 10.221  6.836   -1.130  1.00 63.57  ? 4   CYS B N   1 
ATOM   998  C  CA  . CYS B 2 17  ? 10.476  7.855   -0.099  1.00 66.23  ? 4   CYS B CA  1 
ATOM   999  C  C   . CYS B 2 17  ? 9.873   7.452   1.232   1.00 69.55  ? 4   CYS B C   1 
ATOM   1000 O  O   . CYS B 2 17  ? 8.716   7.022   1.281   1.00 70.85  ? 4   CYS B O   1 
ATOM   1001 C  CB  . CYS B 2 17  ? 9.871   9.199   -0.511  1.00 68.70  ? 4   CYS B CB  1 
ATOM   1002 S  SG  . CYS B 2 17  ? 9.916   10.513  0.743   1.00 69.64  ? 4   CYS B SG  1 
ATOM   1003 N  N   . LEU B 2 18  ? 10.649  7.595   2.305   1.00 70.71  ? 5   LEU B N   1 
ATOM   1004 C  CA  . LEU B 2 18  ? 10.172  7.249   3.645   1.00 71.75  ? 5   LEU B CA  1 
ATOM   1005 C  C   . LEU B 2 18  ? 8.992   8.148   4.078   1.00 70.81  ? 5   LEU B C   1 
ATOM   1006 O  O   . LEU B 2 18  ? 8.033   7.667   4.699   1.00 62.65  ? 5   LEU B O   1 
ATOM   1007 C  CB  . LEU B 2 18  ? 11.325  7.306   4.653   1.00 70.41  ? 5   LEU B CB  1 
ATOM   1008 N  N   . LYS B 2 19  ? 9.057   9.433   3.708   1.00 72.17  ? 6   LYS B N   1 
ATOM   1009 C  CA  . LYS B 2 19  ? 8.016   10.408  4.044   1.00 73.61  ? 6   LYS B CA  1 
ATOM   1010 C  C   . LYS B 2 19  ? 6.755   10.208  3.210   1.00 74.43  ? 6   LYS B C   1 
ATOM   1011 O  O   . LYS B 2 19  ? 5.761   9.693   3.722   1.00 75.63  ? 6   LYS B O   1 
ATOM   1012 C  CB  . LYS B 2 19  ? 8.529   11.848  3.879   1.00 78.27  ? 6   LYS B CB  1 
ATOM   1013 N  N   . CYS B 2 20  ? 6.810   10.586  1.927   1.00 74.15  ? 7   CYS B N   1 
ATOM   1014 C  CA  . CYS B 2 20  ? 5.604   10.692  1.074   1.00 71.02  ? 7   CYS B CA  1 
ATOM   1015 C  C   . CYS B 2 20  ? 5.251   9.461   0.230   1.00 67.15  ? 7   CYS B C   1 
ATOM   1016 O  O   . CYS B 2 20  ? 4.197   9.459   -0.405  1.00 69.73  ? 7   CYS B O   1 
ATOM   1017 C  CB  . CYS B 2 20  ? 5.708   11.918  0.149   1.00 70.41  ? 7   CYS B CB  1 
ATOM   1018 S  SG  . CYS B 2 20  ? 7.122   11.913  -0.985  1.00 72.64  ? 7   CYS B SG  1 
ATOM   1019 N  N   . LYS B 2 21  ? 6.116   8.443   0.209   1.00 63.71  ? 8   LYS B N   1 
ATOM   1020 C  CA  . LYS B 2 21  ? 5.900   7.179   -0.542  1.00 64.20  ? 8   LYS B CA  1 
ATOM   1021 C  C   . LYS B 2 21  ? 6.141   7.257   -2.062  1.00 61.61  ? 8   LYS B C   1 
ATOM   1022 O  O   . LYS B 2 21  ? 5.912   6.272   -2.769  1.00 56.51  ? 8   LYS B O   1 
ATOM   1023 C  CB  . LYS B 2 21  ? 4.513   6.541   -0.233  1.00 69.84  ? 8   LYS B CB  1 
ATOM   1024 C  CG  . LYS B 2 21  ? 4.499   5.625   0.986   1.00 72.54  ? 8   LYS B CG  1 
ATOM   1025 C  CD  . LYS B 2 21  ? 3.105   5.181   1.420   1.00 75.05  ? 8   LYS B CD  1 
ATOM   1026 C  CE  . LYS B 2 21  ? 2.294   6.277   2.107   1.00 81.72  ? 8   LYS B CE  1 
ATOM   1027 N  NZ  . LYS B 2 21  ? 3.039   7.060   3.137   1.00 84.66  ? 8   LYS B NZ  1 
ATOM   1028 N  N   . TYR B 2 22  ? 6.632   8.401   -2.548  1.00 62.41  ? 9   TYR B N   1 
ATOM   1029 C  CA  . TYR B 2 22  ? 6.853   8.633   -3.978  1.00 61.68  ? 9   TYR B CA  1 
ATOM   1030 C  C   . TYR B 2 22  ? 7.969   7.739   -4.480  1.00 62.25  ? 9   TYR B C   1 
ATOM   1031 O  O   . TYR B 2 22  ? 9.019   7.651   -3.844  1.00 64.91  ? 9   TYR B O   1 
ATOM   1032 C  CB  . TYR B 2 22  ? 7.240   10.090  -4.230  1.00 63.50  ? 9   TYR B CB  1 
ATOM   1033 C  CG  . TYR B 2 22  ? 7.414   10.444  -5.689  1.00 64.76  ? 9   TYR B CG  1 
ATOM   1034 C  CD1 . TYR B 2 22  ? 6.326   10.866  -6.462  1.00 64.92  ? 9   TYR B CD1 1 
ATOM   1035 C  CD2 . TYR B 2 22  ? 8.665   10.369  -6.299  1.00 65.92  ? 9   TYR B CD2 1 
ATOM   1036 C  CE1 . TYR B 2 22  ? 6.480   11.200  -7.797  1.00 64.25  ? 9   TYR B CE1 1 
ATOM   1037 C  CE2 . TYR B 2 22  ? 8.828   10.695  -7.639  1.00 67.94  ? 9   TYR B CE2 1 
ATOM   1038 C  CZ  . TYR B 2 22  ? 7.733   11.111  -8.382  1.00 67.19  ? 9   TYR B CZ  1 
ATOM   1039 O  OH  . TYR B 2 22  ? 7.888   11.435  -9.706  1.00 66.64  ? 9   TYR B OH  1 
ATOM   1040 N  N   . LEU B 2 23  ? 7.744   7.100   -5.629  1.00 59.90  ? 10  LEU B N   1 
ATOM   1041 C  CA  . LEU B 2 23  ? 8.695   6.149   -6.177  1.00 58.04  ? 10  LEU B CA  1 
ATOM   1042 C  C   . LEU B 2 23  ? 9.722   6.815   -7.079  1.00 63.61  ? 10  LEU B C   1 
ATOM   1043 O  O   . LEU B 2 23  ? 9.376   7.496   -8.057  1.00 62.91  ? 10  LEU B O   1 
ATOM   1044 C  CB  . LEU B 2 23  ? 7.988   5.055   -6.969  1.00 56.63  ? 10  LEU B CB  1 
ATOM   1045 C  CG  . LEU B 2 23  ? 7.094   4.070   -6.232  1.00 54.98  ? 10  LEU B CG  1 
ATOM   1046 C  CD1 . LEU B 2 23  ? 6.690   2.953   -7.185  1.00 54.64  ? 10  LEU B CD1 1 
ATOM   1047 C  CD2 . LEU B 2 23  ? 7.794   3.481   -5.022  1.00 55.82  ? 10  LEU B CD2 1 
ATOM   1048 N  N   . THR B 2 24  ? 10.986  6.568   -6.750  1.00 67.91  ? 11  THR B N   1 
ATOM   1049 C  CA  . THR B 2 24  ? 12.122  7.091   -7.485  1.00 71.40  ? 11  THR B CA  1 
ATOM   1050 C  C   . THR B 2 24  ? 13.308  6.141   -7.343  1.00 73.61  ? 11  THR B C   1 
ATOM   1051 O  O   . THR B 2 24  ? 13.308  5.253   -6.488  1.00 70.97  ? 11  THR B O   1 
ATOM   1052 C  CB  . THR B 2 24  ? 12.521  8.483   -6.956  1.00 70.34  ? 11  THR B CB  1 
ATOM   1053 O  OG1 . THR B 2 24  ? 13.595  9.004   -7.745  1.00 76.61  ? 11  THR B OG1 1 
ATOM   1054 C  CG2 . THR B 2 24  ? 12.947  8.418   -5.489  1.00 69.93  ? 11  THR B CG2 1 
ATOM   1055 N  N   . ASN B 2 25  ? 14.310  6.339   -8.190  1.00 76.20  ? 12  ASN B N   1 
ATOM   1056 C  CA  . ASN B 2 25  ? 15.564  5.600   -8.098  1.00 78.04  ? 12  ASN B CA  1 
ATOM   1057 C  C   . ASN B 2 25  ? 16.569  6.292   -7.198  1.00 81.47  ? 12  ASN B C   1 
ATOM   1058 O  O   . ASN B 2 25  ? 17.411  5.625   -6.592  1.00 84.70  ? 12  ASN B O   1 
ATOM   1059 C  CB  . ASN B 2 25  ? 16.160  5.404   -9.485  1.00 81.56  ? 12  ASN B CB  1 
ATOM   1060 C  CG  . ASN B 2 25  ? 15.368  4.410   -10.313 1.00 82.59  ? 12  ASN B CG  1 
ATOM   1061 O  OD1 . ASN B 2 25  ? 15.257  3.241   -9.939  1.00 79.40  ? 12  ASN B OD1 1 
ATOM   1062 N  ND2 . ASN B 2 25  ? 14.809  4.864   -11.438 1.00 82.55  ? 12  ASN B ND2 1 
ATOM   1063 N  N   . ASP B 2 26  ? 16.467  7.618   -7.097  1.00 82.23  ? 13  ASP B N   1 
ATOM   1064 C  CA  . ASP B 2 26  ? 17.413  8.413   -6.308  1.00 82.98  ? 13  ASP B CA  1 
ATOM   1065 C  C   . ASP B 2 26  ? 17.307  8.040   -4.820  1.00 82.94  ? 13  ASP B C   1 
ATOM   1066 O  O   . ASP B 2 26  ? 16.235  7.643   -4.344  1.00 81.80  ? 13  ASP B O   1 
ATOM   1067 C  CB  . ASP B 2 26  ? 17.175  9.929   -6.485  1.00 80.28  ? 13  ASP B CB  1 
ATOM   1068 C  CG  . ASP B 2 26  ? 17.020  10.351  -7.948  1.00 80.24  ? 13  ASP B CG  1 
ATOM   1069 O  OD1 . ASP B 2 26  ? 17.548  9.666   -8.858  1.00 75.62  ? 13  ASP B OD1 1 
ATOM   1070 O  OD2 . ASP B 2 26  ? 16.342  11.377  -8.176  1.00 78.14  ? 13  ASP B OD2 1 
ATOM   1071 N  N   . GLU B 2 27  ? 18.429  8.158   -4.108  1.00 82.26  ? 14  GLU B N   1 
ATOM   1072 C  CA  . GLU B 2 27  ? 18.478  7.956   -2.647  1.00 81.35  ? 14  GLU B CA  1 
ATOM   1073 C  C   . GLU B 2 27  ? 17.787  9.067   -1.810  1.00 82.10  ? 14  GLU B C   1 
ATOM   1074 O  O   . GLU B 2 27  ? 17.532  8.868   -0.612  1.00 77.92  ? 14  GLU B O   1 
ATOM   1075 C  CB  . GLU B 2 27  ? 19.930  7.762   -2.171  1.00 78.88  ? 14  GLU B CB  1 
ATOM   1076 C  CG  . GLU B 2 27  ? 20.478  6.344   -2.353  1.00 77.73  ? 14  GLU B CG  1 
ATOM   1077 C  CD  . GLU B 2 27  ? 21.164  5.788   -1.103  1.00 83.32  ? 14  GLU B CD  1 
ATOM   1078 O  OE1 . GLU B 2 27  ? 22.097  4.968   -1.270  1.00 83.37  ? 14  GLU B OE1 1 
ATOM   1079 O  OE2 . GLU B 2 27  ? 20.773  6.143   0.045   1.00 76.69  ? 14  GLU B OE2 1 
ATOM   1080 N  N   . ILE B 2 28  ? 17.515  10.224  -2.425  1.00 83.18  ? 15  ILE B N   1 
ATOM   1081 C  CA  . ILE B 2 28  ? 16.679  11.277  -1.824  1.00 83.67  ? 15  ILE B CA  1 
ATOM   1082 C  C   . ILE B 2 28  ? 15.487  11.578  -2.742  1.00 83.18  ? 15  ILE B C   1 
ATOM   1083 O  O   . ILE B 2 28  ? 15.625  11.600  -3.972  1.00 82.67  ? 15  ILE B O   1 
ATOM   1084 C  CB  . ILE B 2 28  ? 17.476  12.576  -1.574  1.00 78.85  ? 15  ILE B CB  1 
ATOM   1085 N  N   . CYS B 2 29  ? 14.322  11.801  -2.135  1.00 82.92  ? 16  CYS B N   1 
ATOM   1086 C  CA  . CYS B 2 29  ? 13.066  12.005  -2.878  1.00 82.34  ? 16  CYS B CA  1 
ATOM   1087 C  C   . CYS B 2 29  ? 13.043  13.358  -3.614  1.00 86.36  ? 16  CYS B C   1 
ATOM   1088 O  O   . CYS B 2 29  ? 13.424  14.379  -3.033  1.00 87.03  ? 16  CYS B O   1 
ATOM   1089 C  CB  . CYS B 2 29  ? 11.855  11.858  -1.935  1.00 78.81  ? 16  CYS B CB  1 
ATOM   1090 S  SG  . CYS B 2 29  ? 10.261  12.498  -2.520  1.00 73.53  ? 16  CYS B SG  1 
ATOM   1091 N  N   . PRO B 2 30  ? 12.617  13.368  -4.901  1.00 90.09  ? 17  PRO B N   1 
ATOM   1092 C  CA  . PRO B 2 30  ? 12.509  14.650  -5.615  1.00 87.40  ? 17  PRO B CA  1 
ATOM   1093 C  C   . PRO B 2 30  ? 11.489  15.636  -5.027  1.00 85.76  ? 17  PRO B C   1 
ATOM   1094 O  O   . PRO B 2 30  ? 11.703  16.847  -5.105  1.00 87.40  ? 17  PRO B O   1 
ATOM   1095 C  CB  . PRO B 2 30  ? 12.074  14.230  -7.030  1.00 88.18  ? 17  PRO B CB  1 
ATOM   1096 C  CG  . PRO B 2 30  ? 12.516  12.818  -7.167  1.00 88.82  ? 17  PRO B CG  1 
ATOM   1097 C  CD  . PRO B 2 30  ? 12.320  12.233  -5.801  1.00 90.12  ? 17  PRO B CD  1 
ATOM   1098 N  N   . ILE B 2 31  ? 10.407  15.122  -4.438  1.00 82.44  ? 18  ILE B N   1 
ATOM   1099 C  CA  . ILE B 2 31  ? 9.294   15.969  -3.988  1.00 79.53  ? 18  ILE B CA  1 
ATOM   1100 C  C   . ILE B 2 31  ? 9.770   16.766  -2.779  1.00 85.02  ? 18  ILE B C   1 
ATOM   1101 O  O   . ILE B 2 31  ? 9.719   17.995  -2.777  1.00 94.45  ? 18  ILE B O   1 
ATOM   1102 C  CB  . ILE B 2 31  ? 8.003   15.156  -3.654  1.00 74.80  ? 18  ILE B CB  1 
ATOM   1103 C  CG1 . ILE B 2 31  ? 7.638   14.153  -4.764  1.00 71.73  ? 18  ILE B CG1 1 
ATOM   1104 C  CG2 . ILE B 2 31  ? 6.815   16.090  -3.424  1.00 75.21  ? 18  ILE B CG2 1 
ATOM   1105 C  CD1 . ILE B 2 31  ? 7.731   14.696  -6.184  1.00 72.58  ? 18  ILE B CD1 1 
ATOM   1106 N  N   . CYS B 2 32  ? 10.239  16.045  -1.768  1.00 91.49  ? 19  CYS B N   1 
ATOM   1107 C  CA  . CYS B 2 32  ? 10.933  16.618  -0.615  1.00 96.93  ? 19  CYS B CA  1 
ATOM   1108 C  C   . CYS B 2 32  ? 12.187  15.770  -0.524  1.00 96.15  ? 19  CYS B C   1 
ATOM   1109 O  O   . CYS B 2 32  ? 12.111  14.567  -0.752  1.00 97.98  ? 19  CYS B O   1 
ATOM   1110 C  CB  . CYS B 2 32  ? 10.047  16.559  0.637   1.00 98.88  ? 19  CYS B CB  1 
ATOM   1111 S  SG  . CYS B 2 32  ? 9.209   14.970  0.937   1.00 101.04 ? 19  CYS B SG  1 
ATOM   1112 N  N   . HIS B 2 33  ? 13.334  16.366  -0.202  1.00 94.16  ? 20  HIS B N   1 
ATOM   1113 C  CA  . HIS B 2 33  ? 14.595  15.610  -0.160  1.00 92.84  ? 20  HIS B CA  1 
ATOM   1114 C  C   . HIS B 2 33  ? 14.593  14.790  1.136   1.00 92.03  ? 20  HIS B C   1 
ATOM   1115 O  O   . HIS B 2 33  ? 15.241  15.162  2.115   1.00 102.66 ? 20  HIS B O   1 
ATOM   1116 C  CB  . HIS B 2 33  ? 15.819  16.528  -0.222  1.00 91.53  ? 20  HIS B CB  1 
ATOM   1117 N  N   . SER B 2 34  ? 13.841  13.687  1.125   1.00 85.08  ? 21  SER B N   1 
ATOM   1118 C  CA  . SER B 2 34  ? 13.723  12.772  2.258   1.00 79.74  ? 21  SER B CA  1 
ATOM   1119 C  C   . SER B 2 34  ? 14.281  11.417  1.825   1.00 79.65  ? 21  SER B C   1 
ATOM   1120 O  O   . SER B 2 34  ? 14.250  11.085  0.634   1.00 79.94  ? 21  SER B O   1 
ATOM   1121 C  CB  . SER B 2 34  ? 12.266  12.633  2.712   1.00 78.67  ? 21  SER B CB  1 
ATOM   1122 N  N   . PRO B 2 35  ? 14.809  10.634  2.779   1.00 81.77  ? 22  PRO B N   1 
ATOM   1123 C  CA  . PRO B 2 35  ? 15.464  9.380   2.398   1.00 80.79  ? 22  PRO B CA  1 
ATOM   1124 C  C   . PRO B 2 35  ? 14.477  8.344   1.877   1.00 78.64  ? 22  PRO B C   1 
ATOM   1125 O  O   . PRO B 2 35  ? 13.346  8.243   2.379   1.00 75.00  ? 22  PRO B O   1 
ATOM   1126 C  CB  . PRO B 2 35  ? 16.106  8.889   3.707   1.00 86.09  ? 22  PRO B CB  1 
ATOM   1127 C  CG  . PRO B 2 35  ? 16.042  10.042  4.653   1.00 87.44  ? 22  PRO B CG  1 
ATOM   1128 C  CD  . PRO B 2 35  ? 14.844  10.839  4.238   1.00 86.72  ? 22  PRO B CD  1 
ATOM   1129 N  N   . THR B 2 36  ? 14.922  7.589   0.876   1.00 74.95  ? 23  THR B N   1 
ATOM   1130 C  CA  . THR B 2 36  ? 14.104  6.576   0.233   1.00 70.41  ? 23  THR B CA  1 
ATOM   1131 C  C   . THR B 2 36  ? 14.682  5.211   0.566   1.00 70.50  ? 23  THR B C   1 
ATOM   1132 O  O   . THR B 2 36  ? 15.895  5.059   0.722   1.00 64.20  ? 23  THR B O   1 
ATOM   1133 C  CB  . THR B 2 36  ? 14.013  6.791   -1.302  1.00 68.57  ? 23  THR B CB  1 
ATOM   1134 O  OG1 . THR B 2 36  ? 15.262  6.469   -1.928  1.00 64.52  ? 23  THR B OG1 1 
ATOM   1135 N  N   . SER B 2 37  ? 13.784  4.234   0.684   1.00 73.27  ? 24  SER B N   1 
ATOM   1136 C  CA  . SER B 2 37  ? 14.124  2.854   0.993   1.00 71.58  ? 24  SER B CA  1 
ATOM   1137 C  C   . SER B 2 37  ? 13.738  1.959   -0.164  1.00 71.51  ? 24  SER B C   1 
ATOM   1138 O  O   . SER B 2 37  ? 12.896  2.311   -0.992  1.00 71.21  ? 24  SER B O   1 
ATOM   1139 C  CB  . SER B 2 37  ? 13.371  2.393   2.237   1.00 72.28  ? 24  SER B CB  1 
ATOM   1140 O  OG  . SER B 2 37  ? 13.277  0.974   2.287   1.00 73.77  ? 24  SER B OG  1 
ATOM   1141 N  N   . GLU B 2 38  ? 14.356  0.787   -0.192  1.00 72.48  ? 25  GLU B N   1 
ATOM   1142 C  CA  . GLU B 2 38  ? 13.971  -0.266  -1.117  1.00 77.81  ? 25  GLU B CA  1 
ATOM   1143 C  C   . GLU B 2 38  ? 12.836  -1.139  -0.563  1.00 75.97  ? 25  GLU B C   1 
ATOM   1144 O  O   . GLU B 2 38  ? 12.162  -1.815  -1.343  1.00 77.32  ? 25  GLU B O   1 
ATOM   1145 C  CB  . GLU B 2 38  ? 15.177  -1.153  -1.472  1.00 82.54  ? 25  GLU B CB  1 
ATOM   1146 C  CG  . GLU B 2 38  ? 16.176  -0.525  -2.440  1.00 82.43  ? 25  GLU B CG  1 
ATOM   1147 C  CD  . GLU B 2 38  ? 16.989  -1.570  -3.191  1.00 83.77  ? 25  GLU B CD  1 
ATOM   1148 O  OE1 . GLU B 2 38  ? 17.387  -2.587  -2.568  1.00 83.16  ? 25  GLU B OE1 1 
ATOM   1149 O  OE2 . GLU B 2 38  ? 17.219  -1.375  -4.406  1.00 80.08  ? 25  GLU B OE2 1 
ATOM   1150 N  N   . ASN B 2 39  ? 12.622  -1.134  0.756   1.00 73.97  ? 26  ASN B N   1 
ATOM   1151 C  CA  . ASN B 2 39  ? 11.673  -2.060  1.386   1.00 74.91  ? 26  ASN B CA  1 
ATOM   1152 C  C   . ASN B 2 39  ? 10.257  -1.478  1.390   1.00 74.10  ? 26  ASN B C   1 
ATOM   1153 O  O   . ASN B 2 39  ? 9.698   -1.142  2.448   1.00 74.75  ? 26  ASN B O   1 
ATOM   1154 C  CB  . ASN B 2 39  ? 12.144  -2.452  2.802   1.00 72.20  ? 26  ASN B CB  1 
ATOM   1155 C  CG  . ASN B 2 39  ? 11.410  -3.670  3.362   1.00 70.66  ? 26  ASN B CG  1 
ATOM   1156 O  OD1 . ASN B 2 39  ? 10.559  -4.280  2.705   1.00 67.36  ? 26  ASN B OD1 1 
ATOM   1157 N  ND2 . ASN B 2 39  ? 11.745  -4.027  4.592   1.00 71.96  ? 26  ASN B ND2 1 
ATOM   1158 N  N   . TRP B 2 40  ? 9.683   -1.394  0.188   1.00 67.98  ? 27  TRP B N   1 
ATOM   1159 C  CA  . TRP B 2 40  ? 8.361   -0.810  -0.022  1.00 63.15  ? 27  TRP B CA  1 
ATOM   1160 C  C   . TRP B 2 40  ? 7.444   -1.821  -0.686  1.00 59.82  ? 27  TRP B C   1 
ATOM   1161 O  O   . TRP B 2 40  ? 7.892   -2.692  -1.418  1.00 59.01  ? 27  TRP B O   1 
ATOM   1162 C  CB  . TRP B 2 40  ? 8.456   0.489   -0.834  1.00 62.46  ? 27  TRP B CB  1 
ATOM   1163 C  CG  . TRP B 2 40  ? 8.978   0.308   -2.207  1.00 63.32  ? 27  TRP B CG  1 
ATOM   1164 C  CD1 . TRP B 2 40  ? 10.268  0.438   -2.619  1.00 61.48  ? 27  TRP B CD1 1 
ATOM   1165 C  CD2 . TRP B 2 40  ? 8.218   -0.043  -3.366  1.00 66.70  ? 27  TRP B CD2 1 
ATOM   1166 N  NE1 . TRP B 2 40  ? 10.364  0.178   -3.963  1.00 61.06  ? 27  TRP B NE1 1 
ATOM   1167 C  CE2 . TRP B 2 40  ? 9.120   -0.117  -4.448  1.00 64.03  ? 27  TRP B CE2 1 
ATOM   1168 C  CE3 . TRP B 2 40  ? 6.856   -0.308  -3.594  1.00 66.76  ? 27  TRP B CE3 1 
ATOM   1169 C  CZ2 . TRP B 2 40  ? 8.706   -0.437  -5.743  1.00 65.87  ? 27  TRP B CZ2 1 
ATOM   1170 C  CZ3 . TRP B 2 40  ? 6.446   -0.635  -4.880  1.00 65.13  ? 27  TRP B CZ3 1 
ATOM   1171 C  CH2 . TRP B 2 40  ? 7.366   -0.693  -5.938  1.00 66.59  ? 27  TRP B CH2 1 
ATOM   1172 N  N   . ILE B 2 41  ? 6.152   -1.687  -0.420  1.00 60.03  ? 28  ILE B N   1 
ATOM   1173 C  CA  . ILE B 2 41  ? 5.166   -2.696  -0.762  1.00 60.04  ? 28  ILE B CA  1 
ATOM   1174 C  C   . ILE B 2 41  ? 3.927   -2.004  -1.331  1.00 57.98  ? 28  ILE B C   1 
ATOM   1175 O  O   . ILE B 2 41  ? 3.553   -0.923  -0.870  1.00 56.98  ? 28  ILE B O   1 
ATOM   1176 C  CB  . ILE B 2 41  ? 4.814   -3.527  0.498   1.00 64.34  ? 28  ILE B CB  1 
ATOM   1177 C  CG1 . ILE B 2 41  ? 6.035   -4.335  0.969   1.00 71.15  ? 28  ILE B CG1 1 
ATOM   1178 C  CG2 . ILE B 2 41  ? 3.680   -4.507  0.236   1.00 67.10  ? 28  ILE B CG2 1 
ATOM   1179 C  CD1 . ILE B 2 41  ? 6.052   -4.630  2.456   1.00 76.68  ? 28  ILE B CD1 1 
ATOM   1180 N  N   . GLY B 2 42  ? 3.305   -2.624  -2.337  1.00 57.03  ? 29  GLY B N   1 
ATOM   1181 C  CA  . GLY B 2 42  ? 2.067   -2.116  -2.940  1.00 54.65  ? 29  GLY B CA  1 
ATOM   1182 C  C   . GLY B 2 42  ? 2.315   -0.928  -3.846  1.00 51.43  ? 29  GLY B C   1 
ATOM   1183 O  O   . GLY B 2 42  ? 3.379   -0.318  -3.774  1.00 52.97  ? 29  GLY B O   1 
ATOM   1184 N  N   . LEU B 2 43  ? 1.341   -0.582  -4.688  1.00 48.77  ? 30  LEU B N   1 
ATOM   1185 C  CA  . LEU B 2 43  ? 1.547   0.476   -5.699  1.00 47.85  ? 30  LEU B CA  1 
ATOM   1186 C  C   . LEU B 2 43  ? 0.289   1.232   -6.087  1.00 44.61  ? 30  LEU B C   1 
ATOM   1187 O  O   . LEU B 2 43  ? -0.685  0.621   -6.489  1.00 42.76  ? 30  LEU B O   1 
ATOM   1188 C  CB  . LEU B 2 43  ? 2.168   -0.130  -6.958  1.00 48.25  ? 30  LEU B CB  1 
ATOM   1189 C  CG  . LEU B 2 43  ? 2.089   0.630   -8.291  1.00 47.94  ? 30  LEU B CG  1 
ATOM   1190 C  CD1 . LEU B 2 43  ? 3.331   1.467   -8.532  1.00 49.29  ? 30  LEU B CD1 1 
ATOM   1191 C  CD2 . LEU B 2 43  ? 1.897   -0.350  -9.430  1.00 48.83  ? 30  LEU B CD2 1 
ATOM   1192 N  N   . LEU B 2 44  ? 0.360   2.560   -6.003  1.00 44.37  ? 31  LEU B N   1 
ATOM   1193 C  CA  . LEU B 2 44  ? -0.703  3.465   -6.428  1.00 46.75  ? 31  LEU B CA  1 
ATOM   1194 C  C   . LEU B 2 44  ? -0.129  4.396   -7.464  1.00 46.98  ? 31  LEU B C   1 
ATOM   1195 O  O   . LEU B 2 44  ? 0.786   5.162   -7.182  1.00 46.15  ? 31  LEU B O   1 
ATOM   1196 C  CB  . LEU B 2 44  ? -1.210  4.307   -5.255  1.00 49.60  ? 31  LEU B CB  1 
ATOM   1197 C  CG  . LEU B 2 44  ? -2.633  4.899   -5.282  1.00 51.08  ? 31  LEU B CG  1 
ATOM   1198 C  CD1 . LEU B 2 44  ? -2.630  6.242   -4.578  1.00 53.17  ? 31  LEU B CD1 1 
ATOM   1199 C  CD2 . LEU B 2 44  ? -3.258  5.053   -6.656  1.00 52.75  ? 31  LEU B CD2 1 
ATOM   1200 N  N   . ILE B 2 45  ? -0.669  4.325   -8.671  1.00 50.45  ? 32  ILE B N   1 
ATOM   1201 C  CA  . ILE B 2 45  ? -0.221  5.166   -9.762  1.00 49.37  ? 32  ILE B CA  1 
ATOM   1202 C  C   . ILE B 2 45  ? -1.295  6.196   -9.933  1.00 49.95  ? 32  ILE B C   1 
ATOM   1203 O  O   . ILE B 2 45  ? -2.434  5.832   -10.195 1.00 49.58  ? 32  ILE B O   1 
ATOM   1204 C  CB  . ILE B 2 45  ? -0.056  4.380   -11.064 1.00 47.12  ? 32  ILE B CB  1 
ATOM   1205 C  CG1 . ILE B 2 45  ? 1.027   3.326   -10.878 1.00 46.68  ? 32  ILE B CG1 1 
ATOM   1206 C  CG2 . ILE B 2 45  ? 0.335   5.334   -12.185 1.00 50.39  ? 32  ILE B CG2 1 
ATOM   1207 C  CD1 . ILE B 2 45  ? 1.179   2.398   -12.051 1.00 49.52  ? 32  ILE B CD1 1 
ATOM   1208 N  N   . VAL B 2 46  ? -0.935  7.462   -9.755  1.00 51.20  ? 33  VAL B N   1 
ATOM   1209 C  CA  . VAL B 2 46  ? -1.868  8.565   -9.899  1.00 54.25  ? 33  VAL B CA  1 
ATOM   1210 C  C   . VAL B 2 46  ? -1.578  9.256   -11.228 1.00 58.23  ? 33  VAL B C   1 
ATOM   1211 O  O   . VAL B 2 46  ? -0.565  9.956   -11.370 1.00 59.43  ? 33  VAL B O   1 
ATOM   1212 C  CB  . VAL B 2 46  ? -1.764  9.568   -8.728  1.00 55.94  ? 33  VAL B CB  1 
ATOM   1213 C  CG1 . VAL B 2 46  ? -2.788  10.689  -8.871  1.00 56.00  ? 33  VAL B CG1 1 
ATOM   1214 C  CG2 . VAL B 2 46  ? -1.978  8.861   -7.404  1.00 57.25  ? 33  VAL B CG2 1 
ATOM   1215 N  N   . ILE B 2 47  ? -2.489  9.063   -12.184 1.00 59.13  ? 34  ILE B N   1 
ATOM   1216 C  CA  . ILE B 2 47  ? -2.362  9.628   -13.520 1.00 60.63  ? 34  ILE B CA  1 
ATOM   1217 C  C   . ILE B 2 47  ? -2.884  11.071  -13.513 1.00 63.82  ? 34  ILE B C   1 
ATOM   1218 O  O   . ILE B 2 47  ? -2.351  11.924  -14.206 1.00 61.87  ? 34  ILE B O   1 
ATOM   1219 C  CB  . ILE B 2 47  ? -3.165  8.851   -14.597 1.00 63.52  ? 34  ILE B CB  1 
ATOM   1220 C  CG1 . ILE B 2 47  ? -3.204  7.323   -14.372 1.00 62.84  ? 34  ILE B CG1 1 
ATOM   1221 C  CG2 . ILE B 2 47  ? -2.618  9.172   -15.993 1.00 68.04  ? 34  ILE B CG2 1 
ATOM   1222 C  CD1 . ILE B 2 47  ? -1.943  6.577   -14.739 1.00 63.52  ? 34  ILE B CD1 1 
ATOM   1223 N  N   . ASN B 2 48  ? -3.955  11.325  -12.762 1.00 70.06  ? 35  ASN B N   1 
ATOM   1224 C  CA  . ASN B 2 48  ? -4.602  12.636  -12.711 1.00 73.57  ? 35  ASN B CA  1 
ATOM   1225 C  C   . ASN B 2 48  ? -5.030  12.952  -11.272 1.00 75.92  ? 35  ASN B C   1 
ATOM   1226 O  O   . ASN B 2 48  ? -6.018  12.373  -10.785 1.00 76.08  ? 35  ASN B O   1 
ATOM   1227 C  CB  . ASN B 2 48  ? -5.819  12.636  -13.643 1.00 78.79  ? 35  ASN B CB  1 
ATOM   1228 C  CG  . ASN B 2 48  ? -6.401  14.033  -13.917 1.00 86.23  ? 35  ASN B CG  1 
ATOM   1229 O  OD1 . ASN B 2 48  ? -7.234  14.149  -14.819 1.00 92.25  ? 35  ASN B OD1 1 
ATOM   1230 N  ND2 . ASN B 2 48  ? -6.001  15.081  -13.163 1.00 85.17  ? 35  ASN B ND2 1 
ATOM   1231 N  N   . PRO B 2 49  ? -4.299  13.867  -10.584 1.00 72.09  ? 36  PRO B N   1 
ATOM   1232 C  CA  . PRO B 2 49  ? -4.662  14.182  -9.197  1.00 70.88  ? 36  PRO B CA  1 
ATOM   1233 C  C   . PRO B 2 49  ? -5.989  14.940  -9.050  1.00 72.51  ? 36  PRO B C   1 
ATOM   1234 O  O   . PRO B 2 49  ? -6.749  14.661  -8.114  1.00 71.56  ? 36  PRO B O   1 
ATOM   1235 C  CB  . PRO B 2 49  ? -3.479  15.033  -8.702  1.00 73.05  ? 36  PRO B CB  1 
ATOM   1236 C  CG  . PRO B 2 49  ? -2.372  14.800  -9.679  1.00 72.07  ? 36  PRO B CG  1 
ATOM   1237 C  CD  . PRO B 2 49  ? -3.062  14.566  -10.984 1.00 71.60  ? 36  PRO B CD  1 
ATOM   1238 N  N   . GLU B 2 50  ? -6.251  15.884  -9.960  1.00 72.16  ? 37  GLU B N   1 
ATOM   1239 C  CA  . GLU B 2 50  ? -7.481  16.680  -9.935  1.00 71.33  ? 37  GLU B CA  1 
ATOM   1240 C  C   . GLU B 2 50  ? -8.739  15.796  -9.948  1.00 72.32  ? 37  GLU B C   1 
ATOM   1241 O  O   . GLU B 2 50  ? -9.638  15.995  -9.123  1.00 74.64  ? 37  GLU B O   1 
ATOM   1242 C  CB  . GLU B 2 50  ? -7.508  17.685  -11.103 1.00 67.71  ? 37  GLU B CB  1 
ATOM   1243 N  N   . LYS B 2 51  ? -8.767  14.798  -10.843 1.00 71.98  ? 38  LYS B N   1 
ATOM   1244 C  CA  . LYS B 2 51  ? -9.970  13.976  -11.111 1.00 71.95  ? 38  LYS B CA  1 
ATOM   1245 C  C   . LYS B 2 51  ? -10.028 12.574  -10.442 1.00 74.05  ? 38  LYS B C   1 
ATOM   1246 O  O   . LYS B 2 51  ? -10.973 11.811  -10.712 1.00 73.32  ? 38  LYS B O   1 
ATOM   1247 C  CB  . LYS B 2 51  ? -10.166 13.830  -12.628 1.00 67.37  ? 38  LYS B CB  1 
ATOM   1248 N  N   . SER B 2 52  ? -9.046  12.248  -9.584  1.00 74.26  ? 39  SER B N   1 
ATOM   1249 C  CA  . SER B 2 52  ? -9.004  10.965  -8.847  1.00 70.19  ? 39  SER B CA  1 
ATOM   1250 C  C   . SER B 2 52  ? -9.555  11.072  -7.418  1.00 72.06  ? 39  SER B C   1 
ATOM   1251 O  O   . SER B 2 52  ? -8.969  11.761  -6.573  1.00 76.08  ? 39  SER B O   1 
ATOM   1252 C  CB  . SER B 2 52  ? -7.565  10.441  -8.774  1.00 70.19  ? 39  SER B CB  1 
ATOM   1253 O  OG  . SER B 2 52  ? -7.423  9.457   -7.760  1.00 67.18  ? 39  SER B OG  1 
ATOM   1254 N  N   . GLU B 2 53  ? -10.660 10.374  -7.147  1.00 71.67  ? 40  GLU B N   1 
ATOM   1255 C  CA  . GLU B 2 53  ? -11.230 10.314  -5.793  1.00 73.29  ? 40  GLU B CA  1 
ATOM   1256 C  C   . GLU B 2 53  ? -10.320 9.512   -4.862  1.00 75.86  ? 40  GLU B C   1 
ATOM   1257 O  O   . GLU B 2 53  ? -10.211 9.828   -3.673  1.00 77.79  ? 40  GLU B O   1 
ATOM   1258 C  CB  . GLU B 2 53  ? -12.642 9.712   -5.806  1.00 72.85  ? 40  GLU B CB  1 
ATOM   1259 N  N   . ILE B 2 54  ? -9.661  8.491   -5.416  1.00 77.45  ? 41  ILE B N   1 
ATOM   1260 C  CA  . ILE B 2 54  ? -8.668  7.683   -4.683  1.00 76.94  ? 41  ILE B CA  1 
ATOM   1261 C  C   . ILE B 2 54  ? -7.484  8.552   -4.223  1.00 74.66  ? 41  ILE B C   1 
ATOM   1262 O  O   . ILE B 2 54  ? -7.082  8.483   -3.064  1.00 69.92  ? 41  ILE B O   1 
ATOM   1263 C  CB  . ILE B 2 54  ? -8.165  6.472   -5.527  1.00 78.53  ? 41  ILE B CB  1 
ATOM   1264 C  CG1 . ILE B 2 54  ? -9.310  5.469   -5.779  1.00 77.88  ? 41  ILE B CG1 1 
ATOM   1265 C  CG2 . ILE B 2 54  ? -6.996  5.757   -4.845  1.00 78.60  ? 41  ILE B CG2 1 
ATOM   1266 C  CD1 . ILE B 2 54  ? -8.954  4.308   -6.695  1.00 78.02  ? 41  ILE B CD1 1 
ATOM   1267 N  N   . ALA B 2 55  ? -6.940  9.357   -5.136  1.00 75.29  ? 42  ALA B N   1 
ATOM   1268 C  CA  . ALA B 2 55  ? -5.857  10.302  -4.815  1.00 74.58  ? 42  ALA B CA  1 
ATOM   1269 C  C   . ALA B 2 55  ? -6.276  11.363  -3.802  1.00 79.21  ? 42  ALA B C   1 
ATOM   1270 O  O   . ALA B 2 55  ? -5.467  11.786  -2.973  1.00 75.41  ? 42  ALA B O   1 
ATOM   1271 C  CB  . ALA B 2 55  ? -5.372  10.983  -6.075  1.00 74.50  ? 42  ALA B CB  1 
ATOM   1272 N  N   . LYS B 2 56  ? -7.529  11.813  -3.898  1.00 83.47  ? 43  LYS B N   1 
ATOM   1273 C  CA  . LYS B 2 56  ? -8.109  12.713  -2.904  1.00 85.66  ? 43  LYS B CA  1 
ATOM   1274 C  C   . LYS B 2 56  ? -8.027  12.062  -1.521  1.00 87.47  ? 43  LYS B C   1 
ATOM   1275 O  O   . LYS B 2 56  ? -7.393  12.614  -0.606  1.00 83.40  ? 43  LYS B O   1 
ATOM   1276 C  CB  . LYS B 2 56  ? -9.565  13.053  -3.256  1.00 80.60  ? 43  LYS B CB  1 
ATOM   1277 N  N   . LYS B 2 57  ? -8.621  10.868  -1.406  1.00 87.35  ? 44  LYS B N   1 
ATOM   1278 C  CA  . LYS B 2 57  ? -8.678  10.114  -0.139  1.00 88.88  ? 44  LYS B CA  1 
ATOM   1279 C  C   . LYS B 2 57  ? -7.284  9.913   0.457   1.00 88.64  ? 44  LYS B C   1 
ATOM   1280 O  O   . LYS B 2 57  ? -7.022  10.308  1.594   1.00 85.83  ? 44  LYS B O   1 
ATOM   1281 C  CB  . LYS B 2 57  ? -9.369  8.755   -0.341  1.00 85.46  ? 44  LYS B CB  1 
ATOM   1282 N  N   . ALA B 2 58  ? -6.392  9.335   -0.344  1.00 89.50  ? 45  ALA B N   1 
ATOM   1283 C  CA  . ALA B 2 58  ? -4.990  9.147   0.039   1.00 86.21  ? 45  ALA B CA  1 
ATOM   1284 C  C   . ALA B 2 58  ? -4.257  10.470  0.325   1.00 84.52  ? 45  ALA B C   1 
ATOM   1285 O  O   . ALA B 2 58  ? -3.348  10.506  1.154   1.00 87.49  ? 45  ALA B O   1 
ATOM   1286 C  CB  . ALA B 2 58  ? -4.262  8.363   -1.044  1.00 86.25  ? 45  ALA B CB  1 
ATOM   1287 N  N   . GLY B 2 59  ? -4.650  11.539  -0.369  1.00 83.19  ? 46  GLY B N   1 
ATOM   1288 C  CA  . GLY B 2 59  ? -4.066  12.860  -0.178  1.00 84.04  ? 46  GLY B CA  1 
ATOM   1289 C  C   . GLY B 2 59  ? -2.789  13.062  -0.974  1.00 87.83  ? 46  GLY B C   1 
ATOM   1290 O  O   . GLY B 2 59  ? -1.789  13.555  -0.435  1.00 94.27  ? 46  GLY B O   1 
ATOM   1291 N  N   . ILE B 2 60  ? -2.821  12.678  -2.255  1.00 88.74  ? 47  ILE B N   1 
ATOM   1292 C  CA  . ILE B 2 60  ? -1.717  12.922  -3.192  1.00 85.61  ? 47  ILE B CA  1 
ATOM   1293 C  C   . ILE B 2 60  ? -2.059  14.124  -4.087  1.00 83.85  ? 47  ILE B C   1 
ATOM   1294 O  O   . ILE B 2 60  ? -3.026  14.079  -4.850  1.00 79.56  ? 47  ILE B O   1 
ATOM   1295 C  CB  . ILE B 2 60  ? -1.432  11.691  -4.074  1.00 80.95  ? 47  ILE B CB  1 
ATOM   1296 N  N   . ASP B 2 61  ? -1.281  15.201  -3.953  1.00 86.62  ? 48  ASP B N   1 
ATOM   1297 C  CA  . ASP B 2 61  ? -1.390  16.390  -4.821  1.00 85.95  ? 48  ASP B CA  1 
ATOM   1298 C  C   . ASP B 2 61  ? -0.732  16.169  -6.193  1.00 84.78  ? 48  ASP B C   1 
ATOM   1299 O  O   . ASP B 2 61  ? -1.209  16.708  -7.198  1.00 77.57  ? 48  ASP B O   1 
ATOM   1300 C  CB  . ASP B 2 61  ? -0.723  17.622  -4.159  1.00 90.17  ? 48  ASP B CB  1 
ATOM   1301 C  CG  . ASP B 2 61  ? -1.571  18.256  -3.059  1.00 93.42  ? 48  ASP B CG  1 
ATOM   1302 O  OD1 . ASP B 2 61  ? -2.815  18.212  -3.143  1.00 98.95  ? 48  ASP B OD1 1 
ATOM   1303 O  OD2 . ASP B 2 61  ? -0.986  18.818  -2.103  1.00 89.49  ? 48  ASP B OD2 1 
ATOM   1304 N  N   . ILE B 2 62  ? 0.358   15.384  -6.214  1.00 80.73  ? 49  ILE B N   1 
ATOM   1305 C  CA  . ILE B 2 62  ? 1.293   15.290  -7.351  1.00 73.37  ? 49  ILE B CA  1 
ATOM   1306 C  C   . ILE B 2 62  ? 1.124   13.960  -8.064  1.00 70.63  ? 49  ILE B C   1 
ATOM   1307 O  O   . ILE B 2 62  ? 1.189   12.894  -7.437  1.00 68.03  ? 49  ILE B O   1 
ATOM   1308 C  CB  . ILE B 2 62  ? 2.781   15.384  -6.902  1.00 69.98  ? 49  ILE B CB  1 
ATOM   1309 C  CG1 . ILE B 2 62  ? 3.043   16.690  -6.129  1.00 70.10  ? 49  ILE B CG1 1 
ATOM   1310 C  CG2 . ILE B 2 62  ? 3.742   15.278  -8.094  1.00 68.46  ? 49  ILE B CG2 1 
ATOM   1311 C  CD1 . ILE B 2 62  ? 2.818   16.585  -4.631  1.00 72.53  ? 49  ILE B CD1 1 
ATOM   1312 N  N   . LYS B 2 63  ? 0.950   14.034  -9.380  1.00 67.33  ? 50  LYS B N   1 
ATOM   1313 C  CA  . LYS B 2 63  ? 0.871   12.835  -10.200 1.00 67.07  ? 50  LYS B CA  1 
ATOM   1314 C  C   . LYS B 2 63  ? 2.184   12.048  -10.134 1.00 68.38  ? 50  LYS B C   1 
ATOM   1315 O  O   . LYS B 2 63  ? 3.279   12.635  -10.116 1.00 69.83  ? 50  LYS B O   1 
ATOM   1316 C  CB  . LYS B 2 63  ? 0.526   13.173  -11.654 1.00 66.35  ? 50  LYS B CB  1 
ATOM   1317 C  CG  . LYS B 2 63  ? 1.719   13.392  -12.599 1.00 67.05  ? 50  LYS B CG  1 
ATOM   1318 C  CD  . LYS B 2 63  ? 1.298   13.897  -13.980 1.00 69.17  ? 50  LYS B CD  1 
ATOM   1319 C  CE  . LYS B 2 63  ? 0.275   12.986  -14.669 1.00 72.54  ? 50  LYS B CE  1 
ATOM   1320 N  NZ  . LYS B 2 63  ? 0.739   12.208  -15.862 1.00 75.87  ? 50  LYS B NZ  1 
ATOM   1321 N  N   . GLY B 2 64  ? 2.059   10.725  -10.118 1.00 64.35  ? 51  GLY B N   1 
ATOM   1322 C  CA  . GLY B 2 64  ? 3.211   9.853   -10.068 1.00 62.89  ? 51  GLY B CA  1 
ATOM   1323 C  C   . GLY B 2 64  ? 2.899   8.538   -9.410  1.00 63.02  ? 51  GLY B C   1 
ATOM   1324 O  O   . GLY B 2 64  ? 1.799   8.321   -8.903  1.00 63.91  ? 51  GLY B O   1 
ATOM   1325 N  N   . LYS B 2 65  ? 3.900   7.667   -9.429  1.00 64.82  ? 52  LYS B N   1 
ATOM   1326 C  CA  . LYS B 2 65  ? 3.821   6.351   -8.832  1.00 65.12  ? 52  LYS B CA  1 
ATOM   1327 C  C   . LYS B 2 65  ? 4.115   6.490   -7.346  1.00 64.47  ? 52  LYS B C   1 
ATOM   1328 O  O   . LYS B 2 65  ? 4.934   7.319   -6.950  1.00 66.49  ? 52  LYS B O   1 
ATOM   1329 C  CB  . LYS B 2 65  ? 4.840   5.417   -9.485  1.00 70.05  ? 52  LYS B CB  1 
ATOM   1330 C  CG  . LYS B 2 65  ? 4.754   5.357   -11.003 1.00 73.05  ? 52  LYS B CG  1 
ATOM   1331 C  CD  . LYS B 2 65  ? 5.473   4.132   -11.548 1.00 80.57  ? 52  LYS B CD  1 
ATOM   1332 C  CE  . LYS B 2 65  ? 5.469   4.106   -13.072 1.00 88.77  ? 52  LYS B CE  1 
ATOM   1333 N  NZ  . LYS B 2 65  ? 6.725   4.671   -13.655 1.00 95.86  ? 52  LYS B NZ  1 
ATOM   1334 N  N   . TYR B 2 66  ? 3.439   5.683   -6.531  1.00 64.67  ? 53  TYR B N   1 
ATOM   1335 C  CA  . TYR B 2 66  ? 3.577   5.730   -5.074  1.00 63.67  ? 53  TYR B CA  1 
ATOM   1336 C  C   . TYR B 2 66  ? 3.517   4.330   -4.502  1.00 62.82  ? 53  TYR B C   1 
ATOM   1337 O  O   . TYR B 2 66  ? 2.702   3.533   -4.940  1.00 69.08  ? 53  TYR B O   1 
ATOM   1338 C  CB  . TYR B 2 66  ? 2.439   6.540   -4.456  1.00 66.00  ? 53  TYR B CB  1 
ATOM   1339 C  CG  . TYR B 2 66  ? 2.522   8.028   -4.683  1.00 67.52  ? 53  TYR B CG  1 
ATOM   1340 C  CD1 . TYR B 2 66  ? 3.306   8.831   -3.862  1.00 68.83  ? 53  TYR B CD1 1 
ATOM   1341 C  CD2 . TYR B 2 66  ? 1.803   8.635   -5.708  1.00 69.14  ? 53  TYR B CD2 1 
ATOM   1342 C  CE1 . TYR B 2 66  ? 3.383   10.201  -4.064  1.00 72.63  ? 53  TYR B CE1 1 
ATOM   1343 C  CE2 . TYR B 2 66  ? 1.869   10.003  -5.916  1.00 72.56  ? 53  TYR B CE2 1 
ATOM   1344 C  CZ  . TYR B 2 66  ? 2.660   10.781  -5.096  1.00 71.45  ? 53  TYR B CZ  1 
ATOM   1345 O  OH  . TYR B 2 66  ? 2.711   12.130  -5.319  1.00 74.84  ? 53  TYR B OH  1 
ATOM   1346 N  N   . ALA B 2 67  ? 4.350   4.038   -3.512  1.00 61.38  ? 54  ALA B N   1 
ATOM   1347 C  CA  . ALA B 2 67  ? 4.206   2.800   -2.743  1.00 62.45  ? 54  ALA B CA  1 
ATOM   1348 C  C   . ALA B 2 67  ? 2.996   2.901   -1.807  1.00 63.36  ? 54  ALA B C   1 
ATOM   1349 O  O   . ALA B 2 67  ? 2.496   3.991   -1.542  1.00 69.46  ? 54  ALA B O   1 
ATOM   1350 C  CB  . ALA B 2 67  ? 5.469   2.518   -1.948  1.00 62.39  ? 54  ALA B CB  1 
ATOM   1351 N  N   . LEU B 2 68  ? 2.514   1.766   -1.322  1.00 63.37  ? 55  LEU B N   1 
ATOM   1352 C  CA  . LEU B 2 68  ? 1.419   1.757   -0.345  1.00 61.20  ? 55  LEU B CA  1 
ATOM   1353 C  C   . LEU B 2 68  ? 1.921   1.611   1.100   1.00 61.70  ? 55  LEU B C   1 
ATOM   1354 O  O   . LEU B 2 68  ? 1.303   2.145   2.031   1.00 61.40  ? 55  LEU B O   1 
ATOM   1355 C  CB  . LEU B 2 68  ? 0.407   0.662   -0.694  1.00 57.48  ? 55  LEU B CB  1 
ATOM   1356 C  CG  . LEU B 2 68  ? -0.389  0.887   -1.976  1.00 55.23  ? 55  LEU B CG  1 
ATOM   1357 C  CD1 . LEU B 2 68  ? -1.221  -0.331  -2.326  1.00 55.64  ? 55  LEU B CD1 1 
ATOM   1358 C  CD2 . LEU B 2 68  ? -1.295  2.095   -1.850  1.00 55.80  ? 55  LEU B CD2 1 
ATOM   1359 N  N   . SER B 2 69  ? 3.022   0.879   1.277   1.00 61.55  ? 56  SER B N   1 
ATOM   1360 C  CA  . SER B 2 69  ? 3.722   0.787   2.558   1.00 62.57  ? 56  SER B CA  1 
ATOM   1361 C  C   . SER B 2 69  ? 5.212   0.894   2.321   1.00 62.04  ? 56  SER B C   1 
ATOM   1362 O  O   . SER B 2 69  ? 5.688   0.503   1.260   1.00 58.22  ? 56  SER B O   1 
ATOM   1363 C  CB  . SER B 2 69  ? 3.410   -0.543  3.233   1.00 65.84  ? 56  SER B CB  1 
ATOM   1364 O  OG  . SER B 2 69  ? 2.160   -0.487  3.889   1.00 73.82  ? 56  SER B OG  1 
ATOM   1365 N  N   . VAL B 2 70  ? 5.938   1.446   3.298   1.00 67.56  ? 57  VAL B N   1 
ATOM   1366 C  CA  . VAL B 2 70  ? 7.409   1.576   3.224   1.00 71.40  ? 57  VAL B CA  1 
ATOM   1367 C  C   . VAL B 2 70  ? 8.058   1.436   4.597   1.00 68.79  ? 57  VAL B C   1 
ATOM   1368 O  O   . VAL B 2 70  ? 7.534   1.920   5.606   1.00 68.34  ? 57  VAL B O   1 
ATOM   1369 C  CB  . VAL B 2 70  ? 7.890   2.933   2.636   1.00 73.81  ? 57  VAL B CB  1 
ATOM   1370 C  CG1 . VAL B 2 70  ? 9.378   2.896   2.276   1.00 76.14  ? 57  VAL B CG1 1 
ATOM   1371 C  CG2 . VAL B 2 70  ? 7.098   3.305   1.401   1.00 76.93  ? 57  VAL B CG2 1 
ATOM   1372 N  N   . LYS B 2 71  ? 9.230   0.811   4.583   1.00 63.97  ? 58  LYS B N   1 
ATOM   1373 C  CA  . LYS B 2 71  ? 10.019  0.521   5.759   1.00 63.33  ? 58  LYS B CA  1 
ATOM   1374 C  C   . LYS B 2 71  ? 11.503  0.628   5.357   1.00 63.36  ? 58  LYS B C   1 
ATOM   1375 O  O   . LYS B 2 71  ? 11.818  0.680   4.167   1.00 60.35  ? 58  LYS B O   1 
ATOM   1376 C  CB  . LYS B 2 71  ? 9.692   -0.906  6.198   1.00 65.51  ? 58  LYS B CB  1 
ATOM   1377 C  CG  . LYS B 2 71  ? 9.699   -1.145  7.695   1.00 66.72  ? 58  LYS B CG  1 
ATOM   1378 C  CD  . LYS B 2 71  ? 10.392  -2.456  8.046   1.00 70.52  ? 58  LYS B CD  1 
ATOM   1379 C  CE  . LYS B 2 71  ? 9.657   -3.674  7.492   1.00 70.93  ? 58  LYS B CE  1 
ATOM   1380 N  NZ  . LYS B 2 71  ? 8.435   -3.997  8.292   1.00 74.96  ? 58  LYS B NZ  1 
ATOM   1381 N  N   . GLU B 2 72  ? 12.412  0.626   6.325   1.00 60.55  ? 59  GLU B N   1 
ATOM   1382 C  CA  . GLU B 2 72  ? 13.821  0.868   6.018   1.00 60.99  ? 59  GLU B CA  1 
ATOM   1383 C  C   . GLU B 2 72  ? 14.538  -0.381  5.506   1.00 60.02  ? 59  GLU B C   1 
ATOM   1384 O  O   . GLU B 2 72  ? 14.253  -1.494  5.946   1.00 63.75  ? 59  GLU B O   1 
ATOM   1385 C  CB  . GLU B 2 72  ? 14.537  1.446   7.239   1.00 63.11  ? 59  GLU B CB  1 
ATOM   1386 C  CG  . GLU B 2 72  ? 13.982  2.799   7.705   1.00 61.26  ? 59  GLU B CG  1 
ATOM   1387 C  CD  . GLU B 2 72  ? 14.907  3.540   8.687   1.00 64.50  ? 59  GLU B CD  1 
ATOM   1388 O  OE1 . GLU B 2 72  ? 16.064  3.079   8.957   1.00 58.07  ? 59  GLU B OE1 1 
ATOM   1389 O  OE2 . GLU B 2 72  ? 14.458  4.600   9.207   1.00 63.07  ? 59  GLU B OE2 1 
HETATM 1390 ZN ZN  . ZN  C 3 .   ? 9.043   12.276  -0.322  1.00 73.60  ? 101 ZN  B ZN  1 
HETATM 1391 O  O   . HOH D 4 .   ? 11.932  -5.349  10.017  1.00 55.49  ? 201 HOH A O   1 
HETATM 1392 O  O   . HOH D 4 .   ? -0.618  -4.221  -25.359 1.00 66.72  ? 202 HOH A O   1 
HETATM 1393 O  O   . HOH D 4 .   ? -20.164 -4.321  -7.989  1.00 86.62  ? 203 HOH A O   1 
HETATM 1394 O  O   . HOH D 4 .   ? 3.619   -14.198 -12.468 1.00 57.80  ? 204 HOH A O   1 
HETATM 1395 O  O   . HOH D 4 .   ? -19.516 2.298   -7.259  1.00 70.05  ? 205 HOH A O   1 
HETATM 1396 O  O   . HOH D 4 .   ? -17.360 -6.256  -22.449 1.00 60.14  ? 206 HOH A O   1 
HETATM 1397 O  O   . HOH D 4 .   ? -19.073 2.932   -17.664 1.00 61.85  ? 207 HOH A O   1 
HETATM 1398 O  O   . HOH D 4 .   ? -2.558  -6.248  -6.924  1.00 48.61  ? 208 HOH A O   1 
HETATM 1399 O  O   . HOH D 4 .   ? 14.159  0.117   27.933  1.00 71.91  ? 209 HOH A O   1 
HETATM 1400 O  O   . HOH D 4 .   ? -17.729 4.583   -14.418 1.00 57.75  ? 210 HOH A O   1 
HETATM 1401 O  O   . HOH D 4 .   ? 0.477   2.388   11.559  1.00 59.50  ? 211 HOH A O   1 
HETATM 1402 O  O   . HOH E 4 .   ? 13.623  18.431  -2.104  1.00 65.77  ? 201 HOH B O   1 
HETATM 1403 O  O   . HOH E 4 .   ? 1.749   19.171  -1.239  1.00 65.11  ? 202 HOH B O   1 
HETATM 1404 O  O   . HOH E 4 .   ? 8.569   -4.020  -3.932  1.00 49.98  ? 203 HOH B O   1 
HETATM 1405 O  O   . HOH E 4 .   ? 7.391   -2.365  3.858   1.00 42.96  ? 204 HOH B O   1 
HETATM 1406 O  O   . HOH E 4 .   ? 14.231  8.018   -10.780 1.00 59.39  ? 205 HOH B O   1 
# 
loop_
_pdbx_poly_seq_scheme.asym_id 
_pdbx_poly_seq_scheme.entity_id 
_pdbx_poly_seq_scheme.seq_id 
_pdbx_poly_seq_scheme.mon_id 
_pdbx_poly_seq_scheme.ndb_seq_num 
_pdbx_poly_seq_scheme.pdb_seq_num 
_pdbx_poly_seq_scheme.auth_seq_num 
_pdbx_poly_seq_scheme.pdb_mon_id 
_pdbx_poly_seq_scheme.auth_mon_id 
_pdbx_poly_seq_scheme.pdb_strand_id 
_pdbx_poly_seq_scheme.pdb_ins_code 
_pdbx_poly_seq_scheme.hetero 
A 1 1   MET 1   1   1   MET MET A . n 
A 1 2   ILE 2   2   2   ILE ILE A . n 
A 1 3   PHE 3   3   3   PHE PHE A . n 
A 1 4   ALA 4   4   4   ALA ALA A . n 
A 1 5   VAL 5   5   5   VAL VAL A . n 
A 1 6   ARG 6   6   6   ARG ARG A . n 
A 1 7   THR 7   7   7   THR THR A . n 
A 1 8   MET 8   8   8   MET MET A . n 
A 1 9   VAL 9   9   9   VAL VAL A . n 
A 1 10  GLY 10  10  10  GLY GLY A . n 
A 1 11  GLN 11  11  11  GLN GLN A . n 
A 1 12  GLU 12  12  12  GLU GLU A . n 
A 1 13  LYS 13  13  13  LYS LYS A . n 
A 1 14  ASN 14  14  14  ASN ASN A . n 
A 1 15  ILE 15  15  15  ILE ILE A . n 
A 1 16  ALA 16  16  16  ALA ALA A . n 
A 1 17  GLY 17  17  17  GLY GLY A . n 
A 1 18  LEU 18  18  18  LEU LEU A . n 
A 1 19  MET 19  19  19  MET MET A . n 
A 1 20  ALA 20  20  20  ALA ALA A . n 
A 1 21  SER 21  21  21  SER SER A . n 
A 1 22  ARG 22  22  22  ARG ARG A . n 
A 1 23  ALA 23  23  23  ALA ALA A . n 
A 1 24  GLU 24  24  24  GLU GLU A . n 
A 1 25  LYS 25  25  25  LYS LYS A . n 
A 1 26  GLU 26  26  26  GLU GLU A . n 
A 1 27  GLN 27  27  27  GLN GLN A . n 
A 1 28  LEU 28  28  28  LEU LEU A . n 
A 1 29  ASP 29  29  29  ASP ASP A . n 
A 1 30  VAL 30  30  30  VAL VAL A . n 
A 1 31  TYR 31  31  31  TYR TYR A . n 
A 1 32  SER 32  32  32  SER SER A . n 
A 1 33  ILE 33  33  33  ILE ILE A . n 
A 1 34  LEU 34  34  34  LEU LEU A . n 
A 1 35  ALA 35  35  35  ALA ALA A . n 
A 1 36  SER 36  36  36  SER SER A . n 
A 1 37  GLU 37  37  37  GLU GLU A . n 
A 1 38  SER 38  38  38  SER SER A . n 
A 1 39  LEU 39  39  39  LEU LEU A . n 
A 1 40  LYS 40  40  40  LYS LYS A . n 
A 1 41  GLY 41  41  41  GLY GLY A . n 
A 1 42  TYR 42  42  42  TYR TYR A . n 
A 1 43  VAL 43  43  43  VAL VAL A . n 
A 1 44  LEU 44  44  44  LEU LEU A . n 
A 1 45  VAL 45  45  45  VAL VAL A . n 
A 1 46  GLU 46  46  46  GLU GLU A . n 
A 1 47  ALA 47  47  47  ALA ALA A . n 
A 1 48  GLU 48  48  48  GLU GLU A . n 
A 1 49  THR 49  49  49  THR THR A . n 
A 1 50  LYS 50  50  50  LYS LYS A . n 
A 1 51  GLY 51  51  51  GLY GLY A . n 
A 1 52  ASP 52  52  52  ASP ASP A . n 
A 1 53  VAL 53  53  53  VAL VAL A . n 
A 1 54  GLU 54  54  54  GLU GLU A . n 
A 1 55  GLU 55  55  55  GLU GLU A . n 
A 1 56  LEU 56  56  56  LEU LEU A . n 
A 1 57  ILE 57  57  57  ILE ILE A . n 
A 1 58  LYS 58  58  58  LYS LYS A . n 
A 1 59  GLY 59  59  59  GLY GLY A . n 
A 1 60  MET 60  60  60  MET MET A . n 
A 1 61  PRO 61  61  61  PRO PRO A . n 
A 1 62  ARG 62  62  62  ARG ARG A . n 
A 1 63  VAL 63  63  63  VAL VAL A . n 
A 1 64  ARG 64  64  64  ARG ARG A . n 
A 1 65  GLY 65  65  65  GLY GLY A . n 
A 1 66  ILE 66  66  66  ILE ILE A . n 
A 1 67  VAL 67  67  67  VAL VAL A . n 
A 1 68  PRO 68  68  68  PRO PRO A . n 
A 1 69  GLY 69  69  69  GLY GLY A . n 
A 1 70  THR 70  70  70  THR THR A . n 
A 1 71  ILE 71  71  71  ILE ILE A . n 
A 1 72  ALA 72  72  72  ALA ALA A . n 
A 1 73  ILE 73  73  73  ILE ILE A . n 
A 1 74  GLU 74  74  74  GLU GLU A . n 
A 1 75  GLU 75  75  75  GLU GLU A . n 
A 1 76  ILE 76  76  76  ILE ILE A . n 
A 1 77  GLU 77  77  77  GLU GLU A . n 
A 1 78  PRO 78  78  78  PRO PRO A . n 
A 1 79  LEU 79  79  79  LEU LEU A . n 
A 1 80  LEU 80  80  80  LEU LEU A . n 
A 1 81  THR 81  81  81  THR THR A . n 
A 1 82  PRO 82  82  82  PRO PRO A . n 
A 1 83  LYS 83  83  ?   ?   ?   A . n 
A 1 84  LYS 84  84  ?   ?   ?   A . n 
A 1 85  ILE 85  85  ?   ?   ?   A . n 
A 1 86  ILE 86  86  ?   ?   ?   A . n 
A 1 87  GLU 87  87  87  GLU GLU A . n 
A 1 88  ASN 88  88  88  ASN ASN A . n 
A 1 89  ILE 89  89  89  ILE ILE A . n 
A 1 90  GLU 90  90  90  GLU GLU A . n 
A 1 91  LYS 91  91  91  LYS LYS A . n 
A 1 92  GLY 92  92  92  GLY GLY A . n 
A 1 93  ASP 93  93  93  ASP ASP A . n 
A 1 94  VAL 94  94  94  VAL VAL A . n 
A 1 95  VAL 95  95  95  VAL VAL A . n 
A 1 96  GLU 96  96  96  GLU GLU A . n 
A 1 97  ILE 97  97  97  ILE ILE A . n 
A 1 98  ILE 98  98  98  ILE ILE A . n 
A 1 99  ALA 99  99  99  ALA ALA A . n 
A 1 100 GLY 100 100 ?   ?   ?   A . n 
A 1 101 PRO 101 101 101 PRO PRO A . n 
A 1 102 PHE 102 102 102 PHE PHE A . n 
A 1 103 LYS 103 103 103 LYS LYS A . n 
A 1 104 GLY 104 104 104 GLY GLY A . n 
A 1 105 GLU 105 105 105 GLU GLU A . n 
A 1 106 ARG 106 106 106 ARG ARG A . n 
A 1 107 ALA 107 107 107 ALA ALA A . n 
A 1 108 LYS 108 108 108 LYS LYS A . n 
A 1 109 VAL 109 109 109 VAL VAL A . n 
A 1 110 ILE 110 110 110 ILE ILE A . n 
A 1 111 ARG 111 111 111 ARG ARG A . n 
A 1 112 VAL 112 112 112 VAL VAL A . n 
A 1 113 ASP 113 113 113 ASP ASP A . n 
A 1 114 LYS 114 114 114 LYS LYS A . n 
A 1 115 HIS 115 115 115 HIS HIS A . n 
A 1 116 LYS 116 116 116 LYS LYS A . n 
A 1 117 GLU 117 117 117 GLU GLU A . n 
A 1 118 GLU 118 118 118 GLU GLU A . n 
A 1 119 VAL 119 119 119 VAL VAL A . n 
A 1 120 THR 120 120 120 THR THR A . n 
A 1 121 LEU 121 121 121 LEU LEU A . n 
A 1 122 GLU 122 122 122 GLU GLU A . n 
A 1 123 LEU 123 123 123 LEU LEU A . n 
A 1 124 GLU 124 124 124 GLU GLU A . n 
A 1 125 ASN 125 125 125 ASN ASN A . n 
A 1 126 ALA 126 126 126 ALA ALA A . n 
A 1 127 ALA 127 127 ?   ?   ?   A . n 
A 1 128 VAL 128 128 ?   ?   ?   A . n 
A 1 129 PRO 129 129 129 PRO PRO A . n 
A 1 130 ILE 130 130 130 ILE ILE A . n 
A 1 131 PRO 131 131 131 PRO PRO A . n 
A 1 132 ILE 132 132 132 ILE ILE A . n 
A 1 133 THR 133 133 133 THR THR A . n 
A 1 134 LEU 134 134 134 LEU LEU A . n 
A 1 135 PRO 135 135 135 PRO PRO A . n 
A 1 136 VAL 136 136 136 VAL VAL A . n 
A 1 137 GLU 137 137 137 GLU GLU A . n 
A 1 138 GLY 138 138 138 GLY GLY A . n 
A 1 139 VAL 139 139 139 VAL VAL A . n 
A 1 140 LYS 140 140 140 LYS LYS A . n 
A 1 141 ILE 141 141 141 ILE ILE A . n 
A 1 142 VAL 142 142 142 VAL VAL A . n 
A 1 143 SER 143 143 143 SER SER A . n 
A 1 144 LYS 144 144 144 LYS LYS A . n 
A 1 145 HIS 145 145 145 HIS HIS A . n 
A 1 146 LYS 146 146 ?   ?   ?   A . n 
A 1 147 ASP 147 147 ?   ?   ?   A . n 
B 2 1   MET 1   -12 ?   ?   ?   B . n 
B 2 2   GLY 2   -11 ?   ?   ?   B . n 
B 2 3   SER 3   -10 ?   ?   ?   B . n 
B 2 4   SER 4   -9  ?   ?   ?   B . n 
B 2 5   HIS 5   -8  ?   ?   ?   B . n 
B 2 6   HIS 6   -7  ?   ?   ?   B . n 
B 2 7   HIS 7   -6  ?   ?   ?   B . n 
B 2 8   HIS 8   -5  ?   ?   ?   B . n 
B 2 9   HIS 9   -4  ?   ?   ?   B . n 
B 2 10  HIS 10  -3  ?   ?   ?   B . n 
B 2 11  SER 11  -2  ?   ?   ?   B . n 
B 2 12  GLN 12  -1  ?   ?   ?   B . n 
B 2 13  ASP 13  0   ?   ?   ?   B . n 
B 2 14  PRO 14  1   1   PRO PRO B . n 
B 2 15  ARG 15  2   2   ARG ARG B . n 
B 2 16  ALA 16  3   3   ALA ALA B . n 
B 2 17  CYS 17  4   4   CYS CYS B . n 
B 2 18  LEU 18  5   5   LEU LEU B . n 
B 2 19  LYS 19  6   6   LYS LYS B . n 
B 2 20  CYS 20  7   7   CYS CYS B . n 
B 2 21  LYS 21  8   8   LYS LYS B . n 
B 2 22  TYR 22  9   9   TYR TYR B . n 
B 2 23  LEU 23  10  10  LEU LEU B . n 
B 2 24  THR 24  11  11  THR THR B . n 
B 2 25  ASN 25  12  12  ASN ASN B . n 
B 2 26  ASP 26  13  13  ASP ASP B . n 
B 2 27  GLU 27  14  14  GLU GLU B . n 
B 2 28  ILE 28  15  15  ILE ILE B . n 
B 2 29  CYS 29  16  16  CYS CYS B . n 
B 2 30  PRO 30  17  17  PRO PRO B . n 
B 2 31  ILE 31  18  18  ILE ILE B . n 
B 2 32  CYS 32  19  19  CYS CYS B . n 
B 2 33  HIS 33  20  20  HIS HIS B . n 
B 2 34  SER 34  21  21  SER SER B . n 
B 2 35  PRO 35  22  22  PRO PRO B . n 
B 2 36  THR 36  23  23  THR THR B . n 
B 2 37  SER 37  24  24  SER SER B . n 
B 2 38  GLU 38  25  25  GLU GLU B . n 
B 2 39  ASN 39  26  26  ASN ASN B . n 
B 2 40  TRP 40  27  27  TRP TRP B . n 
B 2 41  ILE 41  28  28  ILE ILE B . n 
B 2 42  GLY 42  29  29  GLY GLY B . n 
B 2 43  LEU 43  30  30  LEU LEU B . n 
B 2 44  LEU 44  31  31  LEU LEU B . n 
B 2 45  ILE 45  32  32  ILE ILE B . n 
B 2 46  VAL 46  33  33  VAL VAL B . n 
B 2 47  ILE 47  34  34  ILE ILE B . n 
B 2 48  ASN 48  35  35  ASN ASN B . n 
B 2 49  PRO 49  36  36  PRO PRO B . n 
B 2 50  GLU 50  37  37  GLU GLU B . n 
B 2 51  LYS 51  38  38  LYS LYS B . n 
B 2 52  SER 52  39  39  SER SER B . n 
B 2 53  GLU 53  40  40  GLU GLU B . n 
B 2 54  ILE 54  41  41  ILE ILE B . n 
B 2 55  ALA 55  42  42  ALA ALA B . n 
B 2 56  LYS 56  43  43  LYS LYS B . n 
B 2 57  LYS 57  44  44  LYS LYS B . n 
B 2 58  ALA 58  45  45  ALA ALA B . n 
B 2 59  GLY 59  46  46  GLY GLY B . n 
B 2 60  ILE 60  47  47  ILE ILE B . n 
B 2 61  ASP 61  48  48  ASP ASP B . n 
B 2 62  ILE 62  49  49  ILE ILE B . n 
B 2 63  LYS 63  50  50  LYS LYS B . n 
B 2 64  GLY 64  51  51  GLY GLY B . n 
B 2 65  LYS 65  52  52  LYS LYS B . n 
B 2 66  TYR 66  53  53  TYR TYR B . n 
B 2 67  ALA 67  54  54  ALA ALA B . n 
B 2 68  LEU 68  55  55  LEU LEU B . n 
B 2 69  SER 69  56  56  SER SER B . n 
B 2 70  VAL 70  57  57  VAL VAL B . n 
B 2 71  LYS 71  58  58  LYS LYS B . n 
B 2 72  GLU 72  59  59  GLU GLU B . n 
# 
loop_
_pdbx_nonpoly_scheme.asym_id 
_pdbx_nonpoly_scheme.entity_id 
_pdbx_nonpoly_scheme.mon_id 
_pdbx_nonpoly_scheme.ndb_seq_num 
_pdbx_nonpoly_scheme.pdb_seq_num 
_pdbx_nonpoly_scheme.auth_seq_num 
_pdbx_nonpoly_scheme.pdb_mon_id 
_pdbx_nonpoly_scheme.auth_mon_id 
_pdbx_nonpoly_scheme.pdb_strand_id 
_pdbx_nonpoly_scheme.pdb_ins_code 
C 3 ZN  1  101 1  ZN  ZN  B . 
D 4 HOH 1  201 4  HOH HOH A . 
D 4 HOH 2  202 14 HOH HOH A . 
D 4 HOH 3  203 3  HOH HOH A . 
D 4 HOH 4  204 1  HOH HOH A . 
D 4 HOH 5  205 9  HOH HOH A . 
D 4 HOH 6  206 8  HOH HOH A . 
D 4 HOH 7  207 16 HOH HOH A . 
D 4 HOH 8  208 2  HOH HOH A . 
D 4 HOH 9  209 6  HOH HOH A . 
D 4 HOH 10 210 11 HOH HOH A . 
D 4 HOH 11 211 13 HOH HOH A . 
E 4 HOH 1  201 12 HOH HOH B . 
E 4 HOH 2  202 10 HOH HOH B . 
E 4 HOH 3  203 18 HOH HOH B . 
E 4 HOH 4  204 7  HOH HOH B . 
E 4 HOH 5  205 5  HOH HOH B . 
# 
_pdbx_struct_assembly.id                   1 
_pdbx_struct_assembly.details              author_and_software_defined_assembly 
_pdbx_struct_assembly.method_details       PISA 
_pdbx_struct_assembly.oligomeric_details   dimeric 
_pdbx_struct_assembly.oligomeric_count     2 
# 
_pdbx_struct_assembly_gen.assembly_id       1 
_pdbx_struct_assembly_gen.oper_expression   1 
_pdbx_struct_assembly_gen.asym_id_list      A,B,C,D,E 
# 
loop_
_pdbx_struct_assembly_prop.biol_id 
_pdbx_struct_assembly_prop.type 
_pdbx_struct_assembly_prop.value 
_pdbx_struct_assembly_prop.details 
1 'ABSA (A^2)' 1760  ? 
1 MORE         -13   ? 
1 'SSA (A^2)'  10600 ? 
# 
_pdbx_struct_oper_list.id                   1 
_pdbx_struct_oper_list.type                 'identity operation' 
_pdbx_struct_oper_list.name                 1_555 
_pdbx_struct_oper_list.symmetry_operation   x,y,z 
_pdbx_struct_oper_list.matrix[1][1]         1.0000000000 
_pdbx_struct_oper_list.matrix[1][2]         0.0000000000 
_pdbx_struct_oper_list.matrix[1][3]         0.0000000000 
_pdbx_struct_oper_list.vector[1]            0.0000000000 
_pdbx_struct_oper_list.matrix[2][1]         0.0000000000 
_pdbx_struct_oper_list.matrix[2][2]         1.0000000000 
_pdbx_struct_oper_list.matrix[2][3]         0.0000000000 
_pdbx_struct_oper_list.vector[2]            0.0000000000 
_pdbx_struct_oper_list.matrix[3][1]         0.0000000000 
_pdbx_struct_oper_list.matrix[3][2]         0.0000000000 
_pdbx_struct_oper_list.matrix[3][3]         1.0000000000 
_pdbx_struct_oper_list.vector[3]            0.0000000000 
# 
loop_
_pdbx_struct_conn_angle.id 
_pdbx_struct_conn_angle.ptnr1_label_atom_id 
_pdbx_struct_conn_angle.ptnr1_label_alt_id 
_pdbx_struct_conn_angle.ptnr1_label_asym_id 
_pdbx_struct_conn_angle.ptnr1_label_comp_id 
_pdbx_struct_conn_angle.ptnr1_label_seq_id 
_pdbx_struct_conn_angle.ptnr1_auth_atom_id 
_pdbx_struct_conn_angle.ptnr1_auth_asym_id 
_pdbx_struct_conn_angle.ptnr1_auth_comp_id 
_pdbx_struct_conn_angle.ptnr1_auth_seq_id 
_pdbx_struct_conn_angle.ptnr1_PDB_ins_code 
_pdbx_struct_conn_angle.ptnr1_symmetry 
_pdbx_struct_conn_angle.ptnr2_label_atom_id 
_pdbx_struct_conn_angle.ptnr2_label_alt_id 
_pdbx_struct_conn_angle.ptnr2_label_asym_id 
_pdbx_struct_conn_angle.ptnr2_label_comp_id 
_pdbx_struct_conn_angle.ptnr2_label_seq_id 
_pdbx_struct_conn_angle.ptnr2_auth_atom_id 
_pdbx_struct_conn_angle.ptnr2_auth_asym_id 
_pdbx_struct_conn_angle.ptnr2_auth_comp_id 
_pdbx_struct_conn_angle.ptnr2_auth_seq_id 
_pdbx_struct_conn_angle.ptnr2_PDB_ins_code 
_pdbx_struct_conn_angle.ptnr2_symmetry 
_pdbx_struct_conn_angle.ptnr3_label_atom_id 
_pdbx_struct_conn_angle.ptnr3_label_alt_id 
_pdbx_struct_conn_angle.ptnr3_label_asym_id 
_pdbx_struct_conn_angle.ptnr3_label_comp_id 
_pdbx_struct_conn_angle.ptnr3_label_seq_id 
_pdbx_struct_conn_angle.ptnr3_auth_atom_id 
_pdbx_struct_conn_angle.ptnr3_auth_asym_id 
_pdbx_struct_conn_angle.ptnr3_auth_comp_id 
_pdbx_struct_conn_angle.ptnr3_auth_seq_id 
_pdbx_struct_conn_angle.ptnr3_PDB_ins_code 
_pdbx_struct_conn_angle.ptnr3_symmetry 
_pdbx_struct_conn_angle.value 
_pdbx_struct_conn_angle.value_esd 
1 SG ? B CYS 17 ? B CYS 4  ? 1_555 ZN ? C ZN . ? B ZN 101 ? 1_555 SG ? B CYS 20 ? B CYS 7  ? 1_555 112.2 ? 
2 SG ? B CYS 17 ? B CYS 4  ? 1_555 ZN ? C ZN . ? B ZN 101 ? 1_555 SG ? B CYS 29 ? B CYS 16 ? 1_555 107.2 ? 
3 SG ? B CYS 20 ? B CYS 7  ? 1_555 ZN ? C ZN . ? B ZN 101 ? 1_555 SG ? B CYS 29 ? B CYS 16 ? 1_555 100.7 ? 
4 SG ? B CYS 17 ? B CYS 4  ? 1_555 ZN ? C ZN . ? B ZN 101 ? 1_555 SG ? B CYS 32 ? B CYS 19 ? 1_555 119.3 ? 
5 SG ? B CYS 20 ? B CYS 7  ? 1_555 ZN ? C ZN . ? B ZN 101 ? 1_555 SG ? B CYS 32 ? B CYS 19 ? 1_555 110.3 ? 
6 SG ? B CYS 29 ? B CYS 16 ? 1_555 ZN ? C ZN . ? B ZN 101 ? 1_555 SG ? B CYS 32 ? B CYS 19 ? 1_555 105.2 ? 
# 
loop_
_pdbx_audit_revision_history.ordinal 
_pdbx_audit_revision_history.data_content_type 
_pdbx_audit_revision_history.major_revision 
_pdbx_audit_revision_history.minor_revision 
_pdbx_audit_revision_history.revision_date 
1 'Structure model' 1 0 2016-03-16 
2 'Structure model' 1 1 2023-11-08 
# 
_pdbx_audit_revision_details.ordinal             1 
_pdbx_audit_revision_details.revision_ordinal    1 
_pdbx_audit_revision_details.data_content_type   'Structure model' 
_pdbx_audit_revision_details.provider            repository 
_pdbx_audit_revision_details.type                'Initial release' 
_pdbx_audit_revision_details.description         ? 
_pdbx_audit_revision_details.details             ? 
# 
loop_
_pdbx_audit_revision_group.ordinal 
_pdbx_audit_revision_group.revision_ordinal 
_pdbx_audit_revision_group.data_content_type 
_pdbx_audit_revision_group.group 
1 2 'Structure model' 'Data collection'        
2 2 'Structure model' 'Database references'    
3 2 'Structure model' 'Derived calculations'   
4 2 'Structure model' 'Refinement description' 
# 
loop_
_pdbx_audit_revision_category.ordinal 
_pdbx_audit_revision_category.revision_ordinal 
_pdbx_audit_revision_category.data_content_type 
_pdbx_audit_revision_category.category 
1 2 'Structure model' chem_comp_atom                
2 2 'Structure model' chem_comp_bond                
3 2 'Structure model' citation                      
4 2 'Structure model' database_2                    
5 2 'Structure model' pdbx_initial_refinement_model 
6 2 'Structure model' pdbx_struct_oper_list         
# 
loop_
_pdbx_audit_revision_item.ordinal 
_pdbx_audit_revision_item.revision_ordinal 
_pdbx_audit_revision_item.data_content_type 
_pdbx_audit_revision_item.item 
1 2 'Structure model' '_citation.journal_id_CSD'                  
2 2 'Structure model' '_database_2.pdbx_DOI'                      
3 2 'Structure model' '_database_2.pdbx_database_accession'       
4 2 'Structure model' '_pdbx_struct_oper_list.symmetry_operation' 
# 
loop_
_software.citation_id 
_software.classification 
_software.compiler_name 
_software.compiler_version 
_software.contact_author 
_software.contact_author_email 
_software.date 
_software.description 
_software.dependencies 
_software.hardware 
_software.language 
_software.location 
_software.mods 
_software.name 
_software.os 
_software.os_version 
_software.type 
_software.version 
_software.pdbx_ordinal 
? refinement ? ? ? ? ? ? ? ? ? ? ? REFMAC ? ? ? 5.8.0103 1 
? phasing    ? ? ? ? ? ? ? ? ? ? ? PHASER ? ? ? .        2 
# 
loop_
_pdbx_validate_torsion.id 
_pdbx_validate_torsion.PDB_model_num 
_pdbx_validate_torsion.auth_comp_id 
_pdbx_validate_torsion.auth_asym_id 
_pdbx_validate_torsion.auth_seq_id 
_pdbx_validate_torsion.PDB_ins_code 
_pdbx_validate_torsion.label_alt_id 
_pdbx_validate_torsion.phi 
_pdbx_validate_torsion.psi 
1 1 LEU A 39  ? ? -116.70 62.08  
2 1 ARG A 62  ? ? 59.28   16.25  
3 1 THR A 81  ? ? -150.05 47.35  
4 1 ASN A 88  ? ? 35.35   57.02  
5 1 HIS A 115 ? ? -89.87  -73.71 
6 1 LYS B 6   ? ? -73.80  -73.81 
# 
loop_
_pdbx_unobs_or_zero_occ_atoms.id 
_pdbx_unobs_or_zero_occ_atoms.PDB_model_num 
_pdbx_unobs_or_zero_occ_atoms.polymer_flag 
_pdbx_unobs_or_zero_occ_atoms.occupancy_flag 
_pdbx_unobs_or_zero_occ_atoms.auth_asym_id 
_pdbx_unobs_or_zero_occ_atoms.auth_comp_id 
_pdbx_unobs_or_zero_occ_atoms.auth_seq_id 
_pdbx_unobs_or_zero_occ_atoms.PDB_ins_code 
_pdbx_unobs_or_zero_occ_atoms.auth_atom_id 
_pdbx_unobs_or_zero_occ_atoms.label_alt_id 
_pdbx_unobs_or_zero_occ_atoms.label_asym_id 
_pdbx_unobs_or_zero_occ_atoms.label_comp_id 
_pdbx_unobs_or_zero_occ_atoms.label_seq_id 
_pdbx_unobs_or_zero_occ_atoms.label_atom_id 
1   1 Y 1 A MET 1   ? CG  ? A MET 1   CG  
2   1 Y 1 A MET 1   ? SD  ? A MET 1   SD  
3   1 Y 1 A MET 1   ? CE  ? A MET 1   CE  
4   1 Y 1 A ARG 6   ? CG  ? A ARG 6   CG  
5   1 Y 1 A ARG 6   ? CD  ? A ARG 6   CD  
6   1 Y 1 A ARG 6   ? NE  ? A ARG 6   NE  
7   1 Y 1 A ARG 6   ? CZ  ? A ARG 6   CZ  
8   1 Y 1 A ARG 6   ? NH1 ? A ARG 6   NH1 
9   1 Y 1 A ARG 6   ? NH2 ? A ARG 6   NH2 
10  1 Y 1 A GLU 37  ? CG  ? A GLU 37  CG  
11  1 Y 1 A GLU 37  ? CD  ? A GLU 37  CD  
12  1 Y 1 A GLU 37  ? OE1 ? A GLU 37  OE1 
13  1 Y 1 A GLU 37  ? OE2 ? A GLU 37  OE2 
14  1 Y 1 A SER 38  ? OG  ? A SER 38  OG  
15  1 Y 1 A LYS 40  ? CG  ? A LYS 40  CG  
16  1 Y 1 A LYS 40  ? CD  ? A LYS 40  CD  
17  1 Y 1 A LYS 40  ? CE  ? A LYS 40  CE  
18  1 Y 1 A LYS 40  ? NZ  ? A LYS 40  NZ  
19  1 Y 1 A ARG 62  ? CG  ? A ARG 62  CG  
20  1 Y 1 A ARG 62  ? CD  ? A ARG 62  CD  
21  1 Y 1 A ARG 62  ? NE  ? A ARG 62  NE  
22  1 Y 1 A ARG 62  ? CZ  ? A ARG 62  CZ  
23  1 Y 1 A ARG 62  ? NH1 ? A ARG 62  NH1 
24  1 Y 1 A ARG 62  ? NH2 ? A ARG 62  NH2 
25  1 Y 1 A ILE 73  ? CG1 ? A ILE 73  CG1 
26  1 Y 1 A ILE 73  ? CG2 ? A ILE 73  CG2 
27  1 Y 1 A ILE 73  ? CD1 ? A ILE 73  CD1 
28  1 Y 1 A GLU 74  ? CG  ? A GLU 74  CG  
29  1 Y 1 A GLU 74  ? CD  ? A GLU 74  CD  
30  1 Y 1 A GLU 74  ? OE1 ? A GLU 74  OE1 
31  1 Y 1 A GLU 74  ? OE2 ? A GLU 74  OE2 
32  1 Y 1 A GLU 75  ? CG  ? A GLU 75  CG  
33  1 Y 1 A GLU 75  ? CD  ? A GLU 75  CD  
34  1 Y 1 A GLU 75  ? OE1 ? A GLU 75  OE1 
35  1 Y 1 A GLU 75  ? OE2 ? A GLU 75  OE2 
36  1 Y 1 A GLU 77  ? CG  ? A GLU 77  CG  
37  1 Y 1 A GLU 77  ? CD  ? A GLU 77  CD  
38  1 Y 1 A GLU 77  ? OE1 ? A GLU 77  OE1 
39  1 Y 1 A GLU 77  ? OE2 ? A GLU 77  OE2 
40  1 Y 1 A LEU 79  ? CG  ? A LEU 79  CG  
41  1 Y 1 A LEU 79  ? CD1 ? A LEU 79  CD1 
42  1 Y 1 A LEU 79  ? CD2 ? A LEU 79  CD2 
43  1 Y 1 A LEU 80  ? CG  ? A LEU 80  CG  
44  1 Y 1 A LEU 80  ? CD1 ? A LEU 80  CD1 
45  1 Y 1 A LEU 80  ? CD2 ? A LEU 80  CD2 
46  1 Y 1 A THR 81  ? OG1 ? A THR 81  OG1 
47  1 Y 1 A THR 81  ? CG2 ? A THR 81  CG2 
48  1 Y 1 A LYS 91  ? CG  ? A LYS 91  CG  
49  1 Y 1 A LYS 91  ? CD  ? A LYS 91  CD  
50  1 Y 1 A LYS 91  ? CE  ? A LYS 91  CE  
51  1 Y 1 A LYS 91  ? NZ  ? A LYS 91  NZ  
52  1 Y 1 A LYS 103 ? CG  ? A LYS 103 CG  
53  1 Y 1 A LYS 103 ? CD  ? A LYS 103 CD  
54  1 Y 1 A LYS 103 ? CE  ? A LYS 103 CE  
55  1 Y 1 A LYS 103 ? NZ  ? A LYS 103 NZ  
56  1 Y 1 A ARG 106 ? CG  ? A ARG 106 CG  
57  1 Y 1 A ARG 106 ? CD  ? A ARG 106 CD  
58  1 Y 1 A ARG 106 ? NE  ? A ARG 106 NE  
59  1 Y 1 A ARG 106 ? CZ  ? A ARG 106 CZ  
60  1 Y 1 A ARG 106 ? NH1 ? A ARG 106 NH1 
61  1 Y 1 A ARG 106 ? NH2 ? A ARG 106 NH2 
62  1 Y 1 A LYS 108 ? CG  ? A LYS 108 CG  
63  1 Y 1 A LYS 108 ? CD  ? A LYS 108 CD  
64  1 Y 1 A LYS 108 ? CE  ? A LYS 108 CE  
65  1 Y 1 A LYS 108 ? NZ  ? A LYS 108 NZ  
66  1 Y 1 A ARG 111 ? CG  ? A ARG 111 CG  
67  1 Y 1 A ARG 111 ? CD  ? A ARG 111 CD  
68  1 Y 1 A ARG 111 ? NE  ? A ARG 111 NE  
69  1 Y 1 A ARG 111 ? CZ  ? A ARG 111 CZ  
70  1 Y 1 A ARG 111 ? NH1 ? A ARG 111 NH1 
71  1 Y 1 A ARG 111 ? NH2 ? A ARG 111 NH2 
72  1 Y 1 A LYS 114 ? CG  ? A LYS 114 CG  
73  1 Y 1 A LYS 114 ? CD  ? A LYS 114 CD  
74  1 Y 1 A LYS 114 ? CE  ? A LYS 114 CE  
75  1 Y 1 A LYS 114 ? NZ  ? A LYS 114 NZ  
76  1 Y 1 A LYS 116 ? CG  ? A LYS 116 CG  
77  1 Y 1 A LYS 116 ? CD  ? A LYS 116 CD  
78  1 Y 1 A LYS 116 ? CE  ? A LYS 116 CE  
79  1 Y 1 A LYS 116 ? NZ  ? A LYS 116 NZ  
80  1 Y 1 A VAL 142 ? CG1 ? A VAL 142 CG1 
81  1 Y 1 A VAL 142 ? CG2 ? A VAL 142 CG2 
82  1 Y 1 A SER 143 ? OG  ? A SER 143 OG  
83  1 Y 1 A LYS 144 ? CG  ? A LYS 144 CG  
84  1 Y 1 A LYS 144 ? CD  ? A LYS 144 CD  
85  1 Y 1 A LYS 144 ? CE  ? A LYS 144 CE  
86  1 Y 1 A LYS 144 ? NZ  ? A LYS 144 NZ  
87  1 Y 1 A HIS 145 ? CG  ? A HIS 145 CG  
88  1 Y 1 A HIS 145 ? ND1 ? A HIS 145 ND1 
89  1 Y 1 A HIS 145 ? CD2 ? A HIS 145 CD2 
90  1 Y 1 A HIS 145 ? CE1 ? A HIS 145 CE1 
91  1 Y 1 A HIS 145 ? NE2 ? A HIS 145 NE2 
92  1 Y 1 B LEU 5   ? CG  ? B LEU 18  CG  
93  1 Y 1 B LEU 5   ? CD1 ? B LEU 18  CD1 
94  1 Y 1 B LEU 5   ? CD2 ? B LEU 18  CD2 
95  1 Y 1 B LYS 6   ? CG  ? B LYS 19  CG  
96  1 Y 1 B LYS 6   ? CD  ? B LYS 19  CD  
97  1 Y 1 B LYS 6   ? CE  ? B LYS 19  CE  
98  1 Y 1 B LYS 6   ? NZ  ? B LYS 19  NZ  
99  1 Y 1 B ILE 15  ? CG1 ? B ILE 28  CG1 
100 1 Y 1 B ILE 15  ? CG2 ? B ILE 28  CG2 
101 1 Y 1 B ILE 15  ? CD1 ? B ILE 28  CD1 
102 1 Y 1 B HIS 20  ? CG  ? B HIS 33  CG  
103 1 Y 1 B HIS 20  ? ND1 ? B HIS 33  ND1 
104 1 Y 1 B HIS 20  ? CD2 ? B HIS 33  CD2 
105 1 Y 1 B HIS 20  ? CE1 ? B HIS 33  CE1 
106 1 Y 1 B HIS 20  ? NE2 ? B HIS 33  NE2 
107 1 Y 1 B SER 21  ? OG  ? B SER 34  OG  
108 1 Y 1 B THR 23  ? CG2 ? B THR 36  CG2 
109 1 Y 1 B GLU 37  ? CG  ? B GLU 50  CG  
110 1 Y 1 B GLU 37  ? CD  ? B GLU 50  CD  
111 1 Y 1 B GLU 37  ? OE1 ? B GLU 50  OE1 
112 1 Y 1 B GLU 37  ? OE2 ? B GLU 50  OE2 
113 1 Y 1 B LYS 38  ? CG  ? B LYS 51  CG  
114 1 Y 1 B LYS 38  ? CD  ? B LYS 51  CD  
115 1 Y 1 B LYS 38  ? CE  ? B LYS 51  CE  
116 1 Y 1 B LYS 38  ? NZ  ? B LYS 51  NZ  
117 1 Y 1 B GLU 40  ? CG  ? B GLU 53  CG  
118 1 Y 1 B GLU 40  ? CD  ? B GLU 53  CD  
119 1 Y 1 B GLU 40  ? OE1 ? B GLU 53  OE1 
120 1 Y 1 B GLU 40  ? OE2 ? B GLU 53  OE2 
121 1 Y 1 B LYS 43  ? CG  ? B LYS 56  CG  
122 1 Y 1 B LYS 43  ? CD  ? B LYS 56  CD  
123 1 Y 1 B LYS 43  ? CE  ? B LYS 56  CE  
124 1 Y 1 B LYS 43  ? NZ  ? B LYS 56  NZ  
125 1 Y 1 B LYS 44  ? CG  ? B LYS 57  CG  
126 1 Y 1 B LYS 44  ? CD  ? B LYS 57  CD  
127 1 Y 1 B LYS 44  ? CE  ? B LYS 57  CE  
128 1 Y 1 B LYS 44  ? NZ  ? B LYS 57  NZ  
129 1 Y 1 B ILE 47  ? CG1 ? B ILE 60  CG1 
130 1 Y 1 B ILE 47  ? CG2 ? B ILE 60  CG2 
131 1 Y 1 B ILE 47  ? CD1 ? B ILE 60  CD1 
# 
loop_
_pdbx_unobs_or_zero_occ_residues.id 
_pdbx_unobs_or_zero_occ_residues.PDB_model_num 
_pdbx_unobs_or_zero_occ_residues.polymer_flag 
_pdbx_unobs_or_zero_occ_residues.occupancy_flag 
_pdbx_unobs_or_zero_occ_residues.auth_asym_id 
_pdbx_unobs_or_zero_occ_residues.auth_comp_id 
_pdbx_unobs_or_zero_occ_residues.auth_seq_id 
_pdbx_unobs_or_zero_occ_residues.PDB_ins_code 
_pdbx_unobs_or_zero_occ_residues.label_asym_id 
_pdbx_unobs_or_zero_occ_residues.label_comp_id 
_pdbx_unobs_or_zero_occ_residues.label_seq_id 
1  1 Y 1 A LYS 83  ? A LYS 83  
2  1 Y 1 A LYS 84  ? A LYS 84  
3  1 Y 1 A ILE 85  ? A ILE 85  
4  1 Y 1 A ILE 86  ? A ILE 86  
5  1 Y 1 A GLY 100 ? A GLY 100 
6  1 Y 1 A ALA 127 ? A ALA 127 
7  1 Y 1 A VAL 128 ? A VAL 128 
8  1 Y 1 A LYS 146 ? A LYS 146 
9  1 Y 1 A ASP 147 ? A ASP 147 
10 1 Y 1 B MET -12 ? B MET 1   
11 1 Y 1 B GLY -11 ? B GLY 2   
12 1 Y 1 B SER -10 ? B SER 3   
13 1 Y 1 B SER -9  ? B SER 4   
14 1 Y 1 B HIS -8  ? B HIS 5   
15 1 Y 1 B HIS -7  ? B HIS 6   
16 1 Y 1 B HIS -6  ? B HIS 7   
17 1 Y 1 B HIS -5  ? B HIS 8   
18 1 Y 1 B HIS -4  ? B HIS 9   
19 1 Y 1 B HIS -3  ? B HIS 10  
20 1 Y 1 B SER -2  ? B SER 11  
21 1 Y 1 B GLN -1  ? B GLN 12  
22 1 Y 1 B ASP 0   ? B ASP 13  
# 
loop_
_chem_comp_atom.comp_id 
_chem_comp_atom.atom_id 
_chem_comp_atom.type_symbol 
_chem_comp_atom.pdbx_aromatic_flag 
_chem_comp_atom.pdbx_stereo_config 
_chem_comp_atom.pdbx_ordinal 
ALA N    N  N N 1   
ALA CA   C  N S 2   
ALA C    C  N N 3   
ALA O    O  N N 4   
ALA CB   C  N N 5   
ALA OXT  O  N N 6   
ALA H    H  N N 7   
ALA H2   H  N N 8   
ALA HA   H  N N 9   
ALA HB1  H  N N 10  
ALA HB2  H  N N 11  
ALA HB3  H  N N 12  
ALA HXT  H  N N 13  
ARG N    N  N N 14  
ARG CA   C  N S 15  
ARG C    C  N N 16  
ARG O    O  N N 17  
ARG CB   C  N N 18  
ARG CG   C  N N 19  
ARG CD   C  N N 20  
ARG NE   N  N N 21  
ARG CZ   C  N N 22  
ARG NH1  N  N N 23  
ARG NH2  N  N N 24  
ARG OXT  O  N N 25  
ARG H    H  N N 26  
ARG H2   H  N N 27  
ARG HA   H  N N 28  
ARG HB2  H  N N 29  
ARG HB3  H  N N 30  
ARG HG2  H  N N 31  
ARG HG3  H  N N 32  
ARG HD2  H  N N 33  
ARG HD3  H  N N 34  
ARG HE   H  N N 35  
ARG HH11 H  N N 36  
ARG HH12 H  N N 37  
ARG HH21 H  N N 38  
ARG HH22 H  N N 39  
ARG HXT  H  N N 40  
ASN N    N  N N 41  
ASN CA   C  N S 42  
ASN C    C  N N 43  
ASN O    O  N N 44  
ASN CB   C  N N 45  
ASN CG   C  N N 46  
ASN OD1  O  N N 47  
ASN ND2  N  N N 48  
ASN OXT  O  N N 49  
ASN H    H  N N 50  
ASN H2   H  N N 51  
ASN HA   H  N N 52  
ASN HB2  H  N N 53  
ASN HB3  H  N N 54  
ASN HD21 H  N N 55  
ASN HD22 H  N N 56  
ASN HXT  H  N N 57  
ASP N    N  N N 58  
ASP CA   C  N S 59  
ASP C    C  N N 60  
ASP O    O  N N 61  
ASP CB   C  N N 62  
ASP CG   C  N N 63  
ASP OD1  O  N N 64  
ASP OD2  O  N N 65  
ASP OXT  O  N N 66  
ASP H    H  N N 67  
ASP H2   H  N N 68  
ASP HA   H  N N 69  
ASP HB2  H  N N 70  
ASP HB3  H  N N 71  
ASP HD2  H  N N 72  
ASP HXT  H  N N 73  
CYS N    N  N N 74  
CYS CA   C  N R 75  
CYS C    C  N N 76  
CYS O    O  N N 77  
CYS CB   C  N N 78  
CYS SG   S  N N 79  
CYS OXT  O  N N 80  
CYS H    H  N N 81  
CYS H2   H  N N 82  
CYS HA   H  N N 83  
CYS HB2  H  N N 84  
CYS HB3  H  N N 85  
CYS HG   H  N N 86  
CYS HXT  H  N N 87  
GLN N    N  N N 88  
GLN CA   C  N S 89  
GLN C    C  N N 90  
GLN O    O  N N 91  
GLN CB   C  N N 92  
GLN CG   C  N N 93  
GLN CD   C  N N 94  
GLN OE1  O  N N 95  
GLN NE2  N  N N 96  
GLN OXT  O  N N 97  
GLN H    H  N N 98  
GLN H2   H  N N 99  
GLN HA   H  N N 100 
GLN HB2  H  N N 101 
GLN HB3  H  N N 102 
GLN HG2  H  N N 103 
GLN HG3  H  N N 104 
GLN HE21 H  N N 105 
GLN HE22 H  N N 106 
GLN HXT  H  N N 107 
GLU N    N  N N 108 
GLU CA   C  N S 109 
GLU C    C  N N 110 
GLU O    O  N N 111 
GLU CB   C  N N 112 
GLU CG   C  N N 113 
GLU CD   C  N N 114 
GLU OE1  O  N N 115 
GLU OE2  O  N N 116 
GLU OXT  O  N N 117 
GLU H    H  N N 118 
GLU H2   H  N N 119 
GLU HA   H  N N 120 
GLU HB2  H  N N 121 
GLU HB3  H  N N 122 
GLU HG2  H  N N 123 
GLU HG3  H  N N 124 
GLU HE2  H  N N 125 
GLU HXT  H  N N 126 
GLY N    N  N N 127 
GLY CA   C  N N 128 
GLY C    C  N N 129 
GLY O    O  N N 130 
GLY OXT  O  N N 131 
GLY H    H  N N 132 
GLY H2   H  N N 133 
GLY HA2  H  N N 134 
GLY HA3  H  N N 135 
GLY HXT  H  N N 136 
HIS N    N  N N 137 
HIS CA   C  N S 138 
HIS C    C  N N 139 
HIS O    O  N N 140 
HIS CB   C  N N 141 
HIS CG   C  Y N 142 
HIS ND1  N  Y N 143 
HIS CD2  C  Y N 144 
HIS CE1  C  Y N 145 
HIS NE2  N  Y N 146 
HIS OXT  O  N N 147 
HIS H    H  N N 148 
HIS H2   H  N N 149 
HIS HA   H  N N 150 
HIS HB2  H  N N 151 
HIS HB3  H  N N 152 
HIS HD1  H  N N 153 
HIS HD2  H  N N 154 
HIS HE1  H  N N 155 
HIS HE2  H  N N 156 
HIS HXT  H  N N 157 
HOH O    O  N N 158 
HOH H1   H  N N 159 
HOH H2   H  N N 160 
ILE N    N  N N 161 
ILE CA   C  N S 162 
ILE C    C  N N 163 
ILE O    O  N N 164 
ILE CB   C  N S 165 
ILE CG1  C  N N 166 
ILE CG2  C  N N 167 
ILE CD1  C  N N 168 
ILE OXT  O  N N 169 
ILE H    H  N N 170 
ILE H2   H  N N 171 
ILE HA   H  N N 172 
ILE HB   H  N N 173 
ILE HG12 H  N N 174 
ILE HG13 H  N N 175 
ILE HG21 H  N N 176 
ILE HG22 H  N N 177 
ILE HG23 H  N N 178 
ILE HD11 H  N N 179 
ILE HD12 H  N N 180 
ILE HD13 H  N N 181 
ILE HXT  H  N N 182 
LEU N    N  N N 183 
LEU CA   C  N S 184 
LEU C    C  N N 185 
LEU O    O  N N 186 
LEU CB   C  N N 187 
LEU CG   C  N N 188 
LEU CD1  C  N N 189 
LEU CD2  C  N N 190 
LEU OXT  O  N N 191 
LEU H    H  N N 192 
LEU H2   H  N N 193 
LEU HA   H  N N 194 
LEU HB2  H  N N 195 
LEU HB3  H  N N 196 
LEU HG   H  N N 197 
LEU HD11 H  N N 198 
LEU HD12 H  N N 199 
LEU HD13 H  N N 200 
LEU HD21 H  N N 201 
LEU HD22 H  N N 202 
LEU HD23 H  N N 203 
LEU HXT  H  N N 204 
LYS N    N  N N 205 
LYS CA   C  N S 206 
LYS C    C  N N 207 
LYS O    O  N N 208 
LYS CB   C  N N 209 
LYS CG   C  N N 210 
LYS CD   C  N N 211 
LYS CE   C  N N 212 
LYS NZ   N  N N 213 
LYS OXT  O  N N 214 
LYS H    H  N N 215 
LYS H2   H  N N 216 
LYS HA   H  N N 217 
LYS HB2  H  N N 218 
LYS HB3  H  N N 219 
LYS HG2  H  N N 220 
LYS HG3  H  N N 221 
LYS HD2  H  N N 222 
LYS HD3  H  N N 223 
LYS HE2  H  N N 224 
LYS HE3  H  N N 225 
LYS HZ1  H  N N 226 
LYS HZ2  H  N N 227 
LYS HZ3  H  N N 228 
LYS HXT  H  N N 229 
MET N    N  N N 230 
MET CA   C  N S 231 
MET C    C  N N 232 
MET O    O  N N 233 
MET CB   C  N N 234 
MET CG   C  N N 235 
MET SD   S  N N 236 
MET CE   C  N N 237 
MET OXT  O  N N 238 
MET H    H  N N 239 
MET H2   H  N N 240 
MET HA   H  N N 241 
MET HB2  H  N N 242 
MET HB3  H  N N 243 
MET HG2  H  N N 244 
MET HG3  H  N N 245 
MET HE1  H  N N 246 
MET HE2  H  N N 247 
MET HE3  H  N N 248 
MET HXT  H  N N 249 
PHE N    N  N N 250 
PHE CA   C  N S 251 
PHE C    C  N N 252 
PHE O    O  N N 253 
PHE CB   C  N N 254 
PHE CG   C  Y N 255 
PHE CD1  C  Y N 256 
PHE CD2  C  Y N 257 
PHE CE1  C  Y N 258 
PHE CE2  C  Y N 259 
PHE CZ   C  Y N 260 
PHE OXT  O  N N 261 
PHE H    H  N N 262 
PHE H2   H  N N 263 
PHE HA   H  N N 264 
PHE HB2  H  N N 265 
PHE HB3  H  N N 266 
PHE HD1  H  N N 267 
PHE HD2  H  N N 268 
PHE HE1  H  N N 269 
PHE HE2  H  N N 270 
PHE HZ   H  N N 271 
PHE HXT  H  N N 272 
PRO N    N  N N 273 
PRO CA   C  N S 274 
PRO C    C  N N 275 
PRO O    O  N N 276 
PRO CB   C  N N 277 
PRO CG   C  N N 278 
PRO CD   C  N N 279 
PRO OXT  O  N N 280 
PRO H    H  N N 281 
PRO HA   H  N N 282 
PRO HB2  H  N N 283 
PRO HB3  H  N N 284 
PRO HG2  H  N N 285 
PRO HG3  H  N N 286 
PRO HD2  H  N N 287 
PRO HD3  H  N N 288 
PRO HXT  H  N N 289 
SER N    N  N N 290 
SER CA   C  N S 291 
SER C    C  N N 292 
SER O    O  N N 293 
SER CB   C  N N 294 
SER OG   O  N N 295 
SER OXT  O  N N 296 
SER H    H  N N 297 
SER H2   H  N N 298 
SER HA   H  N N 299 
SER HB2  H  N N 300 
SER HB3  H  N N 301 
SER HG   H  N N 302 
SER HXT  H  N N 303 
THR N    N  N N 304 
THR CA   C  N S 305 
THR C    C  N N 306 
THR O    O  N N 307 
THR CB   C  N R 308 
THR OG1  O  N N 309 
THR CG2  C  N N 310 
THR OXT  O  N N 311 
THR H    H  N N 312 
THR H2   H  N N 313 
THR HA   H  N N 314 
THR HB   H  N N 315 
THR HG1  H  N N 316 
THR HG21 H  N N 317 
THR HG22 H  N N 318 
THR HG23 H  N N 319 
THR HXT  H  N N 320 
TRP N    N  N N 321 
TRP CA   C  N S 322 
TRP C    C  N N 323 
TRP O    O  N N 324 
TRP CB   C  N N 325 
TRP CG   C  Y N 326 
TRP CD1  C  Y N 327 
TRP CD2  C  Y N 328 
TRP NE1  N  Y N 329 
TRP CE2  C  Y N 330 
TRP CE3  C  Y N 331 
TRP CZ2  C  Y N 332 
TRP CZ3  C  Y N 333 
TRP CH2  C  Y N 334 
TRP OXT  O  N N 335 
TRP H    H  N N 336 
TRP H2   H  N N 337 
TRP HA   H  N N 338 
TRP HB2  H  N N 339 
TRP HB3  H  N N 340 
TRP HD1  H  N N 341 
TRP HE1  H  N N 342 
TRP HE3  H  N N 343 
TRP HZ2  H  N N 344 
TRP HZ3  H  N N 345 
TRP HH2  H  N N 346 
TRP HXT  H  N N 347 
TYR N    N  N N 348 
TYR CA   C  N S 349 
TYR C    C  N N 350 
TYR O    O  N N 351 
TYR CB   C  N N 352 
TYR CG   C  Y N 353 
TYR CD1  C  Y N 354 
TYR CD2  C  Y N 355 
TYR CE1  C  Y N 356 
TYR CE2  C  Y N 357 
TYR CZ   C  Y N 358 
TYR OH   O  N N 359 
TYR OXT  O  N N 360 
TYR H    H  N N 361 
TYR H2   H  N N 362 
TYR HA   H  N N 363 
TYR HB2  H  N N 364 
TYR HB3  H  N N 365 
TYR HD1  H  N N 366 
TYR HD2  H  N N 367 
TYR HE1  H  N N 368 
TYR HE2  H  N N 369 
TYR HH   H  N N 370 
TYR HXT  H  N N 371 
VAL N    N  N N 372 
VAL CA   C  N S 373 
VAL C    C  N N 374 
VAL O    O  N N 375 
VAL CB   C  N N 376 
VAL CG1  C  N N 377 
VAL CG2  C  N N 378 
VAL OXT  O  N N 379 
VAL H    H  N N 380 
VAL H2   H  N N 381 
VAL HA   H  N N 382 
VAL HB   H  N N 383 
VAL HG11 H  N N 384 
VAL HG12 H  N N 385 
VAL HG13 H  N N 386 
VAL HG21 H  N N 387 
VAL HG22 H  N N 388 
VAL HG23 H  N N 389 
VAL HXT  H  N N 390 
ZN  ZN   ZN N N 391 
# 
loop_
_chem_comp_bond.comp_id 
_chem_comp_bond.atom_id_1 
_chem_comp_bond.atom_id_2 
_chem_comp_bond.value_order 
_chem_comp_bond.pdbx_aromatic_flag 
_chem_comp_bond.pdbx_stereo_config 
_chem_comp_bond.pdbx_ordinal 
ALA N   CA   sing N N 1   
ALA N   H    sing N N 2   
ALA N   H2   sing N N 3   
ALA CA  C    sing N N 4   
ALA CA  CB   sing N N 5   
ALA CA  HA   sing N N 6   
ALA C   O    doub N N 7   
ALA C   OXT  sing N N 8   
ALA CB  HB1  sing N N 9   
ALA CB  HB2  sing N N 10  
ALA CB  HB3  sing N N 11  
ALA OXT HXT  sing N N 12  
ARG N   CA   sing N N 13  
ARG N   H    sing N N 14  
ARG N   H2   sing N N 15  
ARG CA  C    sing N N 16  
ARG CA  CB   sing N N 17  
ARG CA  HA   sing N N 18  
ARG C   O    doub N N 19  
ARG C   OXT  sing N N 20  
ARG CB  CG   sing N N 21  
ARG CB  HB2  sing N N 22  
ARG CB  HB3  sing N N 23  
ARG CG  CD   sing N N 24  
ARG CG  HG2  sing N N 25  
ARG CG  HG3  sing N N 26  
ARG CD  NE   sing N N 27  
ARG CD  HD2  sing N N 28  
ARG CD  HD3  sing N N 29  
ARG NE  CZ   sing N N 30  
ARG NE  HE   sing N N 31  
ARG CZ  NH1  sing N N 32  
ARG CZ  NH2  doub N N 33  
ARG NH1 HH11 sing N N 34  
ARG NH1 HH12 sing N N 35  
ARG NH2 HH21 sing N N 36  
ARG NH2 HH22 sing N N 37  
ARG OXT HXT  sing N N 38  
ASN N   CA   sing N N 39  
ASN N   H    sing N N 40  
ASN N   H2   sing N N 41  
ASN CA  C    sing N N 42  
ASN CA  CB   sing N N 43  
ASN CA  HA   sing N N 44  
ASN C   O    doub N N 45  
ASN C   OXT  sing N N 46  
ASN CB  CG   sing N N 47  
ASN CB  HB2  sing N N 48  
ASN CB  HB3  sing N N 49  
ASN CG  OD1  doub N N 50  
ASN CG  ND2  sing N N 51  
ASN ND2 HD21 sing N N 52  
ASN ND2 HD22 sing N N 53  
ASN OXT HXT  sing N N 54  
ASP N   CA   sing N N 55  
ASP N   H    sing N N 56  
ASP N   H2   sing N N 57  
ASP CA  C    sing N N 58  
ASP CA  CB   sing N N 59  
ASP CA  HA   sing N N 60  
ASP C   O    doub N N 61  
ASP C   OXT  sing N N 62  
ASP CB  CG   sing N N 63  
ASP CB  HB2  sing N N 64  
ASP CB  HB3  sing N N 65  
ASP CG  OD1  doub N N 66  
ASP CG  OD2  sing N N 67  
ASP OD2 HD2  sing N N 68  
ASP OXT HXT  sing N N 69  
CYS N   CA   sing N N 70  
CYS N   H    sing N N 71  
CYS N   H2   sing N N 72  
CYS CA  C    sing N N 73  
CYS CA  CB   sing N N 74  
CYS CA  HA   sing N N 75  
CYS C   O    doub N N 76  
CYS C   OXT  sing N N 77  
CYS CB  SG   sing N N 78  
CYS CB  HB2  sing N N 79  
CYS CB  HB3  sing N N 80  
CYS SG  HG   sing N N 81  
CYS OXT HXT  sing N N 82  
GLN N   CA   sing N N 83  
GLN N   H    sing N N 84  
GLN N   H2   sing N N 85  
GLN CA  C    sing N N 86  
GLN CA  CB   sing N N 87  
GLN CA  HA   sing N N 88  
GLN C   O    doub N N 89  
GLN C   OXT  sing N N 90  
GLN CB  CG   sing N N 91  
GLN CB  HB2  sing N N 92  
GLN CB  HB3  sing N N 93  
GLN CG  CD   sing N N 94  
GLN CG  HG2  sing N N 95  
GLN CG  HG3  sing N N 96  
GLN CD  OE1  doub N N 97  
GLN CD  NE2  sing N N 98  
GLN NE2 HE21 sing N N 99  
GLN NE2 HE22 sing N N 100 
GLN OXT HXT  sing N N 101 
GLU N   CA   sing N N 102 
GLU N   H    sing N N 103 
GLU N   H2   sing N N 104 
GLU CA  C    sing N N 105 
GLU CA  CB   sing N N 106 
GLU CA  HA   sing N N 107 
GLU C   O    doub N N 108 
GLU C   OXT  sing N N 109 
GLU CB  CG   sing N N 110 
GLU CB  HB2  sing N N 111 
GLU CB  HB3  sing N N 112 
GLU CG  CD   sing N N 113 
GLU CG  HG2  sing N N 114 
GLU CG  HG3  sing N N 115 
GLU CD  OE1  doub N N 116 
GLU CD  OE2  sing N N 117 
GLU OE2 HE2  sing N N 118 
GLU OXT HXT  sing N N 119 
GLY N   CA   sing N N 120 
GLY N   H    sing N N 121 
GLY N   H2   sing N N 122 
GLY CA  C    sing N N 123 
GLY CA  HA2  sing N N 124 
GLY CA  HA3  sing N N 125 
GLY C   O    doub N N 126 
GLY C   OXT  sing N N 127 
GLY OXT HXT  sing N N 128 
HIS N   CA   sing N N 129 
HIS N   H    sing N N 130 
HIS N   H2   sing N N 131 
HIS CA  C    sing N N 132 
HIS CA  CB   sing N N 133 
HIS CA  HA   sing N N 134 
HIS C   O    doub N N 135 
HIS C   OXT  sing N N 136 
HIS CB  CG   sing N N 137 
HIS CB  HB2  sing N N 138 
HIS CB  HB3  sing N N 139 
HIS CG  ND1  sing Y N 140 
HIS CG  CD2  doub Y N 141 
HIS ND1 CE1  doub Y N 142 
HIS ND1 HD1  sing N N 143 
HIS CD2 NE2  sing Y N 144 
HIS CD2 HD2  sing N N 145 
HIS CE1 NE2  sing Y N 146 
HIS CE1 HE1  sing N N 147 
HIS NE2 HE2  sing N N 148 
HIS OXT HXT  sing N N 149 
HOH O   H1   sing N N 150 
HOH O   H2   sing N N 151 
ILE N   CA   sing N N 152 
ILE N   H    sing N N 153 
ILE N   H2   sing N N 154 
ILE CA  C    sing N N 155 
ILE CA  CB   sing N N 156 
ILE CA  HA   sing N N 157 
ILE C   O    doub N N 158 
ILE C   OXT  sing N N 159 
ILE CB  CG1  sing N N 160 
ILE CB  CG2  sing N N 161 
ILE CB  HB   sing N N 162 
ILE CG1 CD1  sing N N 163 
ILE CG1 HG12 sing N N 164 
ILE CG1 HG13 sing N N 165 
ILE CG2 HG21 sing N N 166 
ILE CG2 HG22 sing N N 167 
ILE CG2 HG23 sing N N 168 
ILE CD1 HD11 sing N N 169 
ILE CD1 HD12 sing N N 170 
ILE CD1 HD13 sing N N 171 
ILE OXT HXT  sing N N 172 
LEU N   CA   sing N N 173 
LEU N   H    sing N N 174 
LEU N   H2   sing N N 175 
LEU CA  C    sing N N 176 
LEU CA  CB   sing N N 177 
LEU CA  HA   sing N N 178 
LEU C   O    doub N N 179 
LEU C   OXT  sing N N 180 
LEU CB  CG   sing N N 181 
LEU CB  HB2  sing N N 182 
LEU CB  HB3  sing N N 183 
LEU CG  CD1  sing N N 184 
LEU CG  CD2  sing N N 185 
LEU CG  HG   sing N N 186 
LEU CD1 HD11 sing N N 187 
LEU CD1 HD12 sing N N 188 
LEU CD1 HD13 sing N N 189 
LEU CD2 HD21 sing N N 190 
LEU CD2 HD22 sing N N 191 
LEU CD2 HD23 sing N N 192 
LEU OXT HXT  sing N N 193 
LYS N   CA   sing N N 194 
LYS N   H    sing N N 195 
LYS N   H2   sing N N 196 
LYS CA  C    sing N N 197 
LYS CA  CB   sing N N 198 
LYS CA  HA   sing N N 199 
LYS C   O    doub N N 200 
LYS C   OXT  sing N N 201 
LYS CB  CG   sing N N 202 
LYS CB  HB2  sing N N 203 
LYS CB  HB3  sing N N 204 
LYS CG  CD   sing N N 205 
LYS CG  HG2  sing N N 206 
LYS CG  HG3  sing N N 207 
LYS CD  CE   sing N N 208 
LYS CD  HD2  sing N N 209 
LYS CD  HD3  sing N N 210 
LYS CE  NZ   sing N N 211 
LYS CE  HE2  sing N N 212 
LYS CE  HE3  sing N N 213 
LYS NZ  HZ1  sing N N 214 
LYS NZ  HZ2  sing N N 215 
LYS NZ  HZ3  sing N N 216 
LYS OXT HXT  sing N N 217 
MET N   CA   sing N N 218 
MET N   H    sing N N 219 
MET N   H2   sing N N 220 
MET CA  C    sing N N 221 
MET CA  CB   sing N N 222 
MET CA  HA   sing N N 223 
MET C   O    doub N N 224 
MET C   OXT  sing N N 225 
MET CB  CG   sing N N 226 
MET CB  HB2  sing N N 227 
MET CB  HB3  sing N N 228 
MET CG  SD   sing N N 229 
MET CG  HG2  sing N N 230 
MET CG  HG3  sing N N 231 
MET SD  CE   sing N N 232 
MET CE  HE1  sing N N 233 
MET CE  HE2  sing N N 234 
MET CE  HE3  sing N N 235 
MET OXT HXT  sing N N 236 
PHE N   CA   sing N N 237 
PHE N   H    sing N N 238 
PHE N   H2   sing N N 239 
PHE CA  C    sing N N 240 
PHE CA  CB   sing N N 241 
PHE CA  HA   sing N N 242 
PHE C   O    doub N N 243 
PHE C   OXT  sing N N 244 
PHE CB  CG   sing N N 245 
PHE CB  HB2  sing N N 246 
PHE CB  HB3  sing N N 247 
PHE CG  CD1  doub Y N 248 
PHE CG  CD2  sing Y N 249 
PHE CD1 CE1  sing Y N 250 
PHE CD1 HD1  sing N N 251 
PHE CD2 CE2  doub Y N 252 
PHE CD2 HD2  sing N N 253 
PHE CE1 CZ   doub Y N 254 
PHE CE1 HE1  sing N N 255 
PHE CE2 CZ   sing Y N 256 
PHE CE2 HE2  sing N N 257 
PHE CZ  HZ   sing N N 258 
PHE OXT HXT  sing N N 259 
PRO N   CA   sing N N 260 
PRO N   CD   sing N N 261 
PRO N   H    sing N N 262 
PRO CA  C    sing N N 263 
PRO CA  CB   sing N N 264 
PRO CA  HA   sing N N 265 
PRO C   O    doub N N 266 
PRO C   OXT  sing N N 267 
PRO CB  CG   sing N N 268 
PRO CB  HB2  sing N N 269 
PRO CB  HB3  sing N N 270 
PRO CG  CD   sing N N 271 
PRO CG  HG2  sing N N 272 
PRO CG  HG3  sing N N 273 
PRO CD  HD2  sing N N 274 
PRO CD  HD3  sing N N 275 
PRO OXT HXT  sing N N 276 
SER N   CA   sing N N 277 
SER N   H    sing N N 278 
SER N   H2   sing N N 279 
SER CA  C    sing N N 280 
SER CA  CB   sing N N 281 
SER CA  HA   sing N N 282 
SER C   O    doub N N 283 
SER C   OXT  sing N N 284 
SER CB  OG   sing N N 285 
SER CB  HB2  sing N N 286 
SER CB  HB3  sing N N 287 
SER OG  HG   sing N N 288 
SER OXT HXT  sing N N 289 
THR N   CA   sing N N 290 
THR N   H    sing N N 291 
THR N   H2   sing N N 292 
THR CA  C    sing N N 293 
THR CA  CB   sing N N 294 
THR CA  HA   sing N N 295 
THR C   O    doub N N 296 
THR C   OXT  sing N N 297 
THR CB  OG1  sing N N 298 
THR CB  CG2  sing N N 299 
THR CB  HB   sing N N 300 
THR OG1 HG1  sing N N 301 
THR CG2 HG21 sing N N 302 
THR CG2 HG22 sing N N 303 
THR CG2 HG23 sing N N 304 
THR OXT HXT  sing N N 305 
TRP N   CA   sing N N 306 
TRP N   H    sing N N 307 
TRP N   H2   sing N N 308 
TRP CA  C    sing N N 309 
TRP CA  CB   sing N N 310 
TRP CA  HA   sing N N 311 
TRP C   O    doub N N 312 
TRP C   OXT  sing N N 313 
TRP CB  CG   sing N N 314 
TRP CB  HB2  sing N N 315 
TRP CB  HB3  sing N N 316 
TRP CG  CD1  doub Y N 317 
TRP CG  CD2  sing Y N 318 
TRP CD1 NE1  sing Y N 319 
TRP CD1 HD1  sing N N 320 
TRP CD2 CE2  doub Y N 321 
TRP CD2 CE3  sing Y N 322 
TRP NE1 CE2  sing Y N 323 
TRP NE1 HE1  sing N N 324 
TRP CE2 CZ2  sing Y N 325 
TRP CE3 CZ3  doub Y N 326 
TRP CE3 HE3  sing N N 327 
TRP CZ2 CH2  doub Y N 328 
TRP CZ2 HZ2  sing N N 329 
TRP CZ3 CH2  sing Y N 330 
TRP CZ3 HZ3  sing N N 331 
TRP CH2 HH2  sing N N 332 
TRP OXT HXT  sing N N 333 
TYR N   CA   sing N N 334 
TYR N   H    sing N N 335 
TYR N   H2   sing N N 336 
TYR CA  C    sing N N 337 
TYR CA  CB   sing N N 338 
TYR CA  HA   sing N N 339 
TYR C   O    doub N N 340 
TYR C   OXT  sing N N 341 
TYR CB  CG   sing N N 342 
TYR CB  HB2  sing N N 343 
TYR CB  HB3  sing N N 344 
TYR CG  CD1  doub Y N 345 
TYR CG  CD2  sing Y N 346 
TYR CD1 CE1  sing Y N 347 
TYR CD1 HD1  sing N N 348 
TYR CD2 CE2  doub Y N 349 
TYR CD2 HD2  sing N N 350 
TYR CE1 CZ   doub Y N 351 
TYR CE1 HE1  sing N N 352 
TYR CE2 CZ   sing Y N 353 
TYR CE2 HE2  sing N N 354 
TYR CZ  OH   sing N N 355 
TYR OH  HH   sing N N 356 
TYR OXT HXT  sing N N 357 
VAL N   CA   sing N N 358 
VAL N   H    sing N N 359 
VAL N   H2   sing N N 360 
VAL CA  C    sing N N 361 
VAL CA  CB   sing N N 362 
VAL CA  HA   sing N N 363 
VAL C   O    doub N N 364 
VAL C   OXT  sing N N 365 
VAL CB  CG1  sing N N 366 
VAL CB  CG2  sing N N 367 
VAL CB  HB   sing N N 368 
VAL CG1 HG11 sing N N 369 
VAL CG1 HG12 sing N N 370 
VAL CG1 HG13 sing N N 371 
VAL CG2 HG21 sing N N 372 
VAL CG2 HG22 sing N N 373 
VAL CG2 HG23 sing N N 374 
VAL OXT HXT  sing N N 375 
# 
loop_
_pdbx_entity_nonpoly.entity_id 
_pdbx_entity_nonpoly.name 
_pdbx_entity_nonpoly.comp_id 
3 'ZINC ION' ZN  
4 water      HOH 
# 
loop_
_pdbx_initial_refinement_model.id 
_pdbx_initial_refinement_model.entity_id_list 
_pdbx_initial_refinement_model.type 
_pdbx_initial_refinement_model.source_name 
_pdbx_initial_refinement_model.accession_code 
_pdbx_initial_refinement_model.details 
1 ? 'experimental model' PDB 3EWG '3EWG, 1RYQ, 1NPP' 
2 ? 'experimental model' PDB 1RYQ '3EWG, 1RYQ, 1NPP' 
3 ? 'experimental model' PDB 1NPP '3EWG, 1RYQ, 1NPP' 
# 
